data_4QHK
#
_entry.id   4QHK
#
_cell.length_a   78.691
_cell.length_b   71.148
_cell.length_c   184.402
_cell.angle_alpha   90.000
_cell.angle_beta   93.810
_cell.angle_gamma   90.000
#
_symmetry.space_group_name_H-M   'P 1 21 1'
#
loop_
_entity.id
_entity.type
_entity.pdbx_description
1 polymer 'UCA heavy chain'
2 polymer 'UCA light chain'
#
loop_
_entity_poly.entity_id
_entity_poly.type
_entity_poly.pdbx_seq_one_letter_code
_entity_poly.pdbx_strand_id
1 'polypeptide(L)'
;QVQLQESGPGLVKPSETLSLTCTVSGGSISSYYWSWIRQPPGKGLEWIGYIYYSGSTNYNPSLKSRVTISVDTSKNQFSL
KLSSVTAADTAVYYCASLPRGQLVNAYFDYWGQGTLVTVSSASTKGPSVFPLAPSSKSTSGGTAALGCLVKDYFPEPVTV
SWNSGALTSGVHTFPAVLQSSGLYSLSSVVTVPSSSLGTQTYICNVNHKPSNTKVDKRVEPKSCDKHHHHHH
;
M,I,O,K
2 'polypeptide(L)'
;SYELTQPPSVSVSPGQTASITCSGDKLGDKYACWYQQKPGQSPVLVIYQDSKRPSGIPERFSGSNSGNTATLTISGTQAM
DEADYYCQAWDSFSTFVFGTGTKVTVLGQPKAAPSVTLFPPSSEELQANKATLVCLISDFYPGAVTVAWKADSSPVKAGV
ETTTPSKQSNNKYAASSYLSLTPEQWKSHRSYSCQVTHEGSTVEKTVAPTECS
;
N,J,L,P
#
# COMPACT_ATOMS: atom_id res chain seq x y z
N VAL A 2 -1.43 -1.35 19.83
CA VAL A 2 -2.65 -2.08 19.51
C VAL A 2 -2.31 -3.49 19.03
N GLN A 3 -3.06 -4.48 19.51
CA GLN A 3 -2.86 -5.87 19.10
C GLN A 3 -3.81 -6.28 17.98
N LEU A 4 -3.24 -6.93 16.97
CA LEU A 4 -4.02 -7.50 15.87
C LEU A 4 -3.79 -9.00 15.77
N GLN A 5 -4.85 -9.77 15.56
CA GLN A 5 -4.68 -11.21 15.39
C GLN A 5 -5.52 -11.71 14.22
N GLU A 6 -4.88 -12.37 13.27
CA GLU A 6 -5.56 -12.93 12.10
C GLU A 6 -5.84 -14.42 12.26
N SER A 7 -7.04 -14.83 11.85
CA SER A 7 -7.44 -16.22 11.87
C SER A 7 -8.23 -16.54 10.60
N GLY A 8 -8.17 -17.81 10.20
CA GLY A 8 -8.78 -18.25 8.95
C GLY A 8 -8.26 -19.62 8.59
N PRO A 9 -8.56 -20.09 7.37
CA PRO A 9 -8.14 -21.43 6.99
C PRO A 9 -6.67 -21.47 6.57
N GLY A 10 -6.03 -22.62 6.76
CA GLY A 10 -4.65 -22.79 6.32
C GLY A 10 -4.61 -23.28 4.89
N LEU A 11 -5.66 -23.98 4.48
CA LEU A 11 -5.76 -24.54 3.14
C LEU A 11 -7.07 -24.19 2.44
N VAL A 12 -6.98 -23.71 1.21
CA VAL A 12 -8.15 -23.46 0.37
C VAL A 12 -7.94 -24.04 -1.02
N LYS A 13 -8.77 -25.00 -1.44
CA LYS A 13 -8.62 -25.57 -2.78
C LYS A 13 -8.95 -24.49 -3.82
N PRO A 14 -8.42 -24.61 -5.05
CA PRO A 14 -8.59 -23.55 -6.07
C PRO A 14 -10.02 -23.22 -6.47
N SER A 15 -10.19 -22.02 -7.03
CA SER A 15 -11.46 -21.46 -7.52
C SER A 15 -12.56 -21.31 -6.47
N GLU A 16 -12.29 -21.68 -5.23
CA GLU A 16 -13.26 -21.44 -4.15
C GLU A 16 -13.16 -20.02 -3.62
N THR A 17 -13.52 -19.85 -2.36
CA THR A 17 -13.54 -18.51 -1.77
C THR A 17 -12.73 -18.45 -0.49
N LEU A 18 -11.55 -17.83 -0.57
CA LEU A 18 -10.71 -17.62 0.60
C LEU A 18 -11.44 -16.70 1.57
N SER A 19 -11.52 -17.10 2.83
CA SER A 19 -12.22 -16.30 3.83
C SER A 19 -11.31 -16.07 5.02
N LEU A 20 -10.97 -14.81 5.27
CA LEU A 20 -10.06 -14.49 6.37
C LEU A 20 -10.74 -13.54 7.34
N THR A 21 -10.30 -13.55 8.60
CA THR A 21 -10.83 -12.59 9.57
C THR A 21 -9.71 -12.07 10.46
N CYS A 22 -9.73 -10.76 10.68
CA CYS A 22 -8.77 -10.12 11.57
C CYS A 22 -9.53 -9.53 12.74
N THR A 23 -8.86 -9.51 13.90
CA THR A 23 -9.48 -9.11 15.15
C THR A 23 -8.57 -8.10 15.84
N VAL A 24 -9.14 -6.98 16.24
CA VAL A 24 -8.37 -5.86 16.77
C VAL A 24 -8.63 -5.61 18.25
N SER A 25 -7.63 -5.06 18.95
CA SER A 25 -7.77 -4.78 20.37
C SER A 25 -7.49 -3.32 20.68
N GLY A 26 -8.51 -2.59 21.12
CA GLY A 26 -8.35 -1.18 21.43
C GLY A 26 -8.02 -0.34 20.22
N GLY A 27 -7.19 0.68 20.42
CA GLY A 27 -6.80 1.58 19.34
C GLY A 27 -7.07 3.05 19.60
N SER A 28 -8.33 3.47 19.52
CA SER A 28 -9.45 2.56 19.32
C SER A 28 -10.02 2.60 17.90
N ILE A 29 -11.08 1.85 17.68
CA ILE A 29 -11.79 1.81 16.41
C ILE A 29 -12.18 3.23 15.97
N SER A 30 -12.22 3.44 14.65
CA SER A 30 -12.45 4.74 14.00
C SER A 30 -11.34 5.75 14.30
N SER A 31 -10.19 5.25 14.72
CA SER A 31 -8.96 6.01 14.72
C SER A 31 -8.08 5.50 13.57
N TYR A 32 -8.45 4.32 13.06
CA TYR A 32 -7.67 3.68 12.00
C TYR A 32 -8.47 3.10 10.84
N TYR A 33 -8.00 3.35 9.62
CA TYR A 33 -8.37 2.53 8.48
C TYR A 33 -7.78 1.14 8.69
N TRP A 34 -8.48 0.10 8.22
CA TRP A 34 -8.05 -1.28 8.42
C TRP A 34 -7.75 -1.96 7.09
N SER A 35 -6.49 -2.29 6.86
CA SER A 35 -6.08 -2.80 5.56
C SER A 35 -5.60 -4.24 5.63
N TRP A 36 -5.48 -4.87 4.47
CA TRP A 36 -4.93 -6.22 4.39
C TRP A 36 -3.75 -6.18 3.42
N ILE A 37 -2.69 -6.88 3.78
CA ILE A 37 -1.51 -6.95 2.93
C ILE A 37 -1.06 -8.40 2.81
N ARG A 38 -0.58 -8.82 1.64
CA ARG A 38 -0.12 -10.19 1.50
C ARG A 38 1.32 -10.28 1.01
N GLN A 39 1.96 -11.40 1.33
CA GLN A 39 3.37 -11.61 1.02
C GLN A 39 3.60 -13.06 0.67
N PRO A 40 3.69 -13.38 -0.63
CA PRO A 40 3.99 -14.73 -1.09
C PRO A 40 5.24 -15.30 -0.42
N PRO A 41 5.31 -16.63 -0.27
CA PRO A 41 6.42 -17.20 0.50
C PRO A 41 7.75 -17.05 -0.22
N GLY A 42 7.74 -17.24 -1.53
CA GLY A 42 8.91 -17.00 -2.37
C GLY A 42 9.60 -15.69 -2.04
N LYS A 43 8.97 -14.59 -2.44
CA LYS A 43 9.34 -13.24 -2.03
C LYS A 43 8.45 -12.22 -2.71
N GLY A 44 8.13 -11.14 -1.99
CA GLY A 44 7.37 -10.04 -2.54
C GLY A 44 6.27 -9.57 -1.63
N LEU A 45 6.01 -8.26 -1.62
CA LEU A 45 4.97 -7.70 -0.77
C LEU A 45 3.99 -6.89 -1.62
N GLU A 46 2.69 -7.12 -1.42
CA GLU A 46 1.67 -6.43 -2.22
C GLU A 46 0.45 -6.04 -1.40
N TRP A 47 -0.16 -4.91 -1.75
CA TRP A 47 -1.32 -4.40 -1.03
C TRP A 47 -2.60 -4.69 -1.82
N ILE A 48 -3.66 -5.06 -1.10
CA ILE A 48 -4.91 -5.45 -1.76
C ILE A 48 -6.05 -4.45 -1.48
N GLY A 49 -6.28 -4.09 -0.22
CA GLY A 49 -7.34 -3.14 0.09
C GLY A 49 -7.49 -2.72 1.55
N TYR A 50 -8.23 -1.63 1.77
CA TYR A 50 -8.54 -1.17 3.12
C TYR A 50 -10.01 -0.80 3.28
N ILE A 51 -10.45 -0.79 4.53
CA ILE A 51 -11.86 -0.55 4.86
C ILE A 51 -11.95 0.35 6.09
N TYR A 52 -13.07 1.06 6.22
CA TYR A 52 -13.33 1.92 7.38
C TYR A 52 -14.70 1.52 7.93
N TYR A 53 -14.89 1.73 9.22
CA TYR A 53 -16.11 1.30 9.91
C TYR A 53 -17.41 1.83 9.30
N SER A 54 -17.32 2.94 8.57
CA SER A 54 -18.48 3.48 7.86
C SER A 54 -18.97 2.51 6.77
N GLY A 55 -18.12 1.58 6.38
CA GLY A 55 -18.41 0.67 5.29
C GLY A 55 -17.65 0.98 4.02
N SER A 56 -17.24 2.25 3.86
CA SER A 56 -16.48 2.69 2.69
C SER A 56 -15.19 1.89 2.51
N THR A 57 -14.90 1.49 1.27
CA THR A 57 -13.75 0.63 0.99
C THR A 57 -12.84 1.19 -0.10
N ASN A 58 -11.68 0.58 -0.27
CA ASN A 58 -10.82 0.86 -1.41
C ASN A 58 -9.87 -0.32 -1.68
N TYR A 59 -9.98 -0.91 -2.86
CA TYR A 59 -9.24 -2.11 -3.20
C TYR A 59 -8.13 -1.86 -4.22
N ASN A 60 -7.23 -2.84 -4.35
CA ASN A 60 -6.23 -2.84 -5.42
C ASN A 60 -6.98 -3.05 -6.74
N PRO A 61 -6.71 -2.17 -7.73
CA PRO A 61 -7.48 -2.13 -8.99
C PRO A 61 -7.46 -3.44 -9.76
N SER A 62 -6.28 -4.05 -9.84
CA SER A 62 -6.11 -5.33 -10.53
C SER A 62 -6.86 -6.45 -9.82
N LEU A 63 -7.23 -6.21 -8.57
CA LEU A 63 -7.92 -7.20 -7.77
C LEU A 63 -9.34 -6.75 -7.38
N LYS A 64 -9.86 -5.71 -8.02
CA LYS A 64 -11.26 -5.35 -7.85
C LYS A 64 -12.11 -6.40 -8.57
N SER A 65 -13.42 -6.38 -8.34
CA SER A 65 -14.32 -7.39 -8.90
C SER A 65 -13.84 -8.79 -8.51
N ARG A 66 -13.24 -8.89 -7.33
CA ARG A 66 -12.50 -10.07 -6.93
C ARG A 66 -12.39 -10.12 -5.40
N VAL A 67 -11.79 -9.08 -4.83
CA VAL A 67 -11.63 -8.99 -3.38
C VAL A 67 -12.84 -8.28 -2.78
N THR A 68 -13.23 -8.67 -1.58
CA THR A 68 -14.34 -8.02 -0.87
C THR A 68 -14.07 -8.00 0.62
N ILE A 69 -14.03 -6.81 1.19
CA ILE A 69 -13.71 -6.63 2.61
C ILE A 69 -14.94 -6.17 3.38
N SER A 70 -15.27 -6.89 4.45
CA SER A 70 -16.41 -6.57 5.29
C SER A 70 -15.94 -6.19 6.69
N VAL A 71 -16.84 -5.67 7.52
CA VAL A 71 -16.47 -5.22 8.85
C VAL A 71 -17.62 -5.34 9.85
N ASP A 72 -17.29 -5.74 11.08
CA ASP A 72 -18.23 -5.76 12.19
C ASP A 72 -17.62 -5.02 13.38
N THR A 73 -18.20 -3.86 13.69
CA THR A 73 -17.72 -2.98 14.75
C THR A 73 -18.33 -3.29 16.11
N SER A 74 -19.06 -4.40 16.20
CA SER A 74 -19.67 -4.82 17.46
C SER A 74 -18.84 -5.91 18.12
N LYS A 75 -18.08 -6.64 17.31
CA LYS A 75 -17.19 -7.68 17.80
C LYS A 75 -15.74 -7.35 17.50
N ASN A 76 -15.49 -6.09 17.14
CA ASN A 76 -14.16 -5.61 16.80
C ASN A 76 -13.40 -6.49 15.81
N GLN A 77 -14.01 -6.77 14.65
CA GLN A 77 -13.32 -7.61 13.67
C GLN A 77 -13.72 -7.23 12.25
N PHE A 78 -12.95 -7.71 11.28
CA PHE A 78 -13.27 -7.47 9.87
C PHE A 78 -12.74 -8.58 8.99
N SER A 79 -13.31 -8.77 7.81
CA SER A 79 -13.07 -10.00 7.07
C SER A 79 -12.79 -9.79 5.59
N LEU A 80 -12.30 -10.83 4.93
CA LEU A 80 -11.88 -10.77 3.53
C LEU A 80 -12.39 -12.02 2.80
N LYS A 81 -12.77 -11.85 1.54
CA LYS A 81 -13.25 -12.96 0.73
C LYS A 81 -12.70 -12.89 -0.71
N LEU A 82 -12.13 -13.99 -1.24
CA LEU A 82 -11.75 -14.03 -2.67
C LEU A 82 -11.23 -15.37 -3.21
N SER A 83 -11.77 -15.80 -4.36
CA SER A 83 -13.02 -15.27 -4.89
C SER A 83 -13.97 -16.42 -5.31
N SER A 84 -13.65 -17.44 -6.12
CA SER A 84 -12.55 -17.75 -7.08
C SER A 84 -11.06 -17.48 -6.81
N VAL A 85 -10.50 -18.03 -5.73
CA VAL A 85 -9.06 -17.98 -5.53
C VAL A 85 -8.33 -18.88 -6.55
N THR A 86 -7.22 -18.40 -7.12
CA THR A 86 -6.45 -19.22 -8.06
C THR A 86 -5.27 -19.88 -7.35
N ALA A 87 -4.42 -20.57 -8.11
CA ALA A 87 -3.30 -21.33 -7.54
C ALA A 87 -2.11 -20.45 -7.17
N ALA A 88 -2.10 -19.21 -7.65
CA ALA A 88 -0.97 -18.33 -7.44
C ALA A 88 -1.31 -17.19 -6.49
N ASP A 89 -2.19 -17.47 -5.54
CA ASP A 89 -2.54 -16.51 -4.50
C ASP A 89 -1.96 -16.96 -3.16
N THR A 90 -1.19 -18.05 -3.20
CA THR A 90 -0.52 -18.56 -2.01
C THR A 90 0.38 -17.49 -1.41
N ALA A 91 0.14 -17.14 -0.15
CA ALA A 91 0.87 -16.05 0.50
C ALA A 91 0.60 -16.01 1.99
N VAL A 92 1.39 -15.22 2.70
CA VAL A 92 1.15 -14.94 4.11
C VAL A 92 0.32 -13.68 4.19
N TYR A 93 -0.83 -13.76 4.86
CA TYR A 93 -1.72 -12.62 4.90
C TYR A 93 -1.68 -11.92 6.25
N TYR A 94 -1.53 -10.60 6.19
CA TYR A 94 -1.49 -9.76 7.38
C TYR A 94 -2.65 -8.80 7.40
N CYS A 95 -3.25 -8.61 8.57
CA CYS A 95 -4.12 -7.46 8.80
C CYS A 95 -3.21 -6.35 9.27
N ALA A 96 -3.57 -5.10 8.98
CA ALA A 96 -2.70 -3.98 9.34
C ALA A 96 -3.51 -2.72 9.54
N SER A 97 -2.89 -1.72 10.16
CA SER A 97 -3.59 -0.49 10.49
C SER A 97 -2.99 0.66 9.70
N LEU A 98 -3.82 1.67 9.42
CA LEU A 98 -3.37 2.87 8.73
C LEU A 98 -4.08 4.06 9.39
N PRO A 99 -3.30 5.06 9.84
CA PRO A 99 -3.86 6.20 10.61
C PRO A 99 -5.02 6.94 9.93
N ARG A 100 -5.87 7.56 10.75
CA ARG A 100 -7.06 8.27 10.28
C ARG A 100 -6.65 9.59 9.61
N GLY A 101 -7.63 10.38 9.17
CA GLY A 101 -7.36 11.66 8.53
C GLY A 101 -7.96 11.82 7.13
N GLN A 102 -7.43 11.09 6.14
CA GLN A 102 -6.38 10.11 6.37
C GLN A 102 -5.01 10.76 6.51
N LEU A 103 -3.99 9.92 6.43
CA LEU A 103 -2.63 10.37 6.42
C LEU A 103 -2.14 10.04 5.00
N VAL A 104 -2.30 11.01 4.09
CA VAL A 104 -2.03 10.82 2.66
C VAL A 104 -0.64 10.24 2.43
N ASN A 105 0.29 10.61 3.29
CA ASN A 105 1.57 9.94 3.33
C ASN A 105 1.43 8.63 4.10
N ALA A 106 0.84 7.65 3.43
CA ALA A 106 0.38 6.44 4.06
C ALA A 106 1.51 5.50 4.46
N TYR A 107 1.34 4.88 5.62
CA TYR A 107 2.26 3.89 6.12
C TYR A 107 1.54 2.93 7.05
N PHE A 108 2.02 1.70 7.12
CA PHE A 108 1.34 0.70 7.93
C PHE A 108 2.04 0.46 9.27
N ASP A 109 1.50 1.09 10.30
CA ASP A 109 1.96 0.88 11.66
C ASP A 109 1.10 -0.23 12.26
N TYR A 110 1.76 -1.15 12.97
CA TYR A 110 1.09 -2.26 13.66
C TYR A 110 0.53 -3.27 12.67
N TRP A 111 1.19 -4.42 12.57
CA TRP A 111 0.79 -5.48 11.65
C TRP A 111 0.30 -6.66 12.46
N GLY A 112 -0.26 -7.66 11.78
CA GLY A 112 -0.61 -8.91 12.41
C GLY A 112 0.68 -9.71 12.58
N GLN A 113 0.55 -11.04 12.64
CA GLN A 113 1.73 -11.89 12.72
C GLN A 113 1.80 -12.72 11.44
N GLY A 114 0.69 -12.76 10.72
CA GLY A 114 0.61 -13.35 9.40
C GLY A 114 0.02 -14.75 9.46
N THR A 115 -0.88 -15.05 8.52
CA THR A 115 -1.42 -16.40 8.40
C THR A 115 -1.16 -16.93 6.98
N LEU A 116 -0.45 -18.05 6.89
CA LEU A 116 -0.09 -18.61 5.59
C LEU A 116 -1.23 -19.42 5.00
N VAL A 117 -1.74 -18.96 3.86
CA VAL A 117 -2.81 -19.66 3.16
C VAL A 117 -2.27 -20.29 1.89
N THR A 118 -2.30 -21.62 1.84
CA THR A 118 -1.84 -22.35 0.66
C THR A 118 -3.04 -22.79 -0.16
N VAL A 119 -2.92 -22.68 -1.49
CA VAL A 119 -4.00 -23.11 -2.38
C VAL A 119 -3.50 -24.23 -3.29
N SER A 120 -4.22 -25.35 -3.28
CA SER A 120 -3.79 -26.54 -4.01
C SER A 120 -4.95 -27.52 -4.16
N SER A 121 -4.98 -28.23 -5.28
CA SER A 121 -5.98 -29.26 -5.51
C SER A 121 -5.77 -30.44 -4.56
N ALA A 122 -4.56 -30.52 -4.02
CA ALA A 122 -4.22 -31.56 -3.04
C ALA A 122 -5.00 -31.37 -1.75
N SER A 123 -4.99 -32.40 -0.90
CA SER A 123 -5.71 -32.34 0.37
C SER A 123 -4.78 -32.11 1.56
N THR A 124 -5.36 -31.82 2.71
CA THR A 124 -4.60 -31.60 3.95
C THR A 124 -4.16 -32.93 4.54
N LYS A 125 -3.10 -32.91 5.36
CA LYS A 125 -2.65 -34.13 6.03
C LYS A 125 -2.08 -33.90 7.43
N GLY A 126 -2.65 -34.61 8.41
CA GLY A 126 -2.15 -34.58 9.77
C GLY A 126 -0.75 -35.15 9.87
N PRO A 127 0.00 -34.74 10.90
CA PRO A 127 1.41 -35.13 11.03
C PRO A 127 1.63 -36.50 11.69
N SER A 128 2.75 -37.11 11.36
CA SER A 128 3.21 -38.28 12.10
C SER A 128 4.44 -37.86 12.88
N VAL A 129 4.33 -37.79 14.20
CA VAL A 129 5.41 -37.25 15.03
C VAL A 129 6.11 -38.33 15.83
N PHE A 130 7.43 -38.39 15.70
CA PHE A 130 8.21 -39.43 16.37
C PHE A 130 9.33 -38.81 17.21
N PRO A 131 9.74 -39.51 18.29
CA PRO A 131 10.71 -38.94 19.24
C PRO A 131 12.17 -39.12 18.83
N LEU A 132 12.94 -38.03 18.81
CA LEU A 132 14.38 -38.14 18.70
C LEU A 132 14.96 -38.22 20.11
N ALA A 133 14.93 -39.44 20.65
CA ALA A 133 15.39 -39.71 22.01
C ALA A 133 16.90 -39.50 22.12
N PRO A 134 17.34 -38.96 23.26
CA PRO A 134 18.77 -38.70 23.49
C PRO A 134 19.50 -39.93 24.00
N SER A 135 20.73 -39.71 24.47
CA SER A 135 21.51 -40.68 25.25
C SER A 135 22.04 -41.87 24.44
N SER A 136 23.33 -42.23 24.61
CA SER A 136 24.38 -41.39 25.19
C SER A 136 25.76 -41.90 24.72
N GLY A 142 27.84 -33.60 28.64
CA GLY A 142 27.28 -33.24 29.92
C GLY A 142 25.93 -32.61 29.64
N THR A 143 25.75 -32.18 28.39
CA THR A 143 24.48 -31.71 27.90
C THR A 143 24.01 -32.67 26.82
N ALA A 144 22.81 -33.20 26.98
CA ALA A 144 22.23 -34.11 25.99
C ALA A 144 21.25 -33.33 25.14
N ALA A 145 20.95 -33.88 23.96
CA ALA A 145 20.00 -33.23 23.08
C ALA A 145 18.88 -34.20 22.70
N LEU A 146 17.65 -33.72 22.77
CA LEU A 146 16.50 -34.55 22.45
C LEU A 146 15.49 -33.73 21.66
N GLY A 147 14.67 -34.39 20.85
CA GLY A 147 13.77 -33.63 20.00
C GLY A 147 12.49 -34.30 19.52
N CYS A 148 11.72 -33.55 18.74
CA CYS A 148 10.48 -34.06 18.15
C CYS A 148 10.53 -33.94 16.62
N LEU A 149 10.30 -35.05 15.94
CA LEU A 149 10.27 -35.07 14.49
C LEU A 149 8.84 -35.06 13.98
N VAL A 150 8.39 -33.90 13.51
CA VAL A 150 7.07 -33.77 12.93
C VAL A 150 7.19 -34.10 11.45
N LYS A 151 6.70 -35.27 11.03
CA LYS A 151 7.04 -35.75 9.70
C LYS A 151 5.79 -35.99 8.87
N ASP A 152 5.88 -35.67 7.58
CA ASP A 152 4.80 -35.87 6.62
C ASP A 152 3.50 -35.21 7.07
N TYR A 153 3.39 -33.91 6.81
CA TYR A 153 2.18 -33.17 7.15
C TYR A 153 1.90 -32.16 6.06
N PHE A 154 0.71 -31.55 6.09
CA PHE A 154 0.34 -30.55 5.11
C PHE A 154 -0.89 -29.78 5.56
N PRO A 155 -0.88 -28.45 5.39
CA PRO A 155 0.26 -27.69 4.88
C PRO A 155 1.02 -26.98 5.99
N GLU A 156 1.99 -26.15 5.61
CA GLU A 156 2.66 -25.29 6.57
C GLU A 156 1.62 -24.31 7.10
N PRO A 157 1.80 -23.82 8.35
CA PRO A 157 2.90 -24.14 9.26
C PRO A 157 2.47 -25.06 10.40
N VAL A 158 3.44 -25.50 11.20
CA VAL A 158 3.17 -26.23 12.43
C VAL A 158 3.94 -25.58 13.57
N THR A 159 3.31 -25.44 14.73
CA THR A 159 3.97 -24.82 15.87
C THR A 159 4.44 -25.90 16.84
N VAL A 160 5.67 -25.78 17.30
CA VAL A 160 6.21 -26.74 18.24
C VAL A 160 6.68 -26.02 19.49
N SER A 161 6.12 -26.40 20.63
CA SER A 161 6.53 -25.87 21.92
C SER A 161 7.02 -27.02 22.78
N TRP A 162 7.42 -26.73 24.01
CA TRP A 162 7.91 -27.78 24.90
C TRP A 162 7.38 -27.57 26.31
N ASN A 163 6.76 -28.61 26.86
CA ASN A 163 6.15 -28.56 28.18
C ASN A 163 5.20 -27.36 28.32
N SER A 164 4.32 -27.21 27.32
CA SER A 164 3.36 -26.11 27.28
C SER A 164 4.03 -24.74 27.29
N GLY A 165 5.10 -24.61 26.51
CA GLY A 165 5.80 -23.33 26.38
C GLY A 165 6.66 -22.98 27.57
N ALA A 166 6.92 -23.97 28.43
CA ALA A 166 7.79 -23.77 29.58
C ALA A 166 9.25 -23.71 29.16
N LEU A 167 9.57 -24.40 28.08
CA LEU A 167 10.95 -24.45 27.58
C LEU A 167 11.18 -23.46 26.44
N THR A 168 11.86 -22.36 26.76
CA THR A 168 12.24 -21.38 25.76
C THR A 168 13.77 -21.43 25.61
N SER A 169 14.42 -22.00 26.63
CA SER A 169 15.87 -22.09 26.65
C SER A 169 16.39 -23.38 26.02
N GLY A 170 17.42 -23.25 25.19
CA GLY A 170 18.06 -24.39 24.55
C GLY A 170 17.23 -25.04 23.47
N VAL A 171 16.11 -24.41 23.12
CA VAL A 171 15.20 -24.95 22.11
C VAL A 171 15.41 -24.30 20.74
N HIS A 172 15.34 -25.11 19.68
CA HIS A 172 15.31 -24.59 18.32
C HIS A 172 14.36 -25.41 17.48
N THR A 173 13.53 -24.72 16.70
CA THR A 173 12.64 -25.38 15.76
C THR A 173 13.09 -25.06 14.35
N PHE A 174 13.22 -26.08 13.51
CA PHE A 174 13.81 -25.93 12.20
C PHE A 174 12.74 -25.72 11.12
N PRO A 175 13.12 -25.14 9.98
CA PRO A 175 12.17 -24.99 8.86
C PRO A 175 11.80 -26.34 8.26
N ALA A 176 10.68 -26.41 7.56
CA ALA A 176 10.23 -27.68 7.00
C ALA A 176 10.98 -27.99 5.72
N VAL A 177 10.83 -29.21 5.22
CA VAL A 177 11.45 -29.58 3.95
C VAL A 177 10.43 -30.23 3.02
N LEU A 178 10.39 -29.76 1.78
CA LEU A 178 9.47 -30.34 0.81
C LEU A 178 10.11 -31.58 0.19
N GLN A 179 9.73 -32.75 0.70
CA GLN A 179 10.26 -34.02 0.22
C GLN A 179 9.50 -34.53 -1.00
N SER A 180 10.08 -35.50 -1.68
CA SER A 180 9.56 -36.05 -2.93
C SER A 180 8.05 -36.31 -2.93
N SER A 181 7.49 -36.64 -1.77
CA SER A 181 6.06 -36.87 -1.64
C SER A 181 5.24 -35.64 -2.02
N GLY A 182 5.82 -34.46 -1.80
CA GLY A 182 5.15 -33.21 -2.07
C GLY A 182 4.55 -32.69 -0.78
N LEU A 183 4.90 -33.34 0.32
CA LEU A 183 4.44 -32.93 1.64
C LEU A 183 5.57 -32.29 2.43
N TYR A 184 5.27 -31.85 3.64
CA TYR A 184 6.28 -31.16 4.45
C TYR A 184 6.71 -31.99 5.66
N SER A 185 7.88 -31.67 6.19
CA SER A 185 8.41 -32.35 7.37
C SER A 185 9.47 -31.47 8.03
N LEU A 186 9.50 -31.45 9.36
CA LEU A 186 10.51 -30.71 10.10
C LEU A 186 10.79 -31.34 11.45
N SER A 187 11.81 -30.84 12.14
CA SER A 187 12.18 -31.36 13.45
C SER A 187 12.62 -30.24 14.39
N SER A 188 12.26 -30.39 15.67
CA SER A 188 12.68 -29.43 16.68
C SER A 188 13.59 -30.15 17.68
N VAL A 189 14.53 -29.41 18.27
CA VAL A 189 15.52 -29.99 19.17
C VAL A 189 15.71 -29.13 20.42
N VAL A 190 16.16 -29.76 21.52
CA VAL A 190 16.44 -29.05 22.76
C VAL A 190 17.71 -29.62 23.42
N THR A 191 18.55 -28.73 23.95
CA THR A 191 19.75 -29.14 24.67
C THR A 191 19.56 -28.91 26.16
N VAL A 192 19.62 -29.99 26.94
CA VAL A 192 19.38 -29.95 28.38
C VAL A 192 20.51 -30.63 29.14
N PRO A 193 20.62 -30.41 30.46
CA PRO A 193 21.67 -31.14 31.17
C PRO A 193 21.47 -32.66 31.11
N SER A 194 22.56 -33.39 30.94
CA SER A 194 22.54 -34.86 30.90
C SER A 194 22.05 -35.48 32.20
N SER A 195 22.78 -35.19 33.29
CA SER A 195 22.45 -35.62 34.65
C SER A 195 20.96 -35.74 34.94
N SER A 196 20.24 -34.70 34.55
CA SER A 196 18.79 -34.60 34.73
C SER A 196 17.99 -35.79 34.17
N LEU A 197 18.38 -36.28 32.99
CA LEU A 197 17.71 -37.40 32.32
C LEU A 197 17.39 -38.60 33.22
N GLY A 198 16.17 -39.12 33.11
CA GLY A 198 15.70 -40.21 33.94
C GLY A 198 14.87 -39.70 35.11
N THR A 199 15.32 -38.60 35.69
CA THR A 199 14.61 -37.94 36.78
C THR A 199 13.61 -36.92 36.25
N GLN A 200 13.50 -36.80 34.93
CA GLN A 200 12.71 -35.72 34.32
C GLN A 200 11.89 -36.14 33.09
N THR A 201 10.78 -35.42 32.87
CA THR A 201 9.90 -35.66 31.73
C THR A 201 9.96 -34.56 30.67
N TYR A 202 10.03 -34.96 29.40
CA TYR A 202 10.09 -34.01 28.29
C TYR A 202 8.97 -34.23 27.27
N ILE A 203 8.30 -33.16 26.90
CA ILE A 203 7.13 -33.24 26.03
C ILE A 203 7.17 -32.18 24.94
N CYS A 204 7.08 -32.63 23.68
CA CYS A 204 7.01 -31.69 22.58
C CYS A 204 5.53 -31.50 22.23
N ASN A 205 5.10 -30.24 22.20
CA ASN A 205 3.71 -29.92 21.93
C ASN A 205 3.56 -29.43 20.50
N VAL A 206 3.01 -30.28 19.63
CA VAL A 206 2.86 -29.97 18.22
C VAL A 206 1.43 -29.52 17.91
N ASN A 207 1.31 -28.42 17.17
CA ASN A 207 0.02 -27.84 16.87
C ASN A 207 -0.07 -27.56 15.37
N HIS A 208 -0.96 -28.30 14.71
CA HIS A 208 -1.18 -28.18 13.27
C HIS A 208 -2.62 -27.75 13.05
N LYS A 209 -2.84 -26.46 12.81
CA LYS A 209 -4.18 -25.88 12.72
C LYS A 209 -5.03 -26.25 11.50
N PRO A 210 -4.45 -26.28 10.29
CA PRO A 210 -5.33 -26.51 9.13
C PRO A 210 -6.01 -27.88 9.15
N SER A 211 -5.47 -28.82 9.94
CA SER A 211 -6.08 -30.12 10.09
C SER A 211 -6.64 -30.27 11.51
N ASN A 212 -6.60 -29.17 12.25
CA ASN A 212 -7.16 -29.06 13.59
C ASN A 212 -6.61 -30.07 14.62
N THR A 213 -5.58 -30.81 14.24
CA THR A 213 -4.97 -31.79 15.13
C THR A 213 -3.94 -31.17 16.09
N LYS A 214 -3.80 -31.77 17.26
CA LYS A 214 -2.86 -31.27 18.27
C LYS A 214 -2.24 -32.44 19.03
N VAL A 215 -0.94 -32.65 18.82
CA VAL A 215 -0.24 -33.78 19.43
C VAL A 215 0.68 -33.30 20.55
N ASP A 216 1.04 -34.21 21.46
CA ASP A 216 1.97 -33.88 22.54
C ASP A 216 2.89 -35.06 22.87
N LYS A 217 3.92 -35.25 22.06
CA LYS A 217 4.76 -36.45 22.17
C LYS A 217 5.65 -36.42 23.41
N ARG A 218 6.00 -37.60 23.92
CA ARG A 218 6.79 -37.74 25.14
C ARG A 218 8.14 -38.39 24.86
N VAL A 219 9.22 -37.67 25.17
CA VAL A 219 10.59 -38.13 24.88
C VAL A 219 11.35 -38.62 26.12
N GLU A 220 11.79 -39.88 26.09
CA GLU A 220 12.56 -40.48 27.18
C GLU A 220 13.73 -41.26 26.57
N PRO A 221 14.92 -41.18 27.20
CA PRO A 221 16.15 -41.82 26.70
C PRO A 221 16.03 -43.33 26.41
N LYS A 222 16.95 -43.84 25.59
CA LYS A 222 16.92 -45.22 25.13
C LYS A 222 17.25 -46.21 26.26
N VAL B 2 13.99 27.28 34.82
CA VAL B 2 15.04 28.28 34.75
C VAL B 2 14.51 29.63 34.30
N GLN B 3 14.98 30.68 34.96
CA GLN B 3 14.62 32.05 34.61
C GLN B 3 15.65 32.55 33.63
N LEU B 4 15.19 33.18 32.55
CA LEU B 4 16.08 33.75 31.55
C LEU B 4 15.88 35.26 31.50
N GLN B 5 16.98 35.99 31.43
CA GLN B 5 16.86 37.44 31.34
C GLN B 5 17.73 38.00 30.24
N GLU B 6 17.08 38.75 29.35
CA GLU B 6 17.76 39.42 28.26
C GLU B 6 17.97 40.86 28.67
N SER B 7 19.15 41.38 28.41
CA SER B 7 19.46 42.76 28.70
C SER B 7 20.27 43.36 27.56
N GLY B 8 20.13 44.66 27.37
CA GLY B 8 20.76 45.35 26.27
C GLY B 8 20.09 46.69 26.10
N PRO B 9 20.39 47.39 24.99
CA PRO B 9 19.85 48.74 24.78
C PRO B 9 18.41 48.74 24.28
N GLY B 10 17.69 49.81 24.57
CA GLY B 10 16.33 49.97 24.08
C GLY B 10 16.36 50.64 22.72
N LEU B 11 17.42 51.41 22.49
CA LEU B 11 17.61 52.12 21.24
C LEU B 11 19.00 51.83 20.68
N VAL B 12 19.05 51.50 19.39
CA VAL B 12 20.31 51.30 18.69
C VAL B 12 20.28 52.13 17.42
N LYS B 13 21.25 53.04 17.27
CA LYS B 13 21.29 53.92 16.10
C LYS B 13 21.50 53.09 14.85
N PRO B 14 21.02 53.58 13.70
CA PRO B 14 21.13 52.80 12.45
C PRO B 14 22.58 52.59 12.06
N SER B 15 22.84 51.54 11.28
CA SER B 15 24.18 51.20 10.81
C SER B 15 25.18 50.91 11.93
N GLU B 16 24.76 51.00 13.20
CA GLU B 16 25.63 50.62 14.31
C GLU B 16 25.56 49.10 14.54
N THR B 17 25.86 48.65 15.75
CA THR B 17 25.88 47.22 16.02
C THR B 17 25.07 46.89 17.25
N LEU B 18 23.89 46.29 17.06
CA LEU B 18 23.05 45.86 18.16
C LEU B 18 23.80 44.84 18.99
N SER B 19 23.84 45.05 20.30
CA SER B 19 24.55 44.15 21.21
C SER B 19 23.66 43.72 22.36
N LEU B 20 23.39 42.42 22.46
CA LEU B 20 22.51 41.90 23.51
C LEU B 20 23.22 40.85 24.36
N THR B 21 22.74 40.65 25.58
CA THR B 21 23.26 39.59 26.45
C THR B 21 22.12 38.87 27.16
N CYS B 22 22.15 37.55 27.17
CA CYS B 22 21.16 36.77 27.90
C CYS B 22 21.83 35.99 29.01
N THR B 23 21.09 35.81 30.09
CA THR B 23 21.61 35.21 31.31
C THR B 23 20.63 34.15 31.82
N VAL B 24 21.17 32.99 32.18
CA VAL B 24 20.35 31.83 32.56
C VAL B 24 20.50 31.56 34.06
N SER B 25 19.47 30.95 34.64
CA SER B 25 19.48 30.66 36.08
C SER B 25 19.30 29.17 36.32
N GLY B 26 20.36 28.54 36.82
CA GLY B 26 20.37 27.10 37.02
C GLY B 26 20.24 26.49 35.65
N GLY B 27 19.61 25.31 35.56
CA GLY B 27 19.44 24.67 34.28
C GLY B 27 20.04 23.28 34.14
N SER B 28 21.37 23.20 34.00
CA SER B 28 22.25 24.36 34.14
C SER B 28 22.68 24.90 32.78
N ILE B 29 23.62 25.85 32.79
CA ILE B 29 24.09 26.49 31.56
C ILE B 29 24.48 25.47 30.50
N SER B 30 24.14 25.79 29.24
CA SER B 30 24.38 24.95 28.07
C SER B 30 23.83 23.52 28.20
N SER B 31 22.85 23.30 29.08
CA SER B 31 22.11 22.03 29.09
C SER B 31 21.19 22.02 27.87
N TYR B 32 21.05 23.21 27.29
CA TYR B 32 20.20 23.43 26.14
C TYR B 32 21.03 24.24 25.15
N TYR B 33 20.88 23.96 23.87
CA TYR B 33 21.44 24.83 22.85
C TYR B 33 20.83 26.21 23.07
N TRP B 34 21.57 27.27 22.79
CA TRP B 34 21.03 28.59 23.09
C TRP B 34 20.83 29.44 21.86
N SER B 35 19.57 29.73 21.57
CA SER B 35 19.23 30.41 20.32
C SER B 35 18.64 31.78 20.61
N TRP B 36 18.52 32.57 19.54
CA TRP B 36 17.88 33.87 19.63
C TRP B 36 16.76 33.97 18.61
N ILE B 37 15.67 34.58 19.04
CA ILE B 37 14.49 34.74 18.20
C ILE B 37 14.04 36.18 18.27
N ARG B 38 13.59 36.75 17.16
CA ARG B 38 13.10 38.12 17.20
C ARG B 38 11.68 38.19 16.67
N GLN B 39 10.94 39.19 17.14
CA GLN B 39 9.53 39.34 16.79
C GLN B 39 9.19 40.82 16.70
N PRO B 40 9.12 41.35 15.47
CA PRO B 40 8.74 42.74 15.22
C PRO B 40 7.47 43.13 15.98
N PRO B 41 7.31 44.43 16.29
CA PRO B 41 6.20 44.84 17.15
C PRO B 41 4.85 44.61 16.50
N GLY B 42 4.75 44.82 15.18
CA GLY B 42 3.55 44.49 14.45
C GLY B 42 3.10 43.08 14.83
N LYS B 43 3.77 42.08 14.26
CA LYS B 43 3.73 40.67 14.70
C LYS B 43 4.45 39.78 13.68
N GLY B 44 5.01 38.67 14.17
CA GLY B 44 5.70 37.73 13.30
C GLY B 44 6.95 37.18 13.95
N LEU B 45 7.30 35.94 13.64
CA LEU B 45 8.42 35.29 14.30
C LEU B 45 9.53 34.88 13.34
N GLU B 46 10.78 35.17 13.73
CA GLU B 46 11.95 34.86 12.93
C GLU B 46 13.07 34.35 13.82
N TRP B 47 13.85 33.40 13.31
CA TRP B 47 14.93 32.78 14.06
C TRP B 47 16.26 33.31 13.57
N ILE B 48 17.22 33.49 14.48
CA ILE B 48 18.48 34.12 14.11
C ILE B 48 19.66 33.16 14.10
N GLY B 49 19.89 32.50 15.23
CA GLY B 49 21.00 31.58 15.34
C GLY B 49 21.08 30.95 16.71
N TYR B 50 21.86 29.88 16.81
CA TYR B 50 22.13 29.26 18.10
C TYR B 50 23.60 28.95 18.34
N ILE B 51 23.90 28.72 19.62
CA ILE B 51 25.26 28.54 20.14
C ILE B 51 25.29 27.30 21.03
N TYR B 52 26.48 26.70 21.10
CA TYR B 52 26.74 25.49 21.86
C TYR B 52 27.95 25.79 22.73
N TYR B 53 28.07 25.15 23.89
CA TYR B 53 29.15 25.49 24.83
C TYR B 53 30.52 25.29 24.18
N SER B 54 30.57 24.41 23.19
CA SER B 54 31.77 24.13 22.43
C SER B 54 32.26 25.35 21.65
N GLY B 55 31.38 26.31 21.44
CA GLY B 55 31.69 27.46 20.61
C GLY B 55 31.02 27.33 19.27
N SER B 56 30.71 26.09 18.90
CA SER B 56 30.05 25.78 17.63
C SER B 56 28.75 26.56 17.47
N THR B 57 28.53 27.11 16.28
CA THR B 57 27.39 27.98 16.03
C THR B 57 26.57 27.51 14.84
N ASN B 58 25.39 28.10 14.68
CA ASN B 58 24.64 27.95 13.43
C ASN B 58 23.65 29.07 13.30
N TYR B 59 23.79 29.87 12.25
CA TYR B 59 22.97 31.06 12.11
C TYR B 59 21.93 30.91 11.00
N ASN B 60 20.95 31.81 10.99
CA ASN B 60 20.01 31.92 9.89
C ASN B 60 20.74 32.41 8.64
N PRO B 61 20.56 31.71 7.51
CA PRO B 61 21.25 32.05 6.27
C PRO B 61 20.99 33.49 5.86
N SER B 62 19.76 33.96 6.05
CA SER B 62 19.41 35.34 5.74
C SER B 62 20.13 36.32 6.64
N LEU B 63 20.67 35.83 7.75
CA LEU B 63 21.38 36.68 8.70
C LEU B 63 22.86 36.32 8.85
N LYS B 64 23.40 35.50 7.94
CA LYS B 64 24.85 35.27 7.92
C LYS B 64 25.56 36.53 7.41
N SER B 65 26.88 36.58 7.57
CA SER B 65 27.66 37.77 7.20
C SER B 65 27.08 38.99 7.92
N ARG B 66 26.54 38.76 9.11
CA ARG B 66 25.71 39.73 9.79
C ARG B 66 25.66 39.48 11.30
N VAL B 67 25.17 38.31 11.70
CA VAL B 67 25.08 37.99 13.12
C VAL B 67 26.34 37.28 13.63
N THR B 68 26.66 37.52 14.89
CA THR B 68 27.77 36.83 15.54
C THR B 68 27.40 36.60 17.00
N ILE B 69 27.37 35.34 17.40
CA ILE B 69 26.96 34.95 18.75
C ILE B 69 28.12 34.44 19.59
N SER B 70 28.29 34.99 20.79
CA SER B 70 29.36 34.56 21.66
C SER B 70 28.78 33.95 22.93
N VAL B 71 29.62 33.30 23.73
CA VAL B 71 29.14 32.66 24.96
C VAL B 71 30.26 32.61 26.00
N ASP B 72 29.89 32.83 27.26
CA ASP B 72 30.84 32.70 28.37
C ASP B 72 30.24 31.77 29.43
N THR B 73 30.87 30.60 29.58
CA THR B 73 30.39 29.58 30.51
C THR B 73 30.96 29.78 31.91
N SER B 74 31.61 30.93 32.13
CA SER B 74 32.16 31.23 33.45
C SER B 74 31.19 32.15 34.17
N LYS B 75 30.41 32.88 33.38
CA LYS B 75 29.35 33.72 33.91
C LYS B 75 28.00 33.23 33.39
N ASN B 76 28.00 32.04 32.79
CA ASN B 76 26.83 31.36 32.24
C ASN B 76 25.89 32.29 31.46
N GLN B 77 26.43 32.97 30.46
CA GLN B 77 25.67 33.93 29.68
C GLN B 77 26.11 33.88 28.23
N PHE B 78 25.33 34.50 27.34
CA PHE B 78 25.74 34.51 25.94
C PHE B 78 25.22 35.77 25.22
N SER B 79 25.89 36.17 24.14
CA SER B 79 25.68 37.53 23.59
C SER B 79 25.56 37.57 22.07
N LEU B 80 25.07 38.72 21.58
CA LEU B 80 24.81 38.92 20.16
C LEU B 80 25.24 40.28 19.64
N LYS B 81 25.71 40.30 18.39
CA LYS B 81 26.12 41.54 17.73
C LYS B 81 25.70 41.59 16.26
N LEU B 82 25.07 42.70 15.84
CA LEU B 82 24.77 42.93 14.41
C LEU B 82 24.11 44.30 14.09
N SER B 83 24.62 45.06 13.12
CA SER B 83 25.95 44.87 12.50
C SER B 83 26.80 46.16 12.43
N SER B 84 26.42 47.29 11.81
CA SER B 84 25.38 47.66 10.78
C SER B 84 23.97 47.06 10.83
N VAL B 85 23.27 47.31 11.94
CA VAL B 85 21.83 47.08 12.06
C VAL B 85 21.07 48.09 11.18
N THR B 86 20.02 47.66 10.49
CA THR B 86 19.23 48.57 9.68
C THR B 86 17.96 49.02 10.40
N ALA B 87 17.11 49.76 9.69
CA ALA B 87 15.91 50.32 10.28
C ALA B 87 14.79 49.29 10.43
N ALA B 88 14.96 48.15 9.77
CA ALA B 88 13.93 47.13 9.76
C ALA B 88 14.34 45.90 10.56
N ASP B 89 15.12 46.13 11.61
CA ASP B 89 15.50 45.07 12.53
C ASP B 89 14.81 45.29 13.87
N THR B 90 13.96 46.32 13.92
CA THR B 90 13.17 46.61 15.11
C THR B 90 12.30 45.41 15.46
N ALA B 91 12.50 44.88 16.67
CA ALA B 91 11.81 43.69 17.11
C ALA B 91 12.01 43.44 18.60
N VAL B 92 11.24 42.51 19.14
CA VAL B 92 11.43 42.06 20.51
C VAL B 92 12.31 40.82 20.45
N TYR B 93 13.43 40.84 21.16
CA TYR B 93 14.36 39.74 21.09
C TYR B 93 14.25 38.85 22.32
N TYR B 94 14.16 37.55 22.07
CA TYR B 94 14.12 36.55 23.13
C TYR B 94 15.34 35.64 23.00
N CYS B 95 15.93 35.30 24.14
CA CYS B 95 16.87 34.20 24.21
C CYS B 95 16.01 32.96 24.42
N ALA B 96 16.46 31.81 23.94
CA ALA B 96 15.64 30.61 24.03
C ALA B 96 16.49 29.36 24.12
N SER B 97 15.86 28.27 24.53
CA SER B 97 16.57 27.01 24.78
C SER B 97 16.11 25.91 23.83
N LEU B 98 17.01 24.98 23.53
CA LEU B 98 16.68 23.81 22.72
C LEU B 98 17.39 22.57 23.25
N PRO B 99 16.63 21.50 23.56
CA PRO B 99 17.18 20.25 24.12
C PRO B 99 18.32 19.63 23.27
N VAL B 104 16.77 15.26 15.38
CA VAL B 104 16.10 15.03 16.64
C VAL B 104 14.80 15.81 16.66
N ASN B 105 14.31 16.08 17.85
CA ASN B 105 13.15 16.92 18.05
C ASN B 105 13.59 18.37 18.05
N ALA B 106 13.02 19.18 17.19
CA ALA B 106 13.37 20.60 17.15
C ALA B 106 12.28 21.40 17.81
N TYR B 107 12.56 22.07 18.91
CA TYR B 107 11.56 22.92 19.56
C TYR B 107 12.19 23.81 20.63
N PHE B 108 11.59 24.97 20.87
CA PHE B 108 12.10 25.92 21.86
C PHE B 108 11.26 25.86 23.15
N ASP B 109 11.78 25.21 24.19
CA ASP B 109 11.07 25.11 25.46
C ASP B 109 11.39 26.28 26.42
N TYR B 110 10.33 26.83 27.01
CA TYR B 110 10.35 27.96 27.98
C TYR B 110 11.29 29.12 27.58
N TRP B 111 10.68 30.28 27.32
CA TRP B 111 11.42 31.41 26.76
C TRP B 111 11.66 32.49 27.81
N GLY B 112 12.44 33.50 27.45
CA GLY B 112 12.69 34.63 28.33
C GLY B 112 11.47 35.52 28.44
N GLN B 113 11.69 36.80 28.75
CA GLN B 113 10.58 37.73 28.85
C GLN B 113 10.62 38.81 27.77
N GLY B 114 11.76 38.93 27.09
CA GLY B 114 11.84 39.75 25.89
C GLY B 114 12.46 41.13 26.07
N THR B 115 13.27 41.54 25.10
CA THR B 115 13.80 42.90 25.09
C THR B 115 13.44 43.63 23.80
N LEU B 116 12.70 44.72 23.91
CA LEU B 116 12.28 45.47 22.72
C LEU B 116 13.38 46.42 22.29
N VAL B 117 13.97 46.16 21.12
CA VAL B 117 15.00 47.05 20.59
C VAL B 117 14.48 47.82 19.38
N THR B 118 14.39 49.13 19.52
CA THR B 118 13.97 49.98 18.42
C THR B 118 15.21 50.59 17.82
N VAL B 119 15.24 50.73 16.51
CA VAL B 119 16.38 51.35 15.84
C VAL B 119 15.91 52.60 15.09
N SER B 120 16.57 53.72 15.37
CA SER B 120 16.12 55.00 14.84
C SER B 120 17.20 56.08 14.90
N SER B 121 17.21 56.96 13.90
CA SER B 121 18.12 58.08 13.88
C SER B 121 17.78 59.09 14.98
N ALA B 122 16.56 59.00 15.48
CA ALA B 122 16.10 59.85 16.58
C ALA B 122 16.83 59.50 17.86
N SER B 123 16.77 60.38 18.85
CA SER B 123 17.41 60.15 20.13
C SER B 123 16.39 59.73 21.18
N THR B 124 16.87 59.25 22.32
CA THR B 124 15.96 58.85 23.40
C THR B 124 15.45 60.10 24.10
N LYS B 125 14.30 59.99 24.75
CA LYS B 125 13.79 61.08 25.58
C LYS B 125 13.06 60.53 26.79
N GLY B 126 13.50 60.94 27.97
CA GLY B 126 12.84 60.54 29.21
C GLY B 126 11.43 61.09 29.26
N PRO B 127 10.56 60.41 30.01
CA PRO B 127 9.14 60.80 30.06
C PRO B 127 8.85 61.93 31.04
N SER B 128 7.79 62.67 30.77
CA SER B 128 7.28 63.63 31.73
C SER B 128 5.95 63.13 32.28
N VAL B 129 5.92 62.83 33.57
CA VAL B 129 4.76 62.20 34.20
C VAL B 129 3.99 63.21 35.03
N PHE B 130 2.68 63.26 34.80
CA PHE B 130 1.81 64.25 35.44
C PHE B 130 0.65 63.59 36.19
N PRO B 131 0.10 64.28 37.20
CA PRO B 131 -0.90 63.60 38.03
C PRO B 131 -2.28 63.64 37.41
N LEU B 132 -2.90 62.48 37.22
CA LEU B 132 -4.32 62.47 36.95
C LEU B 132 -4.99 62.29 38.31
N ALA B 133 -5.09 63.39 39.03
CA ALA B 133 -5.63 63.40 40.39
C ALA B 133 -7.11 63.07 40.38
N PRO B 134 -7.56 62.32 41.39
CA PRO B 134 -8.97 61.93 41.43
C PRO B 134 -9.86 63.00 42.04
N SER B 135 -11.09 62.64 42.35
CA SER B 135 -12.02 63.44 43.17
C SER B 135 -12.52 64.69 42.46
N SER B 136 -13.82 65.01 42.58
CA SER B 136 -14.85 64.10 43.09
C SER B 136 -16.22 64.49 42.54
N LYS B 137 -16.61 64.08 41.32
CA LYS B 137 -15.85 63.25 40.36
C LYS B 137 -14.48 63.79 39.96
N SER B 138 -13.53 62.92 39.65
CA SER B 138 -13.72 61.46 39.52
C SER B 138 -13.40 60.70 40.80
N THR B 139 -14.21 59.70 41.18
CA THR B 139 -15.34 59.19 40.38
C THR B 139 -16.56 58.80 41.21
N SER B 140 -17.28 57.82 40.69
CA SER B 140 -18.53 57.34 41.26
C SER B 140 -18.50 55.81 41.38
N GLY B 141 -19.11 55.26 42.43
CA GLY B 141 -19.82 56.02 43.43
C GLY B 141 -19.36 55.49 44.78
N GLY B 142 -18.37 56.17 45.34
CA GLY B 142 -17.71 55.68 46.54
C GLY B 142 -16.37 55.11 46.11
N THR B 143 -16.24 54.85 44.81
CA THR B 143 -14.97 54.42 44.25
C THR B 143 -14.40 55.52 43.35
N ALA B 144 -13.17 55.93 43.64
CA ALA B 144 -12.51 56.96 42.85
C ALA B 144 -11.48 56.36 41.91
N ALA B 145 -11.12 57.12 40.88
CA ALA B 145 -10.11 56.68 39.94
C ALA B 145 -9.02 57.72 39.84
N LEU B 146 -7.77 57.25 39.88
CA LEU B 146 -6.62 58.14 39.83
C LEU B 146 -5.58 57.53 38.93
N GLY B 147 -4.72 58.37 38.35
CA GLY B 147 -3.76 57.84 37.40
C GLY B 147 -2.49 58.62 37.19
N CYS B 148 -1.63 58.09 36.33
CA CYS B 148 -0.38 58.74 35.97
C CYS B 148 -0.31 58.94 34.47
N LEU B 149 -0.05 60.18 34.06
CA LEU B 149 0.07 60.49 32.65
C LEU B 149 1.54 60.49 32.25
N VAL B 150 1.98 59.42 31.60
CA VAL B 150 3.34 59.30 31.10
C VAL B 150 3.39 59.91 29.70
N LYS B 151 3.97 61.09 29.60
CA LYS B 151 3.84 61.93 28.41
C LYS B 151 5.16 62.29 27.73
N ASP B 152 5.16 62.26 26.41
CA ASP B 152 6.30 62.63 25.58
C ASP B 152 7.57 61.87 25.98
N TYR B 153 7.71 60.65 25.49
CA TYR B 153 8.89 59.84 25.74
C TYR B 153 9.25 59.06 24.49
N PHE B 154 10.47 58.50 24.48
CA PHE B 154 10.93 57.69 23.36
C PHE B 154 12.19 56.96 23.74
N PRO B 155 12.29 55.68 23.39
CA PRO B 155 11.24 54.90 22.72
C PRO B 155 10.50 53.97 23.67
N GLU B 156 9.65 53.12 23.10
CA GLU B 156 9.00 52.05 23.86
C GLU B 156 10.04 51.08 24.40
N PRO B 157 9.73 50.39 25.51
CA PRO B 157 8.48 50.43 26.26
C PRO B 157 8.60 51.17 27.59
N VAL B 158 7.47 51.36 28.28
CA VAL B 158 7.48 51.86 29.64
C VAL B 158 6.62 50.97 30.54
N THR B 159 7.12 50.66 31.73
CA THR B 159 6.39 49.82 32.68
C THR B 159 5.83 50.67 33.80
N VAL B 160 4.57 50.49 34.13
CA VAL B 160 4.01 51.24 35.24
C VAL B 160 3.42 50.31 36.29
N SER B 161 3.90 50.44 37.53
CA SER B 161 3.37 49.68 38.63
C SER B 161 2.82 50.68 39.63
N TRP B 162 2.32 50.21 40.77
CA TRP B 162 1.75 51.11 41.76
C TRP B 162 2.13 50.70 43.17
N ASN B 163 2.65 51.65 43.95
CA ASN B 163 3.13 51.40 45.31
C ASN B 163 4.12 50.24 45.34
N SER B 164 5.09 50.29 44.43
CA SER B 164 6.12 49.25 44.30
C SER B 164 5.50 47.89 44.01
N GLY B 165 4.49 47.88 43.14
CA GLY B 165 3.86 46.64 42.71
C GLY B 165 2.96 46.02 43.75
N ALA B 166 2.61 46.79 44.78
CA ALA B 166 1.70 46.31 45.81
C ALA B 166 0.27 46.31 45.29
N LEU B 167 -0.01 47.20 44.35
CA LEU B 167 -1.35 47.31 43.78
C LEU B 167 -1.43 46.56 42.46
N THR B 168 -2.05 45.38 42.50
CA THR B 168 -2.26 44.59 41.29
C THR B 168 -3.75 44.57 40.92
N SER B 169 -4.58 44.86 41.90
CA SER B 169 -6.03 44.87 41.73
C SER B 169 -6.54 46.23 41.30
N GLY B 170 -7.43 46.25 40.31
CA GLY B 170 -8.04 47.49 39.87
C GLY B 170 -7.13 48.38 39.06
N VAL B 171 -5.95 47.87 38.71
CA VAL B 171 -4.99 48.65 37.93
C VAL B 171 -5.06 48.28 36.46
N HIS B 172 -4.95 49.29 35.61
CA HIS B 172 -4.84 49.05 34.18
C HIS B 172 -3.84 49.99 33.53
N THR B 173 -3.02 49.42 32.65
CA THR B 173 -2.07 50.19 31.85
C THR B 173 -2.55 50.22 30.41
N PHE B 174 -2.56 51.41 29.83
CA PHE B 174 -3.12 51.60 28.49
C PHE B 174 -2.04 51.52 27.44
N PRO B 175 -2.43 51.23 26.18
CA PRO B 175 -1.42 51.23 25.11
C PRO B 175 -0.95 52.65 24.84
N ALA B 176 0.24 52.79 24.26
CA ALA B 176 0.80 54.11 24.03
C ALA B 176 0.21 54.69 22.76
N VAL B 177 0.46 55.98 22.51
CA VAL B 177 0.00 56.58 21.28
C VAL B 177 1.13 57.36 20.61
N LEU B 178 1.37 57.09 19.33
CA LEU B 178 2.39 57.79 18.57
C LEU B 178 1.84 59.09 17.99
N GLN B 179 2.13 60.21 18.64
CA GLN B 179 1.62 61.50 18.18
C GLN B 179 2.52 62.09 17.10
N SER B 180 1.99 63.06 16.36
CA SER B 180 2.66 63.70 15.23
C SER B 180 4.12 64.08 15.50
N SER B 181 4.43 64.42 16.74
CA SER B 181 5.78 64.80 17.13
C SER B 181 6.78 63.67 16.85
N GLY B 182 6.30 62.44 16.87
CA GLY B 182 7.14 61.28 16.64
C GLY B 182 7.57 60.66 17.96
N LEU B 183 6.97 61.14 19.04
CA LEU B 183 7.25 60.59 20.36
C LEU B 183 6.06 59.76 20.86
N TYR B 184 6.20 59.15 22.03
CA TYR B 184 5.13 58.29 22.55
C TYR B 184 4.46 58.91 23.77
N SER B 185 3.27 58.44 24.09
CA SER B 185 2.53 58.92 25.25
C SER B 185 1.50 57.89 25.69
N LEU B 186 1.35 57.72 27.00
CA LEU B 186 0.34 56.83 27.55
C LEU B 186 -0.07 57.26 28.96
N SER B 187 -1.08 56.60 29.50
CA SER B 187 -1.56 56.89 30.84
C SER B 187 -1.98 55.59 31.52
N SER B 188 -1.74 55.51 32.82
CA SER B 188 -2.13 54.35 33.61
C SER B 188 -3.16 54.76 34.65
N VAL B 189 -4.04 53.83 35.03
CA VAL B 189 -5.12 54.15 35.97
C VAL B 189 -5.30 53.09 37.06
N VAL B 190 -5.83 53.52 38.20
CA VAL B 190 -6.19 52.63 39.31
C VAL B 190 -7.49 53.12 39.93
N THR B 191 -8.36 52.18 40.26
CA THR B 191 -9.61 52.49 40.94
C THR B 191 -9.51 52.03 42.39
N VAL B 192 -9.60 52.98 43.32
CA VAL B 192 -9.47 52.69 44.74
C VAL B 192 -10.69 53.23 45.47
N PRO B 193 -10.94 52.77 46.70
CA PRO B 193 -12.05 53.38 47.44
C PRO B 193 -11.78 54.87 47.69
N SER B 194 -12.82 55.69 47.60
CA SER B 194 -12.70 57.12 47.88
C SER B 194 -12.14 57.30 49.29
N SER B 195 -12.85 56.73 50.27
CA SER B 195 -12.43 56.71 51.68
C SER B 195 -10.92 56.63 51.90
N SER B 196 -10.27 55.70 51.20
CA SER B 196 -8.83 55.47 51.33
C SER B 196 -8.02 56.76 51.15
N LEU B 197 -8.42 57.58 50.18
CA LEU B 197 -7.75 58.84 49.88
C LEU B 197 -7.50 59.65 51.15
N GLY B 198 -6.25 60.08 51.34
CA GLY B 198 -5.88 60.81 52.53
C GLY B 198 -5.33 59.92 53.61
N THR B 199 -5.96 58.75 53.79
CA THR B 199 -5.49 57.79 54.77
C THR B 199 -4.48 56.82 54.14
N GLN B 200 -4.24 56.99 52.85
CA GLN B 200 -3.35 56.11 52.10
C GLN B 200 -2.57 56.94 51.09
N THR B 201 -1.35 56.51 50.78
CA THR B 201 -0.54 57.24 49.82
C THR B 201 -0.48 56.45 48.51
N TYR B 202 -0.64 57.14 47.38
CA TYR B 202 -0.68 56.45 46.11
C TYR B 202 0.41 56.99 45.18
N ILE B 203 1.19 56.06 44.64
CA ILE B 203 2.37 56.39 43.85
C ILE B 203 2.45 55.53 42.61
N CYS B 204 2.57 56.19 41.45
CA CYS B 204 2.72 55.47 40.19
C CYS B 204 4.21 55.32 39.90
N ASN B 205 4.60 54.08 39.60
CA ASN B 205 5.99 53.75 39.34
C ASN B 205 6.23 53.62 37.85
N VAL B 206 6.85 54.64 37.26
CA VAL B 206 7.09 54.68 35.83
C VAL B 206 8.51 54.24 35.53
N ASN B 207 8.68 53.34 34.56
CA ASN B 207 9.97 52.75 34.27
C ASN B 207 10.26 52.85 32.78
N HIS B 208 11.25 53.67 32.43
CA HIS B 208 11.64 53.84 31.04
C HIS B 208 13.10 53.40 30.91
N LYS B 209 13.31 52.17 30.46
CA LYS B 209 14.67 51.62 30.45
C LYS B 209 15.60 52.23 29.38
N PRO B 210 15.09 52.50 28.15
CA PRO B 210 16.05 52.96 27.14
C PRO B 210 16.70 54.31 27.48
N SER B 211 16.09 55.05 28.39
CA SER B 211 16.63 56.33 28.81
C SER B 211 17.17 56.24 30.23
N ASN B 212 17.19 55.01 30.75
CA ASN B 212 17.68 54.69 32.10
C ASN B 212 16.94 55.46 33.19
N THR B 213 15.89 56.17 32.81
CA THR B 213 15.09 56.94 33.75
C THR B 213 14.03 56.07 34.42
N LYS B 214 13.74 56.38 35.69
CA LYS B 214 12.72 55.67 36.48
C LYS B 214 12.10 56.67 37.43
N VAL B 215 10.83 56.98 37.24
CA VAL B 215 10.16 57.97 38.07
C VAL B 215 9.24 57.24 39.06
N ASP B 216 8.91 57.90 40.16
CA ASP B 216 8.01 57.33 41.16
C ASP B 216 7.13 58.45 41.66
N LYS B 217 6.19 58.84 40.82
CA LYS B 217 5.38 60.01 41.06
C LYS B 217 4.29 59.79 42.10
N ARG B 218 3.88 60.86 42.78
CA ARG B 218 2.88 60.79 43.85
C ARG B 218 1.57 61.47 43.46
N VAL B 219 0.49 60.72 43.49
CA VAL B 219 -0.81 61.25 43.08
C VAL B 219 -1.67 61.62 44.29
N GLU B 220 -2.10 62.88 44.36
CA GLU B 220 -2.92 63.37 45.46
C GLU B 220 -4.11 64.15 44.91
N PRO B 221 -5.29 63.98 45.52
CA PRO B 221 -6.58 64.58 45.13
C PRO B 221 -6.51 66.11 44.96
N LYS B 222 -7.46 66.67 44.22
CA LYS B 222 -7.46 68.10 43.96
C LYS B 222 -7.77 68.90 45.22
N SER B 223 -7.29 70.13 45.30
CA SER B 223 -7.54 70.99 46.45
C SER B 223 -8.99 71.43 46.51
N VAL C 2 16.17 -76.74 -28.90
CA VAL C 2 14.73 -76.70 -28.70
C VAL C 2 14.26 -75.34 -28.22
N GLN C 3 13.14 -74.87 -28.76
CA GLN C 3 12.56 -73.60 -28.31
C GLN C 3 11.47 -73.83 -27.27
N LEU C 4 11.56 -73.11 -26.16
CA LEU C 4 10.50 -73.07 -25.17
C LEU C 4 10.11 -71.61 -24.99
N GLN C 5 8.82 -71.32 -24.95
CA GLN C 5 8.39 -69.95 -24.75
C GLN C 5 7.27 -69.87 -23.73
N GLU C 6 7.47 -69.02 -22.72
CA GLU C 6 6.48 -68.82 -21.68
C GLU C 6 5.64 -67.59 -21.99
N SER C 7 4.33 -67.72 -21.77
CA SER C 7 3.41 -66.62 -21.95
C SER C 7 2.37 -66.62 -20.83
N GLY C 8 1.86 -65.44 -20.51
CA GLY C 8 0.95 -65.26 -19.40
C GLY C 8 0.86 -63.79 -19.03
N PRO C 9 0.24 -63.51 -17.88
CA PRO C 9 0.02 -62.11 -17.47
C PRO C 9 1.27 -61.49 -16.85
N GLY C 10 1.40 -60.17 -16.95
CA GLY C 10 2.50 -59.47 -16.33
C GLY C 10 2.15 -59.06 -14.91
N LEU C 11 0.86 -58.87 -14.67
CA LEU C 11 0.37 -58.46 -13.37
C LEU C 11 -0.76 -59.38 -12.91
N VAL C 12 -0.66 -59.87 -11.68
CA VAL C 12 -1.68 -60.72 -11.08
C VAL C 12 -2.06 -60.22 -9.69
N LYS C 13 -3.34 -59.91 -9.48
CA LYS C 13 -3.80 -59.42 -8.19
C LYS C 13 -3.61 -60.49 -7.12
N PRO C 14 -3.41 -60.08 -5.86
CA PRO C 14 -3.20 -61.07 -4.78
C PRO C 14 -4.43 -61.94 -4.58
N SER C 15 -4.24 -63.13 -4.01
CA SER C 15 -5.33 -64.08 -3.73
C SER C 15 -6.11 -64.55 -4.97
N GLU C 16 -5.75 -64.07 -6.15
CA GLU C 16 -6.35 -64.56 -7.39
C GLU C 16 -5.66 -65.86 -7.82
N THR C 17 -5.68 -66.15 -9.11
CA THR C 17 -5.06 -67.39 -9.60
C THR C 17 -4.12 -67.06 -10.76
N LEU C 18 -2.81 -67.09 -10.47
CA LEU C 18 -1.79 -66.86 -11.49
C LEU C 18 -1.91 -68.00 -12.51
N SER C 19 -1.96 -67.65 -13.79
CA SER C 19 -2.10 -68.65 -14.84
C SER C 19 -1.04 -68.47 -15.92
N LEU C 20 -0.20 -69.48 -16.09
CA LEU C 20 0.87 -69.39 -17.09
C LEU C 20 0.77 -70.55 -18.08
N THR C 21 1.27 -70.34 -19.30
CA THR C 21 1.31 -71.41 -20.29
C THR C 21 2.64 -71.37 -21.04
N CYS C 22 3.24 -72.54 -21.23
CA CYS C 22 4.48 -72.66 -21.98
C CYS C 22 4.27 -73.47 -23.24
N THR C 23 5.06 -73.16 -24.26
CA THR C 23 4.89 -73.72 -25.59
C THR C 23 6.23 -74.27 -26.05
N VAL C 24 6.21 -75.52 -26.54
CA VAL C 24 7.44 -76.23 -26.86
C VAL C 24 7.58 -76.50 -28.36
N SER C 25 8.82 -76.54 -28.85
CA SER C 25 9.07 -76.80 -30.27
C SER C 25 10.04 -77.97 -30.45
N GLY C 26 9.57 -79.06 -31.03
CA GLY C 26 10.43 -80.21 -31.25
C GLY C 26 10.94 -80.87 -29.98
N GLY C 27 12.18 -81.35 -30.02
CA GLY C 27 12.76 -82.04 -28.86
C GLY C 27 13.31 -83.43 -29.13
N SER C 28 12.43 -84.41 -29.30
CA SER C 28 11.00 -84.17 -29.39
C SER C 28 10.20 -84.57 -28.16
N ILE C 29 8.89 -84.42 -28.30
CA ILE C 29 7.92 -84.80 -27.29
C ILE C 29 8.12 -86.26 -26.87
N SER C 30 7.81 -86.54 -25.61
CA SER C 30 8.04 -87.83 -24.93
C SER C 30 9.51 -88.23 -24.83
N SER C 31 10.39 -87.25 -24.96
CA SER C 31 11.79 -87.41 -24.58
C SER C 31 12.10 -86.63 -23.30
N TYR C 32 11.21 -85.71 -22.93
CA TYR C 32 11.45 -84.84 -21.78
C TYR C 32 10.28 -84.67 -20.79
N TYR C 33 10.59 -84.72 -19.50
CA TYR C 33 9.73 -84.15 -18.47
C TYR C 33 9.70 -82.64 -18.65
N TRP C 34 8.56 -82.02 -18.32
CA TRP C 34 8.45 -80.58 -18.50
C TRP C 34 8.22 -79.88 -17.16
N SER C 35 9.21 -79.09 -16.75
CA SER C 35 9.21 -78.51 -15.41
C SER C 35 9.07 -77.00 -15.45
N TRP C 36 8.79 -76.42 -14.29
CA TRP C 36 8.71 -74.97 -14.14
C TRP C 36 9.61 -74.51 -13.00
N ILE C 37 10.27 -73.38 -13.17
CA ILE C 37 11.12 -72.82 -12.13
C ILE C 37 10.83 -71.32 -11.97
N ARG C 38 10.89 -70.79 -10.76
CA ARG C 38 10.66 -69.36 -10.57
C ARG C 38 11.86 -68.70 -9.89
N GLN C 39 12.02 -67.40 -10.14
CA GLN C 39 13.16 -66.65 -9.61
C GLN C 39 12.80 -65.20 -9.27
N PRO C 40 12.60 -64.92 -7.97
CA PRO C 40 12.38 -63.55 -7.49
C PRO C 40 13.49 -62.63 -8.03
N PRO C 41 13.20 -61.33 -8.18
CA PRO C 41 14.16 -60.46 -8.88
C PRO C 41 15.47 -60.26 -8.11
N GLY C 42 15.39 -60.16 -6.80
CA GLY C 42 16.57 -60.08 -5.95
C GLY C 42 17.66 -61.09 -6.28
N LYS C 43 17.41 -62.35 -5.92
CA LYS C 43 18.24 -63.48 -6.32
C LYS C 43 17.71 -64.78 -5.75
N GLY C 44 17.89 -65.86 -6.50
CA GLY C 44 17.55 -67.18 -6.00
C GLY C 44 16.79 -68.02 -6.99
N LEU C 45 17.06 -69.32 -6.96
CA LEU C 45 16.39 -70.23 -7.86
C LEU C 45 15.69 -71.27 -7.01
N GLU C 46 14.42 -71.49 -7.29
CA GLU C 46 13.63 -72.45 -6.54
C GLU C 46 12.73 -73.18 -7.51
N TRP C 47 12.49 -74.46 -7.24
CA TRP C 47 11.76 -75.32 -8.16
C TRP C 47 10.34 -75.59 -7.69
N ILE C 48 9.39 -75.63 -8.62
CA ILE C 48 7.99 -75.80 -8.26
C ILE C 48 7.40 -77.16 -8.67
N GLY C 49 7.56 -77.58 -9.92
CA GLY C 49 7.03 -78.87 -10.34
C GLY C 49 7.33 -79.32 -11.77
N TYR C 50 7.12 -80.62 -12.04
CA TYR C 50 7.27 -81.15 -13.40
C TYR C 50 6.10 -82.06 -13.79
N ILE C 51 5.92 -82.24 -15.10
CA ILE C 51 4.79 -82.99 -15.65
C ILE C 51 5.18 -83.87 -16.85
N TYR C 52 4.42 -84.96 -17.03
CA TYR C 52 4.58 -85.87 -18.15
C TYR C 52 3.17 -86.12 -18.73
N TYR C 53 3.05 -86.46 -20.01
CA TYR C 53 1.74 -86.61 -20.65
C TYR C 53 0.80 -87.64 -20.00
N SER C 54 1.38 -88.59 -19.27
CA SER C 54 0.57 -89.58 -18.56
C SER C 54 -0.35 -88.90 -17.56
N GLY C 55 -0.04 -87.66 -17.24
CA GLY C 55 -0.79 -86.89 -16.25
C GLY C 55 0.00 -86.84 -14.96
N SER C 56 0.87 -87.83 -14.78
CA SER C 56 1.70 -87.90 -13.59
C SER C 56 2.53 -86.63 -13.42
N THR C 57 2.51 -86.09 -12.21
CA THR C 57 3.18 -84.83 -11.92
C THR C 57 4.03 -85.00 -10.67
N ASN C 58 4.83 -83.99 -10.36
CA ASN C 58 5.48 -83.93 -9.07
C ASN C 58 5.83 -82.49 -8.76
N TYR C 59 5.24 -81.97 -7.69
CA TYR C 59 5.37 -80.56 -7.35
C TYR C 59 6.27 -80.39 -6.13
N ASN C 60 6.73 -79.17 -5.90
CA ASN C 60 7.40 -78.87 -4.65
C ASN C 60 6.35 -78.94 -3.53
N PRO C 61 6.62 -79.72 -2.48
CA PRO C 61 5.69 -80.01 -1.38
C PRO C 61 5.21 -78.74 -0.68
N SER C 62 6.12 -77.79 -0.47
CA SER C 62 5.79 -76.53 0.17
C SER C 62 4.82 -75.72 -0.68
N LEU C 63 4.72 -76.09 -1.95
CA LEU C 63 3.81 -75.43 -2.86
C LEU C 63 2.75 -76.42 -3.36
N LYS C 64 2.66 -77.57 -2.71
CA LYS C 64 1.53 -78.48 -2.97
C LYS C 64 0.30 -77.88 -2.30
N SER C 65 -0.88 -78.43 -2.58
CA SER C 65 -2.14 -77.87 -2.12
C SER C 65 -2.22 -76.43 -2.59
N ARG C 66 -1.61 -76.17 -3.74
CA ARG C 66 -1.34 -74.82 -4.18
C ARG C 66 -1.08 -74.75 -5.69
N VAL C 67 -0.03 -75.44 -6.14
CA VAL C 67 0.31 -75.46 -7.56
C VAL C 67 -0.39 -76.61 -8.28
N THR C 68 -0.73 -76.41 -9.54
CA THR C 68 -1.34 -77.45 -10.36
C THR C 68 -0.86 -77.32 -11.80
N ILE C 69 -0.23 -78.38 -12.31
CA ILE C 69 0.34 -78.35 -13.66
C ILE C 69 -0.44 -79.27 -14.59
N SER C 70 -0.86 -78.71 -15.72
CA SER C 70 -1.62 -79.44 -16.73
C SER C 70 -0.82 -79.48 -18.03
N VAL C 71 -1.27 -80.31 -18.97
CA VAL C 71 -0.56 -80.47 -20.24
C VAL C 71 -1.52 -80.79 -21.37
N ASP C 72 -1.25 -80.24 -22.54
CA ASP C 72 -1.96 -80.58 -23.75
C ASP C 72 -0.94 -80.92 -24.83
N THR C 73 -0.89 -82.20 -25.18
CA THR C 73 0.08 -82.72 -26.14
C THR C 73 -0.41 -82.64 -27.58
N SER C 74 -1.53 -81.95 -27.78
CA SER C 74 -2.09 -81.78 -29.11
C SER C 74 -1.72 -80.41 -29.67
N LYS C 75 -1.44 -79.49 -28.75
CA LYS C 75 -0.99 -78.15 -29.12
C LYS C 75 0.43 -77.89 -28.60
N ASN C 76 1.10 -78.96 -28.18
CA ASN C 76 2.45 -78.90 -27.64
C ASN C 76 2.63 -77.83 -26.57
N GLN C 77 1.81 -77.88 -25.53
CA GLN C 77 1.88 -76.85 -24.49
C GLN C 77 1.55 -77.41 -23.11
N PHE C 78 1.88 -76.65 -22.07
CA PHE C 78 1.53 -77.05 -20.71
C PHE C 78 1.40 -75.84 -19.78
N SER C 79 0.58 -75.94 -18.75
CA SER C 79 0.17 -74.75 -18.01
C SER C 79 0.09 -74.91 -16.49
N LEU C 80 0.01 -73.78 -15.77
CA LEU C 80 -0.03 -73.78 -14.31
C LEU C 80 -0.98 -72.71 -13.73
N LYS C 81 -1.58 -73.02 -12.58
CA LYS C 81 -2.46 -72.10 -11.85
C LYS C 81 -2.16 -72.10 -10.35
N LEU C 82 -2.05 -70.90 -9.75
CA LEU C 82 -1.89 -70.75 -8.30
C LEU C 82 -1.94 -69.30 -7.81
N SER C 83 -2.69 -69.03 -6.73
CA SER C 83 -3.66 -69.97 -6.18
C SER C 83 -5.05 -69.35 -5.95
N SER C 84 -5.29 -68.28 -5.16
CA SER C 84 -4.51 -67.62 -4.08
C SER C 84 -3.00 -67.35 -4.16
N VAL C 85 -2.58 -66.61 -5.17
CA VAL C 85 -1.21 -66.10 -5.20
C VAL C 85 -1.03 -65.03 -4.12
N THR C 86 0.10 -65.05 -3.40
CA THR C 86 0.34 -64.04 -2.38
C THR C 86 1.23 -62.91 -2.92
N ALA C 87 1.60 -61.98 -2.03
CA ALA C 87 2.34 -60.79 -2.44
C ALA C 87 3.82 -61.06 -2.65
N ALA C 88 4.29 -62.21 -2.18
CA ALA C 88 5.71 -62.54 -2.24
C ALA C 88 5.97 -63.64 -3.25
N ASP C 89 5.17 -63.65 -4.32
CA ASP C 89 5.34 -64.60 -5.40
C ASP C 89 5.87 -63.94 -6.66
N THR C 90 6.16 -62.65 -6.57
CA THR C 90 6.75 -61.92 -7.70
C THR C 90 8.07 -62.55 -8.11
N ALA C 91 8.14 -62.98 -9.37
CA ALA C 91 9.33 -63.68 -9.88
C ALA C 91 9.27 -63.84 -11.40
N VAL C 92 10.40 -64.22 -11.98
CA VAL C 92 10.43 -64.58 -13.39
C VAL C 92 10.30 -66.10 -13.49
N TYR C 93 9.33 -66.55 -14.28
CA TYR C 93 9.04 -67.97 -14.39
C TYR C 93 9.58 -68.53 -15.70
N TYR C 94 10.27 -69.66 -15.60
CA TYR C 94 10.81 -70.34 -16.75
C TYR C 94 10.14 -71.69 -16.91
N CYS C 95 9.83 -72.05 -18.15
CA CYS C 95 9.53 -73.44 -18.45
C CYS C 95 10.89 -74.07 -18.75
N ALA C 96 11.02 -75.36 -18.47
CA ALA C 96 12.31 -76.02 -18.61
C ALA C 96 12.12 -77.49 -18.90
N SER C 97 13.20 -78.13 -19.35
CA SER C 97 13.15 -79.53 -19.75
C SER C 97 14.02 -80.38 -18.84
N LEU C 98 13.64 -81.65 -18.70
CA LEU C 98 14.45 -82.62 -17.96
C LEU C 98 14.40 -83.93 -18.74
N PRO C 99 15.57 -84.48 -19.11
CA PRO C 99 15.58 -85.68 -19.96
C PRO C 99 14.75 -86.84 -19.40
N ARG C 100 14.23 -87.69 -20.28
CA ARG C 100 13.40 -88.81 -19.83
C ARG C 100 14.32 -89.88 -19.23
N GLY C 101 13.77 -91.03 -18.86
CA GLY C 101 14.55 -92.08 -18.25
C GLY C 101 13.95 -92.52 -16.91
N GLN C 102 14.02 -91.66 -15.89
CA GLN C 102 14.58 -90.30 -16.02
C GLN C 102 16.10 -90.29 -15.94
N LEU C 103 16.63 -89.10 -15.69
CA LEU C 103 18.04 -88.95 -15.41
C LEU C 103 18.03 -88.63 -13.92
N VAL C 104 18.15 -89.69 -13.11
CA VAL C 104 18.04 -89.60 -11.65
C VAL C 104 18.97 -88.50 -11.16
N ASN C 105 20.10 -88.38 -11.82
CA ASN C 105 20.98 -87.24 -11.65
C ASN C 105 20.43 -86.07 -12.44
N ALA C 106 19.43 -85.41 -11.87
CA ALA C 106 18.57 -84.47 -12.59
C ALA C 106 19.29 -83.17 -12.94
N TYR C 107 18.99 -82.68 -14.14
CA TYR C 107 19.53 -81.43 -14.62
C TYR C 107 18.57 -80.81 -15.63
N PHE C 108 18.53 -79.50 -15.67
CA PHE C 108 17.63 -78.82 -16.59
C PHE C 108 18.38 -78.34 -17.82
N ASP C 109 18.28 -79.11 -18.91
CA ASP C 109 18.88 -78.69 -20.17
C ASP C 109 17.87 -77.89 -20.96
N TYR C 110 18.35 -76.76 -21.51
CA TYR C 110 17.56 -75.88 -22.39
C TYR C 110 16.43 -75.19 -21.64
N TRP C 111 16.56 -73.89 -21.41
CA TRP C 111 15.53 -73.15 -20.69
C TRP C 111 14.78 -72.20 -21.62
N GLY C 112 13.68 -71.63 -21.11
CA GLY C 112 12.99 -70.57 -21.83
C GLY C 112 13.77 -69.30 -21.62
N GLN C 113 13.11 -68.16 -21.74
CA GLN C 113 13.79 -66.90 -21.44
C GLN C 113 13.17 -66.22 -20.24
N GLY C 114 11.98 -66.67 -19.87
CA GLY C 114 11.35 -66.24 -18.62
C GLY C 114 10.29 -65.18 -18.77
N THR C 115 9.20 -65.32 -18.01
CA THR C 115 8.17 -64.30 -17.95
C THR C 115 8.00 -63.81 -16.52
N LEU C 116 8.23 -62.52 -16.31
CA LEU C 116 8.15 -61.93 -14.97
C LEU C 116 6.71 -61.60 -14.59
N VAL C 117 6.22 -62.26 -13.55
CA VAL C 117 4.88 -62.01 -13.05
C VAL C 117 4.94 -61.25 -11.73
N THR C 118 4.42 -60.03 -11.74
CA THR C 118 4.40 -59.20 -10.53
C THR C 118 3.01 -59.25 -9.90
N VAL C 119 2.97 -59.30 -8.57
CA VAL C 119 1.71 -59.34 -7.83
C VAL C 119 1.57 -58.12 -6.93
N SER C 120 0.45 -57.41 -7.07
CA SER C 120 0.24 -56.16 -6.34
C SER C 120 -1.24 -55.77 -6.32
N SER C 121 -1.67 -55.18 -5.22
CA SER C 121 -3.03 -54.67 -5.11
C SER C 121 -3.24 -53.48 -6.04
N ALA C 122 -2.13 -52.86 -6.44
CA ALA C 122 -2.16 -51.75 -7.37
C ALA C 122 -2.62 -52.22 -8.75
N SER C 123 -2.96 -51.28 -9.61
CA SER C 123 -3.40 -51.63 -10.96
C SER C 123 -2.29 -51.38 -11.97
N THR C 124 -2.47 -51.87 -13.20
CA THR C 124 -1.48 -51.67 -14.25
C THR C 124 -1.57 -50.25 -14.78
N LYS C 125 -0.49 -49.75 -15.38
CA LYS C 125 -0.50 -48.43 -15.98
C LYS C 125 0.35 -48.35 -17.24
N GLY C 126 -0.29 -47.95 -18.33
CA GLY C 126 0.41 -47.73 -19.58
C GLY C 126 1.41 -46.61 -19.47
N PRO C 127 2.45 -46.64 -20.30
CA PRO C 127 3.54 -45.67 -20.25
C PRO C 127 3.26 -44.38 -21.00
N SER C 128 3.93 -43.30 -20.57
CA SER C 128 3.95 -42.09 -21.36
C SER C 128 5.37 -41.97 -21.92
N VAL C 129 5.47 -42.09 -23.24
CA VAL C 129 6.78 -42.15 -23.90
C VAL C 129 7.07 -40.88 -24.69
N PHE C 130 8.24 -40.30 -24.45
CA PHE C 130 8.61 -39.03 -25.07
C PHE C 130 9.95 -39.12 -25.82
N PRO C 131 10.14 -38.29 -26.86
CA PRO C 131 11.36 -38.41 -27.67
C PRO C 131 12.55 -37.65 -27.08
N LEU C 132 13.69 -38.33 -26.94
CA LEU C 132 14.93 -37.65 -26.61
C LEU C 132 15.62 -37.27 -27.92
N ALA C 133 15.20 -36.13 -28.46
CA ALA C 133 15.71 -35.64 -29.73
C ALA C 133 17.18 -35.26 -29.67
N PRO C 134 17.92 -35.54 -30.75
CA PRO C 134 19.36 -35.25 -30.82
C PRO C 134 19.64 -33.82 -31.24
N SER C 135 20.91 -33.54 -31.57
CA SER C 135 21.33 -32.31 -32.24
C SER C 135 21.31 -31.07 -31.34
N SER C 136 22.35 -30.24 -31.36
CA SER C 136 23.69 -30.55 -31.88
C SER C 136 24.71 -29.61 -31.24
N GLY C 142 31.92 -36.17 -34.68
CA GLY C 142 31.06 -36.70 -33.65
C GLY C 142 30.02 -37.55 -34.34
N THR C 143 29.01 -37.98 -33.59
CA THR C 143 28.02 -38.87 -34.11
C THR C 143 26.95 -38.85 -33.09
N ALA C 144 25.73 -38.62 -33.53
CA ALA C 144 24.71 -38.07 -32.65
C ALA C 144 24.02 -39.17 -31.87
N ALA C 145 23.35 -38.79 -30.78
CA ALA C 145 22.61 -39.77 -29.99
C ALA C 145 21.16 -39.31 -29.83
N LEU C 146 20.23 -40.24 -30.03
CA LEU C 146 18.81 -39.94 -29.91
C LEU C 146 18.11 -41.11 -29.23
N GLY C 147 16.98 -40.87 -28.58
CA GLY C 147 16.36 -41.95 -27.82
C GLY C 147 14.88 -41.90 -27.56
N CYS C 148 14.40 -42.91 -26.84
CA CYS C 148 12.99 -42.96 -26.43
C CYS C 148 12.88 -43.08 -24.92
N LEU C 149 12.16 -42.15 -24.29
CA LEU C 149 11.97 -42.15 -22.85
C LEU C 149 10.62 -42.74 -22.49
N VAL C 150 10.62 -43.99 -22.06
CA VAL C 150 9.41 -44.64 -21.62
C VAL C 150 9.23 -44.36 -20.13
N LYS C 151 8.31 -43.46 -19.79
CA LYS C 151 8.27 -42.98 -18.41
C LYS C 151 6.91 -43.21 -17.75
N ASP C 152 6.95 -43.54 -16.46
CA ASP C 152 5.77 -43.78 -15.64
C ASP C 152 4.85 -44.85 -16.23
N TYR C 153 5.18 -46.10 -15.95
CA TYR C 153 4.42 -47.27 -16.38
C TYR C 153 4.44 -48.32 -15.26
N PHE C 154 3.62 -49.35 -15.40
CA PHE C 154 3.59 -50.43 -14.42
C PHE C 154 2.80 -51.62 -14.96
N PRO C 155 3.31 -52.85 -14.77
CA PRO C 155 4.60 -53.17 -14.15
C PRO C 155 5.68 -53.51 -15.16
N GLU C 156 6.83 -53.98 -14.67
CA GLU C 156 7.89 -54.48 -15.53
C GLU C 156 7.39 -55.72 -16.27
N PRO C 157 7.97 -56.01 -17.45
CA PRO C 157 9.05 -55.29 -18.14
C PRO C 157 8.55 -54.51 -19.35
N VAL C 158 9.45 -53.77 -20.00
CA VAL C 158 9.14 -53.11 -21.26
C VAL C 158 10.20 -53.46 -22.30
N THR C 159 9.76 -53.76 -23.52
CA THR C 159 10.69 -54.08 -24.58
C THR C 159 10.80 -52.89 -25.51
N VAL C 160 12.02 -52.49 -25.83
CA VAL C 160 12.20 -51.36 -26.75
C VAL C 160 13.06 -51.76 -27.93
N SER C 161 12.52 -51.60 -29.13
CA SER C 161 13.28 -51.86 -30.34
C SER C 161 13.35 -50.58 -31.17
N TRP C 162 13.97 -50.64 -32.34
CA TRP C 162 14.08 -49.47 -33.19
C TRP C 162 13.86 -49.85 -34.64
N ASN C 163 12.91 -49.16 -35.29
CA ASN C 163 12.54 -49.45 -36.67
C ASN C 163 12.26 -50.93 -36.90
N SER C 164 11.45 -51.52 -36.01
CA SER C 164 11.07 -52.93 -36.08
C SER C 164 12.27 -53.86 -36.04
N GLY C 165 13.22 -53.56 -35.14
CA GLY C 165 14.37 -54.42 -34.94
C GLY C 165 15.42 -54.33 -36.03
N ALA C 166 15.34 -53.30 -36.86
CA ALA C 166 16.34 -53.09 -37.90
C ALA C 166 17.63 -52.56 -37.30
N LEU C 167 17.50 -51.84 -36.19
CA LEU C 167 18.63 -51.24 -35.52
C LEU C 167 19.10 -52.07 -34.31
N THR C 168 20.20 -52.80 -34.48
CA THR C 168 20.79 -53.55 -33.39
C THR C 168 22.14 -52.93 -33.01
N SER C 169 22.73 -52.18 -33.95
CA SER C 169 24.03 -51.57 -33.74
C SER C 169 23.93 -50.18 -33.10
N GLY C 170 24.76 -49.93 -32.09
CA GLY C 170 24.80 -48.64 -31.43
C GLY C 170 23.59 -48.39 -30.56
N VAL C 171 22.76 -49.41 -30.38
CA VAL C 171 21.55 -49.29 -29.59
C VAL C 171 21.79 -49.83 -28.18
N HIS C 172 21.26 -49.13 -27.18
CA HIS C 172 21.30 -49.60 -25.81
C HIS C 172 19.99 -49.30 -25.09
N THR C 173 19.50 -50.27 -24.34
CA THR C 173 18.34 -50.08 -23.50
C THR C 173 18.79 -50.13 -22.05
N PHE C 174 18.39 -49.13 -21.27
CA PHE C 174 18.88 -48.97 -19.90
C PHE C 174 17.94 -49.62 -18.91
N PRO C 175 18.44 -49.95 -17.70
CA PRO C 175 17.52 -50.50 -16.68
C PRO C 175 16.52 -49.44 -16.21
N ALA C 176 15.39 -49.90 -15.67
CA ALA C 176 14.33 -48.99 -15.25
C ALA C 176 14.60 -48.42 -13.87
N VAL C 177 13.80 -47.42 -13.48
CA VAL C 177 13.91 -46.85 -12.14
C VAL C 177 12.55 -46.75 -11.46
N LEU C 178 12.48 -47.21 -10.22
CA LEU C 178 11.25 -47.11 -9.43
C LEU C 178 11.22 -45.72 -8.80
N GLN C 179 10.42 -44.83 -9.37
CA GLN C 179 10.36 -43.46 -8.91
C GLN C 179 9.45 -43.37 -7.68
N SER C 180 9.59 -42.31 -6.91
CA SER C 180 8.85 -42.10 -5.66
C SER C 180 7.35 -42.39 -5.80
N SER C 181 6.82 -42.15 -7.00
CA SER C 181 5.42 -42.42 -7.30
C SER C 181 5.06 -43.88 -7.12
N GLY C 182 6.04 -44.76 -7.28
CA GLY C 182 5.82 -46.20 -7.17
C GLY C 182 5.64 -46.88 -8.51
N LEU C 183 5.85 -46.13 -9.58
CA LEU C 183 5.79 -46.68 -10.93
C LEU C 183 7.21 -46.76 -11.50
N TYR C 184 7.32 -47.29 -12.72
CA TYR C 184 8.63 -47.48 -13.34
C TYR C 184 8.86 -46.51 -14.50
N SER C 185 10.13 -46.33 -14.86
CA SER C 185 10.52 -45.47 -15.97
C SER C 185 11.90 -45.87 -16.46
N LEU C 186 12.10 -45.82 -17.77
CA LEU C 186 13.41 -46.11 -18.35
C LEU C 186 13.59 -45.34 -19.64
N SER C 187 14.81 -45.39 -20.19
CA SER C 187 15.10 -44.70 -21.44
C SER C 187 16.03 -45.54 -22.30
N SER C 188 15.80 -45.49 -23.61
CA SER C 188 16.63 -46.21 -24.56
C SER C 188 17.34 -45.19 -25.45
N VAL C 189 18.53 -45.53 -25.92
CA VAL C 189 19.32 -44.61 -26.72
C VAL C 189 19.95 -45.32 -27.91
N VAL C 190 20.23 -44.58 -28.97
CA VAL C 190 20.91 -45.10 -30.16
C VAL C 190 21.84 -44.01 -30.69
N THR C 191 23.03 -44.42 -31.11
CA THR C 191 24.02 -43.51 -31.69
C THR C 191 24.11 -43.72 -33.19
N VAL C 192 23.84 -42.66 -33.96
CA VAL C 192 23.79 -42.73 -35.40
C VAL C 192 24.71 -41.68 -36.05
N PRO C 193 25.04 -41.84 -37.34
CA PRO C 193 25.84 -40.81 -38.03
C PRO C 193 25.14 -39.46 -38.08
N SER C 194 25.89 -38.37 -37.94
CA SER C 194 25.35 -37.02 -38.00
C SER C 194 24.64 -36.75 -39.32
N SER C 195 25.38 -36.88 -40.42
CA SER C 195 24.87 -36.76 -41.79
C SER C 195 23.44 -37.28 -41.95
N SER C 196 23.20 -38.48 -41.42
CA SER C 196 21.90 -39.14 -41.52
C SER C 196 20.74 -38.27 -41.03
N LEU C 197 20.95 -37.57 -39.92
CA LEU C 197 19.91 -36.72 -39.32
C LEU C 197 19.21 -35.80 -40.33
N GLY C 198 17.89 -35.83 -40.33
CA GLY C 198 17.10 -35.04 -41.26
C GLY C 198 16.78 -35.85 -42.50
N THR C 199 17.78 -36.61 -42.95
CA THR C 199 17.67 -37.46 -44.13
C THR C 199 17.17 -38.86 -43.78
N GLN C 200 16.89 -39.09 -42.51
CA GLN C 200 16.55 -40.45 -42.05
C GLN C 200 15.39 -40.42 -41.07
N THR C 201 14.60 -41.48 -41.04
CA THR C 201 13.47 -41.55 -40.12
C THR C 201 13.80 -42.54 -39.01
N TYR C 202 13.53 -42.14 -37.76
CA TYR C 202 13.86 -42.96 -36.62
C TYR C 202 12.62 -43.22 -35.78
N ILE C 203 12.39 -44.49 -35.46
CA ILE C 203 11.19 -44.88 -34.77
C ILE C 203 11.52 -45.84 -33.65
N CYS C 204 11.15 -45.48 -32.43
CA CYS C 204 11.36 -46.37 -31.29
C CYS C 204 10.08 -47.16 -31.07
N ASN C 205 10.21 -48.48 -31.04
CA ASN C 205 9.04 -49.32 -30.86
C ASN C 205 8.98 -49.82 -29.42
N VAL C 206 8.06 -49.26 -28.66
CA VAL C 206 7.90 -49.58 -27.25
C VAL C 206 6.78 -50.59 -27.08
N ASN C 207 7.04 -51.64 -26.31
CA ASN C 207 6.10 -52.72 -26.14
C ASN C 207 5.93 -53.06 -24.67
N HIS C 208 4.74 -52.79 -24.16
CA HIS C 208 4.39 -53.05 -22.77
C HIS C 208 3.22 -54.02 -22.72
N LYS C 209 3.52 -55.28 -22.45
CA LYS C 209 2.53 -56.35 -22.53
C LYS C 209 1.42 -56.34 -21.45
N PRO C 210 1.75 -56.00 -20.18
CA PRO C 210 0.67 -56.14 -19.18
C PRO C 210 -0.52 -55.22 -19.43
N SER C 211 -0.32 -54.15 -20.21
CA SER C 211 -1.38 -53.23 -20.57
C SER C 211 -1.72 -53.34 -22.05
N ASN C 212 -1.11 -54.33 -22.71
CA ASN C 212 -1.36 -54.62 -24.13
C ASN C 212 -1.09 -53.42 -25.05
N THR C 213 -0.45 -52.38 -24.51
CA THR C 213 -0.14 -51.18 -25.27
C THR C 213 1.11 -51.37 -26.12
N LYS C 214 1.14 -50.71 -27.28
CA LYS C 214 2.26 -50.80 -28.22
C LYS C 214 2.43 -49.46 -28.92
N VAL C 215 3.50 -48.75 -28.59
CA VAL C 215 3.75 -47.43 -29.17
C VAL C 215 4.92 -47.47 -30.15
N ASP C 216 4.99 -46.50 -31.06
CA ASP C 216 6.14 -46.40 -31.96
C ASP C 216 6.51 -44.94 -32.24
N LYS C 217 7.19 -44.32 -31.29
CA LYS C 217 7.44 -42.87 -31.35
C LYS C 217 8.42 -42.54 -32.46
N ARG C 218 8.34 -41.31 -32.97
CA ARG C 218 9.19 -40.90 -34.07
C ARG C 218 10.14 -39.83 -33.54
N VAL C 219 11.43 -40.11 -33.58
CA VAL C 219 12.42 -39.19 -33.03
C VAL C 219 13.08 -38.43 -34.18
N GLU C 220 12.96 -37.11 -34.12
CA GLU C 220 13.49 -36.23 -35.16
C GLU C 220 14.18 -35.02 -34.54
N PRO C 221 15.27 -34.56 -35.17
CA PRO C 221 16.08 -33.44 -34.64
C PRO C 221 15.25 -32.21 -34.27
N LYS C 222 15.81 -31.36 -33.41
CA LYS C 222 15.09 -30.23 -32.84
C LYS C 222 14.80 -29.14 -33.88
N VAL D 2 -18.66 13.15 -7.13
CA VAL D 2 -17.36 13.80 -7.13
C VAL D 2 -17.52 15.26 -7.56
N GLN D 3 -16.78 16.16 -6.91
CA GLN D 3 -16.86 17.58 -7.24
C GLN D 3 -15.81 18.05 -8.25
N LEU D 4 -16.28 18.79 -9.25
CA LEU D 4 -15.40 19.45 -10.21
C LEU D 4 -15.68 20.95 -10.21
N GLN D 5 -14.62 21.77 -10.22
CA GLN D 5 -14.80 23.22 -10.26
C GLN D 5 -13.88 23.91 -11.26
N GLU D 6 -14.47 24.70 -12.15
CA GLU D 6 -13.70 25.46 -13.12
C GLU D 6 -13.52 26.90 -12.65
N SER D 7 -12.31 27.41 -12.83
CA SER D 7 -12.01 28.80 -12.50
C SER D 7 -11.10 29.41 -13.56
N GLY D 8 -11.21 30.72 -13.72
CA GLY D 8 -10.49 31.45 -14.76
C GLY D 8 -11.10 32.82 -14.93
N PRO D 9 -10.71 33.53 -16.00
CA PRO D 9 -11.18 34.90 -16.21
C PRO D 9 -12.58 34.97 -16.78
N GLY D 10 -13.29 36.08 -16.51
CA GLY D 10 -14.61 36.28 -17.05
C GLY D 10 -14.57 36.96 -18.41
N LEU D 11 -13.52 37.75 -18.64
CA LEU D 11 -13.33 38.44 -19.91
C LEU D 11 -11.94 38.19 -20.48
N VAL D 12 -11.90 37.81 -21.75
CA VAL D 12 -10.65 37.63 -22.47
C VAL D 12 -10.78 38.39 -23.80
N LYS D 13 -9.92 39.39 -24.00
CA LYS D 13 -9.96 40.19 -25.22
C LYS D 13 -9.61 39.33 -26.43
N PRO D 14 -10.10 39.70 -27.63
CA PRO D 14 -9.86 38.86 -28.83
C PRO D 14 -8.39 38.74 -29.19
N SER D 15 -8.04 37.68 -29.93
CA SER D 15 -6.66 37.39 -30.34
C SER D 15 -5.70 37.16 -29.16
N GLU D 16 -6.20 37.25 -27.92
CA GLU D 16 -5.40 36.90 -26.75
C GLU D 16 -5.41 35.40 -26.51
N THR D 17 -5.19 34.99 -25.27
CA THR D 17 -5.18 33.56 -24.94
C THR D 17 -6.02 33.25 -23.70
N LEU D 18 -7.19 32.66 -23.94
CA LEU D 18 -8.08 32.23 -22.85
C LEU D 18 -7.34 31.14 -22.08
N SER D 19 -7.33 31.28 -20.76
CA SER D 19 -6.65 30.35 -19.87
C SER D 19 -7.55 29.88 -18.74
N LEU D 20 -7.84 28.58 -18.69
CA LEU D 20 -8.73 28.08 -17.64
C LEU D 20 -8.10 26.96 -16.80
N THR D 21 -8.56 26.78 -15.57
CA THR D 21 -8.09 25.66 -14.74
C THR D 21 -9.25 25.01 -13.99
N CYS D 22 -9.29 23.69 -14.01
CA CYS D 22 -10.32 22.94 -13.29
C CYS D 22 -9.71 22.08 -12.19
N THR D 23 -10.47 21.88 -11.12
CA THR D 23 -9.98 21.22 -9.91
C THR D 23 -10.98 20.15 -9.44
N VAL D 24 -10.48 18.95 -9.15
CA VAL D 24 -11.34 17.81 -8.83
C VAL D 24 -11.17 17.39 -7.37
N SER D 25 -12.22 16.83 -6.78
CA SER D 25 -12.20 16.41 -5.39
C SER D 25 -12.56 14.93 -5.26
N GLY D 26 -11.60 14.11 -4.83
CA GLY D 26 -11.80 12.68 -4.72
C GLY D 26 -12.02 12.06 -6.09
N GLY D 27 -12.84 11.01 -6.16
CA GLY D 27 -13.10 10.34 -7.41
C GLY D 27 -12.83 8.85 -7.48
N SER D 28 -11.56 8.45 -7.57
CA SER D 28 -10.45 9.40 -7.48
C SER D 28 -9.76 9.71 -8.81
N ILE D 29 -8.72 10.52 -8.71
CA ILE D 29 -7.91 10.96 -9.84
C ILE D 29 -7.37 9.80 -10.71
N SER D 30 -7.25 10.05 -12.02
CA SER D 30 -6.80 9.06 -13.01
C SER D 30 -7.68 7.81 -13.09
N SER D 31 -8.93 7.95 -12.64
CA SER D 31 -9.96 6.95 -12.88
C SER D 31 -10.84 7.42 -14.04
N TYR D 32 -10.69 8.69 -14.38
CA TYR D 32 -11.50 9.31 -15.41
C TYR D 32 -10.65 10.10 -16.39
N TYR D 33 -10.99 10.02 -17.68
CA TYR D 33 -10.49 10.99 -18.65
C TYR D 33 -10.99 12.35 -18.22
N TRP D 34 -10.22 13.38 -18.51
CA TRP D 34 -10.64 14.70 -18.08
C TRP D 34 -10.89 15.56 -19.30
N SER D 35 -12.16 15.83 -19.57
CA SER D 35 -12.54 16.49 -20.81
C SER D 35 -13.16 17.84 -20.56
N TRP D 36 -13.25 18.66 -21.59
CA TRP D 36 -13.88 19.97 -21.49
C TRP D 36 -14.99 20.17 -22.50
N ILE D 37 -16.07 20.81 -22.07
CA ILE D 37 -17.19 21.07 -22.98
C ILE D 37 -17.57 22.53 -22.86
N ARG D 38 -17.93 23.16 -23.97
CA ARG D 38 -18.36 24.56 -23.92
C ARG D 38 -19.75 24.70 -24.49
N GLN D 39 -20.46 25.72 -24.03
CA GLN D 39 -21.84 25.94 -24.40
C GLN D 39 -22.12 27.44 -24.49
N PRO D 40 -22.16 27.96 -25.72
CA PRO D 40 -22.47 29.38 -25.97
C PRO D 40 -23.71 29.85 -25.21
N PRO D 41 -23.78 31.15 -24.90
CA PRO D 41 -24.85 31.63 -24.02
C PRO D 41 -26.20 31.54 -24.68
N GLY D 42 -26.29 31.81 -25.98
CA GLY D 42 -27.53 31.59 -26.71
C GLY D 42 -28.05 30.19 -26.40
N LYS D 43 -27.43 29.19 -27.03
CA LYS D 43 -27.54 27.76 -26.67
C LYS D 43 -26.85 26.89 -27.72
N GLY D 44 -26.36 25.74 -27.28
CA GLY D 44 -25.70 24.77 -28.15
C GLY D 44 -24.52 24.16 -27.44
N LEU D 45 -24.22 22.90 -27.73
CA LEU D 45 -23.17 22.18 -27.02
C LEU D 45 -22.07 21.69 -27.95
N GLU D 46 -20.82 21.89 -27.54
CA GLU D 46 -19.65 21.51 -28.34
C GLU D 46 -18.54 20.94 -27.47
N TRP D 47 -17.81 19.97 -28.01
CA TRP D 47 -16.75 19.30 -27.26
C TRP D 47 -15.39 19.82 -27.71
N ILE D 48 -14.47 19.93 -26.76
CA ILE D 48 -13.18 20.56 -27.05
C ILE D 48 -12.01 19.58 -27.05
N GLY D 49 -11.84 18.85 -25.96
CA GLY D 49 -10.76 17.90 -25.85
C GLY D 49 -10.78 17.15 -24.54
N TYR D 50 -10.03 16.06 -24.46
CA TYR D 50 -9.88 15.36 -23.20
C TYR D 50 -8.41 15.03 -23.00
N ILE D 51 -8.06 14.75 -21.75
CA ILE D 51 -6.67 14.52 -21.38
C ILE D 51 -6.64 13.32 -20.43
N TYR D 52 -5.48 12.68 -20.37
CA TYR D 52 -5.27 11.54 -19.51
C TYR D 52 -4.04 11.85 -18.67
N TYR D 53 -3.95 11.24 -17.50
CA TYR D 53 -2.89 11.53 -16.54
C TYR D 53 -1.50 11.37 -17.15
N SER D 54 -1.44 10.51 -18.17
CA SER D 54 -0.20 10.22 -18.90
C SER D 54 0.38 11.46 -19.59
N GLY D 55 -0.46 12.47 -19.77
CA GLY D 55 -0.06 13.64 -20.53
C GLY D 55 -0.74 13.52 -21.87
N SER D 56 -1.08 12.29 -22.21
CA SER D 56 -1.76 11.97 -23.46
C SER D 56 -3.04 12.78 -23.61
N THR D 57 -3.25 13.34 -24.80
CA THR D 57 -4.39 14.21 -25.05
C THR D 57 -5.16 13.77 -26.28
N ASN D 58 -6.33 14.36 -26.49
CA ASN D 58 -7.07 14.20 -27.74
C ASN D 58 -8.02 15.37 -27.90
N TYR D 59 -7.86 16.12 -28.98
CA TYR D 59 -8.62 17.34 -29.16
C TYR D 59 -9.69 17.21 -30.24
N ASN D 60 -10.61 18.16 -30.25
CA ASN D 60 -11.57 18.30 -31.33
C ASN D 60 -10.83 18.72 -32.59
N PRO D 61 -11.06 18.00 -33.70
CA PRO D 61 -10.34 18.27 -34.95
C PRO D 61 -10.53 19.70 -35.41
N SER D 62 -11.74 20.23 -35.28
CA SER D 62 -12.03 21.61 -35.65
C SER D 62 -11.31 22.60 -34.72
N LEU D 63 -10.85 22.11 -33.57
CA LEU D 63 -10.14 22.96 -32.61
C LEU D 63 -8.69 22.51 -32.41
N LYS D 64 -8.18 21.65 -33.30
CA LYS D 64 -6.77 21.30 -33.31
C LYS D 64 -6.00 22.52 -33.80
N SER D 65 -4.67 22.52 -33.67
CA SER D 65 -3.84 23.67 -34.00
C SER D 65 -4.31 24.91 -33.25
N ARG D 66 -4.84 24.69 -32.05
CA ARG D 66 -5.56 25.74 -31.35
C ARG D 66 -5.66 25.52 -29.85
N VAL D 67 -6.28 24.40 -29.47
CA VAL D 67 -6.50 24.09 -28.06
C VAL D 67 -5.32 23.30 -27.47
N THR D 68 -5.05 23.50 -26.18
CA THR D 68 -3.99 22.78 -25.50
C THR D 68 -4.35 22.48 -24.05
N ILE D 69 -4.36 21.19 -23.70
CA ILE D 69 -4.76 20.78 -22.35
C ILE D 69 -3.56 20.27 -21.57
N SER D 70 -3.34 20.81 -20.38
CA SER D 70 -2.25 20.35 -19.52
C SER D 70 -2.84 19.79 -18.24
N VAL D 71 -2.03 19.11 -17.42
CA VAL D 71 -2.55 18.50 -16.20
C VAL D 71 -1.48 18.35 -15.11
N ASP D 72 -1.88 18.56 -13.86
CA ASP D 72 -1.03 18.28 -12.72
C ASP D 72 -1.82 17.43 -11.72
N THR D 73 -1.40 16.18 -11.56
CA THR D 73 -2.05 15.23 -10.69
C THR D 73 -1.52 15.31 -9.27
N SER D 74 -0.70 16.31 -9.00
CA SER D 74 -0.14 16.53 -7.68
C SER D 74 -0.92 17.64 -6.99
N LYS D 75 -1.58 18.46 -7.79
CA LYS D 75 -2.41 19.55 -7.30
C LYS D 75 -3.87 19.32 -7.67
N ASN D 76 -4.18 18.11 -8.12
CA ASN D 76 -5.52 17.72 -8.55
C ASN D 76 -6.16 18.74 -9.49
N GLN D 77 -5.46 19.12 -10.55
CA GLN D 77 -6.03 20.11 -11.47
C GLN D 77 -5.54 19.95 -12.90
N PHE D 78 -6.22 20.61 -13.84
CA PHE D 78 -5.78 20.60 -15.24
C PHE D 78 -6.25 21.86 -15.97
N SER D 79 -5.55 22.24 -17.04
CA SER D 79 -5.69 23.59 -17.59
C SER D 79 -5.77 23.68 -19.12
N LEU D 80 -6.18 24.87 -19.60
CA LEU D 80 -6.36 25.11 -21.04
C LEU D 80 -5.87 26.49 -21.49
N LYS D 81 -5.37 26.54 -22.73
CA LYS D 81 -4.93 27.78 -23.39
C LYS D 81 -5.43 27.82 -24.83
N LEU D 82 -6.04 28.94 -25.25
CA LEU D 82 -6.44 29.16 -26.65
C LEU D 82 -7.04 30.56 -26.88
N SER D 83 -6.60 31.28 -27.92
CA SER D 83 -5.41 30.91 -28.69
C SER D 83 -4.39 32.06 -28.89
N SER D 84 -4.65 33.22 -29.53
CA SER D 84 -5.70 33.65 -30.49
C SER D 84 -7.18 33.35 -30.30
N VAL D 85 -7.77 33.82 -29.20
CA VAL D 85 -9.22 33.78 -29.04
C VAL D 85 -9.93 34.69 -30.06
N THR D 86 -11.01 34.20 -30.65
CA THR D 86 -11.81 35.01 -31.57
C THR D 86 -13.02 35.56 -30.86
N ALA D 87 -13.90 36.25 -31.59
CA ALA D 87 -15.05 36.89 -30.98
C ALA D 87 -16.17 35.89 -30.71
N ALA D 88 -16.08 34.71 -31.31
CA ALA D 88 -17.15 33.73 -31.21
C ALA D 88 -16.78 32.49 -30.38
N ASP D 89 -15.94 32.69 -29.37
CA ASP D 89 -15.61 31.59 -28.46
C ASP D 89 -16.22 31.85 -27.10
N THR D 90 -16.98 32.93 -26.99
CA THR D 90 -17.70 33.24 -25.77
C THR D 90 -18.68 32.10 -25.47
N ALA D 91 -18.54 31.48 -24.31
CA ALA D 91 -19.34 30.32 -23.94
C ALA D 91 -19.16 29.98 -22.46
N VAL D 92 -20.00 29.07 -21.97
CA VAL D 92 -19.86 28.54 -20.62
C VAL D 92 -19.02 27.26 -20.66
N TYR D 93 -17.95 27.22 -19.88
CA TYR D 93 -17.04 26.08 -19.92
C TYR D 93 -17.18 25.14 -18.72
N TYR D 94 -17.27 23.85 -19.02
CA TYR D 94 -17.36 22.78 -18.02
C TYR D 94 -16.20 21.78 -18.10
N CYS D 95 -15.73 21.35 -16.93
CA CYS D 95 -14.88 20.16 -16.82
C CYS D 95 -15.77 18.92 -16.68
N ALA D 96 -15.28 17.77 -17.14
CA ALA D 96 -16.07 16.55 -17.10
C ALA D 96 -15.23 15.28 -17.04
N SER D 97 -15.88 14.19 -16.63
CA SER D 97 -15.22 12.90 -16.42
C SER D 97 -15.78 11.78 -17.31
N LEU D 98 -14.94 10.80 -17.63
CA LEU D 98 -15.36 9.59 -18.35
C LEU D 98 -14.57 8.37 -17.85
N PRO D 99 -15.26 7.29 -17.48
CA PRO D 99 -14.64 6.07 -16.92
C PRO D 99 -13.47 5.51 -17.73
N VAL D 104 -15.85 2.72 -24.79
CA VAL D 104 -16.21 2.89 -26.20
C VAL D 104 -17.63 3.45 -26.32
N ASN D 105 -18.50 3.04 -25.41
CA ASN D 105 -19.80 3.67 -25.22
C ASN D 105 -19.65 4.92 -24.35
N ALA D 106 -19.13 5.98 -24.94
CA ALA D 106 -18.66 7.15 -24.19
C ALA D 106 -19.79 8.04 -23.64
N TYR D 107 -19.59 8.52 -22.42
CA TYR D 107 -20.52 9.47 -21.80
C TYR D 107 -19.82 10.33 -20.75
N PHE D 108 -20.34 11.53 -20.54
CA PHE D 108 -19.73 12.45 -19.57
C PHE D 108 -20.52 12.45 -18.27
N ASP D 109 -20.03 11.70 -17.28
CA ASP D 109 -20.64 11.69 -15.96
C ASP D 109 -19.94 12.74 -15.09
N TYR D 110 -20.72 13.50 -14.32
CA TYR D 110 -20.20 14.52 -13.41
C TYR D 110 -19.57 15.71 -14.13
N TRP D 111 -20.25 16.85 -14.08
CA TRP D 111 -19.80 18.06 -14.74
C TRP D 111 -19.39 19.10 -13.70
N GLY D 112 -18.81 20.20 -14.15
CA GLY D 112 -18.48 21.31 -13.27
C GLY D 112 -19.73 22.11 -12.93
N GLN D 113 -19.54 23.38 -12.61
CA GLN D 113 -20.66 24.28 -12.34
C GLN D 113 -20.73 25.34 -13.43
N GLY D 114 -19.63 25.44 -14.18
CA GLY D 114 -19.58 26.26 -15.38
C GLY D 114 -18.93 27.61 -15.19
N THR D 115 -18.09 28.03 -16.13
CA THR D 115 -17.54 29.39 -16.11
C THR D 115 -17.87 30.13 -17.39
N LEU D 116 -18.60 31.23 -17.26
CA LEU D 116 -18.99 32.01 -18.43
C LEU D 116 -17.86 32.94 -18.84
N VAL D 117 -17.28 32.67 -20.00
CA VAL D 117 -16.21 33.52 -20.53
C VAL D 117 -16.70 34.30 -21.73
N THR D 118 -16.75 35.62 -21.61
CA THR D 118 -17.16 36.47 -22.71
C THR D 118 -15.89 37.04 -23.33
N VAL D 119 -15.87 37.20 -24.64
CA VAL D 119 -14.71 37.77 -25.31
C VAL D 119 -15.10 39.06 -26.01
N SER D 120 -14.37 40.14 -25.73
CA SER D 120 -14.74 41.46 -26.23
C SER D 120 -13.59 42.46 -26.16
N SER D 121 -13.51 43.35 -27.15
CA SER D 121 -12.52 44.42 -27.15
C SER D 121 -12.84 45.42 -26.04
N ALA D 122 -14.08 45.37 -25.56
CA ALA D 122 -14.53 46.24 -24.49
C ALA D 122 -13.81 45.93 -23.19
N SER D 123 -13.91 46.85 -22.23
CA SER D 123 -13.28 46.66 -20.94
C SER D 123 -14.31 46.24 -19.92
N THR D 124 -13.85 45.76 -18.76
CA THR D 124 -14.75 45.38 -17.69
C THR D 124 -15.21 46.64 -16.98
N LYS D 125 -16.37 46.56 -16.33
CA LYS D 125 -16.83 47.67 -15.50
C LYS D 125 -17.56 47.11 -14.29
N GLY D 126 -17.10 47.48 -13.10
CA GLY D 126 -17.75 47.07 -11.88
C GLY D 126 -19.14 47.66 -11.85
N PRO D 127 -20.06 47.02 -11.11
CA PRO D 127 -21.44 47.50 -11.13
C PRO D 127 -21.67 48.64 -10.16
N SER D 128 -22.66 49.47 -10.46
CA SER D 128 -23.12 50.48 -9.54
C SER D 128 -24.48 50.04 -9.03
N VAL D 129 -24.56 49.69 -7.76
CA VAL D 129 -25.76 49.11 -7.20
C VAL D 129 -26.50 50.07 -6.27
N PHE D 130 -27.80 50.24 -6.52
CA PHE D 130 -28.60 51.19 -5.75
C PHE D 130 -29.78 50.45 -5.12
N PRO D 131 -30.27 50.93 -3.97
CA PRO D 131 -31.30 50.21 -3.23
C PRO D 131 -32.72 50.52 -3.70
N LEU D 132 -33.48 49.46 -3.99
CA LEU D 132 -34.92 49.60 -4.17
C LEU D 132 -35.57 49.39 -2.82
N ALA D 133 -35.60 50.47 -2.03
CA ALA D 133 -36.14 50.46 -0.68
C ALA D 133 -37.63 50.19 -0.70
N PRO D 134 -38.12 49.47 0.31
CA PRO D 134 -39.54 49.13 0.33
C PRO D 134 -40.39 50.25 0.90
N SER D 135 -41.65 49.94 1.22
CA SER D 135 -42.53 50.81 2.00
C SER D 135 -43.02 52.03 1.23
N SER D 136 -44.29 52.40 1.41
CA SER D 136 -45.31 51.58 2.07
C SER D 136 -46.71 52.00 1.62
N LYS D 137 -47.22 51.57 0.46
CA LYS D 137 -46.61 50.67 -0.54
C LYS D 137 -45.26 51.12 -1.08
N SER D 138 -44.39 50.20 -1.50
CA SER D 138 -44.69 48.77 -1.61
C SER D 138 -44.27 47.98 -0.37
N THR D 139 -45.06 46.97 0.03
CA THR D 139 -46.19 46.48 -0.77
C THR D 139 -47.43 46.13 0.05
N SER D 140 -48.16 45.15 -0.47
CA SER D 140 -49.43 44.71 0.10
C SER D 140 -49.41 43.20 0.27
N GLY D 141 -50.01 42.69 1.34
CA GLY D 141 -50.71 43.52 2.31
C GLY D 141 -50.26 43.10 3.69
N GLY D 142 -49.28 43.83 4.21
CA GLY D 142 -48.63 43.45 5.45
C GLY D 142 -47.29 42.83 5.12
N THR D 143 -47.13 42.44 3.87
CA THR D 143 -45.86 41.92 3.38
C THR D 143 -45.22 42.89 2.39
N ALA D 144 -43.98 43.27 2.66
CA ALA D 144 -43.25 44.20 1.80
C ALA D 144 -42.22 43.52 0.90
N ALA D 145 -41.83 44.23 -0.14
CA ALA D 145 -40.79 43.74 -1.05
C ALA D 145 -39.70 44.79 -1.19
N LEU D 146 -38.46 44.35 -1.13
CA LEU D 146 -37.32 45.27 -1.24
C LEU D 146 -36.26 44.62 -2.10
N GLY D 147 -35.41 45.43 -2.74
CA GLY D 147 -34.45 44.86 -3.66
C GLY D 147 -33.18 45.62 -3.91
N CYS D 148 -32.33 45.04 -4.77
CA CYS D 148 -31.07 45.67 -5.17
C CYS D 148 -30.99 45.81 -6.68
N LEU D 149 -30.72 47.03 -7.13
CA LEU D 149 -30.56 47.33 -8.54
C LEU D 149 -29.09 47.35 -8.90
N VAL D 150 -28.63 46.27 -9.53
CA VAL D 150 -27.25 46.15 -9.99
C VAL D 150 -27.16 46.75 -11.40
N LYS D 151 -26.56 47.93 -11.52
CA LYS D 151 -26.70 48.69 -12.76
C LYS D 151 -25.37 49.02 -13.45
N ASP D 152 -25.36 48.94 -14.78
CA ASP D 152 -24.21 49.26 -15.60
C ASP D 152 -22.93 48.53 -15.19
N TYR D 153 -22.80 47.30 -15.67
CA TYR D 153 -21.61 46.49 -15.44
C TYR D 153 -21.30 45.66 -16.69
N PHE D 154 -20.12 45.06 -16.73
CA PHE D 154 -19.74 44.23 -17.86
C PHE D 154 -18.49 43.45 -17.50
N PRO D 155 -18.47 42.15 -17.82
CA PRO D 155 -19.58 41.40 -18.42
C PRO D 155 -20.32 40.55 -17.39
N GLU D 156 -21.23 39.71 -17.88
CA GLU D 156 -21.90 38.73 -17.05
C GLU D 156 -20.85 37.76 -16.51
N PRO D 157 -21.16 37.11 -15.36
CA PRO D 157 -22.40 37.19 -14.61
C PRO D 157 -22.31 37.99 -13.31
N VAL D 158 -23.46 38.18 -12.66
CA VAL D 158 -23.52 38.73 -11.33
C VAL D 158 -24.39 37.82 -10.48
N THR D 159 -23.92 37.51 -9.28
CA THR D 159 -24.67 36.68 -8.35
C THR D 159 -25.22 37.58 -7.27
N VAL D 160 -26.49 37.43 -6.93
CA VAL D 160 -27.05 38.24 -5.86
C VAL D 160 -27.60 37.34 -4.77
N SER D 161 -27.10 37.52 -3.56
CA SER D 161 -27.61 36.77 -2.41
C SER D 161 -28.15 37.77 -1.41
N TRP D 162 -28.65 37.29 -0.28
CA TRP D 162 -29.20 38.19 0.73
C TRP D 162 -28.82 37.71 2.13
N ASN D 163 -28.27 38.63 2.93
CA ASN D 163 -27.80 38.33 4.27
C ASN D 163 -26.84 37.14 4.29
N SER D 164 -25.86 37.18 3.39
CA SER D 164 -24.85 36.12 3.24
C SER D 164 -25.49 34.76 2.93
N GLY D 165 -26.49 34.78 2.06
CA GLY D 165 -27.14 33.57 1.62
C GLY D 165 -28.05 32.94 2.66
N ALA D 166 -28.37 33.70 3.69
CA ALA D 166 -29.30 33.23 4.70
C ALA D 166 -30.73 33.29 4.19
N LEU D 167 -30.97 34.23 3.27
CA LEU D 167 -32.30 34.42 2.69
C LEU D 167 -32.40 33.72 1.34
N THR D 168 -33.06 32.57 1.33
CA THR D 168 -33.31 31.84 0.09
C THR D 168 -34.81 31.86 -0.21
N SER D 169 -35.61 32.13 0.81
CA SER D 169 -37.06 32.16 0.68
C SER D 169 -37.57 33.54 0.28
N GLY D 170 -38.48 33.57 -0.69
CA GLY D 170 -39.07 34.82 -1.15
C GLY D 170 -38.12 35.66 -1.97
N VAL D 171 -36.98 35.09 -2.32
CA VAL D 171 -35.96 35.80 -3.10
C VAL D 171 -36.04 35.41 -4.58
N HIS D 172 -35.90 36.40 -5.46
CA HIS D 172 -35.77 36.14 -6.89
C HIS D 172 -34.74 37.09 -7.47
N THR D 173 -33.84 36.57 -8.31
CA THR D 173 -32.89 37.42 -9.01
C THR D 173 -33.28 37.40 -10.48
N PHE D 174 -33.35 38.57 -11.11
CA PHE D 174 -33.88 38.67 -12.46
C PHE D 174 -32.79 38.56 -13.51
N PRO D 175 -33.16 38.16 -14.74
CA PRO D 175 -32.15 38.14 -15.80
C PRO D 175 -31.73 39.55 -16.15
N ALA D 176 -30.54 39.70 -16.73
CA ALA D 176 -30.03 41.03 -17.01
C ALA D 176 -30.63 41.58 -18.29
N VAL D 177 -30.40 42.87 -18.54
CA VAL D 177 -30.84 43.47 -19.78
C VAL D 177 -29.66 44.23 -20.38
N LEU D 178 -29.38 43.96 -21.66
CA LEU D 178 -28.30 44.63 -22.35
C LEU D 178 -28.81 45.95 -22.92
N GLN D 179 -28.50 47.05 -22.24
CA GLN D 179 -28.97 48.36 -22.68
C GLN D 179 -28.03 48.93 -23.74
N SER D 180 -28.52 49.93 -24.46
CA SER D 180 -27.82 50.55 -25.59
C SER D 180 -26.34 50.87 -25.33
N SER D 181 -26.01 51.17 -24.08
CA SER D 181 -24.64 51.50 -23.70
C SER D 181 -23.67 50.36 -24.02
N GLY D 182 -24.16 49.13 -24.01
CA GLY D 182 -23.32 47.97 -24.26
C GLY D 182 -22.90 47.33 -22.97
N LEU D 183 -23.47 47.80 -21.87
CA LEU D 183 -23.23 47.19 -20.56
C LEU D 183 -24.47 46.41 -20.11
N TYR D 184 -24.38 45.77 -18.96
CA TYR D 184 -25.48 44.96 -18.46
C TYR D 184 -26.12 45.60 -17.23
N SER D 185 -27.34 45.18 -16.92
CA SER D 185 -28.06 45.68 -15.76
C SER D 185 -29.13 44.68 -15.34
N LEU D 186 -29.31 44.53 -14.03
CA LEU D 186 -30.33 43.64 -13.50
C LEU D 186 -30.80 44.14 -12.14
N SER D 187 -31.85 43.51 -11.62
CA SER D 187 -32.36 43.85 -10.31
C SER D 187 -32.82 42.57 -9.63
N SER D 188 -32.58 42.48 -8.33
CA SER D 188 -33.01 41.34 -7.53
C SER D 188 -33.99 41.80 -6.46
N VAL D 189 -34.91 40.93 -6.07
CA VAL D 189 -35.93 41.28 -5.08
C VAL D 189 -36.09 40.21 -4.03
N VAL D 190 -36.59 40.62 -2.87
CA VAL D 190 -36.91 39.69 -1.78
C VAL D 190 -38.18 40.22 -1.11
N THR D 191 -39.07 39.29 -0.77
CA THR D 191 -40.31 39.64 -0.08
C THR D 191 -40.23 39.20 1.37
N VAL D 192 -40.33 40.17 2.27
CA VAL D 192 -40.21 39.93 3.70
C VAL D 192 -41.43 40.52 4.39
N PRO D 193 -41.72 40.09 5.63
CA PRO D 193 -42.82 40.75 6.32
C PRO D 193 -42.52 42.24 6.54
N SER D 194 -43.52 43.10 6.38
CA SER D 194 -43.33 44.52 6.63
C SER D 194 -42.88 44.69 8.07
N SER D 195 -43.70 44.16 8.98
CA SER D 195 -43.41 44.13 10.42
C SER D 195 -41.93 43.98 10.77
N SER D 196 -41.24 43.04 10.13
CA SER D 196 -39.83 42.78 10.39
C SER D 196 -38.94 44.02 10.28
N LEU D 197 -39.21 44.86 9.28
CA LEU D 197 -38.44 46.07 9.02
C LEU D 197 -38.17 46.92 10.27
N GLY D 198 -36.90 47.28 10.47
CA GLY D 198 -36.50 48.02 11.65
C GLY D 198 -35.97 47.07 12.71
N THR D 199 -36.63 45.93 12.86
CA THR D 199 -36.21 44.90 13.80
C THR D 199 -35.25 43.92 13.13
N GLN D 200 -35.00 44.13 11.85
CA GLN D 200 -34.19 43.22 11.03
C GLN D 200 -33.32 44.02 10.08
N THR D 201 -32.14 43.50 9.74
CA THR D 201 -31.25 44.18 8.82
C THR D 201 -31.26 43.44 7.48
N TYR D 202 -31.38 44.17 6.38
CA TYR D 202 -31.45 43.53 5.08
C TYR D 202 -30.35 44.05 4.17
N ILE D 203 -29.60 43.12 3.59
CA ILE D 203 -28.42 43.45 2.82
C ILE D 203 -28.38 42.62 1.53
N CYS D 204 -28.23 43.28 0.39
CA CYS D 204 -28.10 42.56 -0.87
C CYS D 204 -26.61 42.37 -1.13
N ASN D 205 -26.23 41.13 -1.37
CA ASN D 205 -24.84 40.80 -1.63
C ASN D 205 -24.63 40.60 -3.11
N VAL D 206 -23.97 41.58 -3.73
CA VAL D 206 -23.73 41.60 -5.17
C VAL D 206 -22.32 41.07 -5.43
N ASN D 207 -22.22 40.14 -6.37
CA ASN D 207 -20.98 39.44 -6.66
C ASN D 207 -20.66 39.49 -8.14
N HIS D 208 -19.63 40.24 -8.49
CA HIS D 208 -19.17 40.38 -9.86
C HIS D 208 -17.71 39.96 -10.01
N LYS D 209 -17.49 38.74 -10.51
CA LYS D 209 -16.14 38.19 -10.58
C LYS D 209 -15.19 38.83 -11.61
N PRO D 210 -15.68 39.20 -12.82
CA PRO D 210 -14.69 39.62 -13.81
C PRO D 210 -13.89 40.87 -13.44
N SER D 211 -14.43 41.70 -12.57
CA SER D 211 -13.69 42.87 -12.09
C SER D 211 -13.36 42.70 -10.61
N ASN D 212 -13.66 41.51 -10.09
CA ASN D 212 -13.37 41.14 -8.71
C ASN D 212 -13.95 42.08 -7.65
N THR D 213 -14.81 43.01 -8.06
CA THR D 213 -15.44 43.91 -7.11
C THR D 213 -16.62 43.17 -6.49
N LYS D 214 -16.91 43.49 -5.24
CA LYS D 214 -17.94 42.78 -4.48
C LYS D 214 -18.68 43.73 -3.56
N VAL D 215 -19.97 43.95 -3.80
CA VAL D 215 -20.70 44.92 -2.98
C VAL D 215 -21.63 44.20 -2.02
N ASP D 216 -22.01 44.89 -0.94
CA ASP D 216 -22.95 44.36 0.03
C ASP D 216 -23.82 45.53 0.48
N LYS D 217 -24.73 45.97 -0.39
CA LYS D 217 -25.49 47.18 -0.14
C LYS D 217 -26.56 46.92 0.92
N ARG D 218 -26.96 47.95 1.66
CA ARG D 218 -27.94 47.77 2.72
C ARG D 218 -29.22 48.51 2.41
N VAL D 219 -30.31 47.76 2.34
CA VAL D 219 -31.61 48.29 1.95
C VAL D 219 -32.48 48.54 3.18
N GLU D 220 -32.89 49.79 3.35
CA GLU D 220 -33.72 50.21 4.48
C GLU D 220 -34.84 51.11 3.98
N PRO D 221 -36.04 50.98 4.59
CA PRO D 221 -37.25 51.69 4.15
C PRO D 221 -37.06 53.20 3.97
N LYS D 222 -37.92 53.80 3.16
CA LYS D 222 -37.80 55.21 2.81
C LYS D 222 -38.15 56.12 3.99
N SER D 223 -37.57 57.32 3.99
CA SER D 223 -37.83 58.30 5.05
C SER D 223 -39.25 58.84 4.96
N TYR E 2 3.52 -1.61 -12.16
CA TYR E 2 4.22 -0.43 -11.67
C TYR E 2 4.85 -0.79 -10.32
N GLU E 3 6.16 -0.61 -10.19
CA GLU E 3 6.80 -0.96 -8.92
C GLU E 3 8.03 -0.11 -8.60
N LEU E 4 8.38 -0.07 -7.32
CA LEU E 4 9.53 0.69 -6.87
C LEU E 4 10.76 -0.21 -6.88
N THR E 5 11.82 0.24 -7.57
CA THR E 5 13.00 -0.61 -7.70
C THR E 5 14.03 -0.24 -6.62
N GLN E 6 14.49 -1.26 -5.92
CA GLN E 6 15.58 -1.10 -4.97
C GLN E 6 16.51 -2.30 -5.14
N PRO E 7 17.79 -2.18 -4.74
CA PRO E 7 18.65 -3.33 -4.99
C PRO E 7 18.26 -4.55 -4.16
N PRO E 8 18.61 -5.75 -4.63
CA PRO E 8 18.27 -6.97 -3.91
C PRO E 8 19.40 -7.34 -2.96
N SER E 9 20.52 -6.63 -3.10
CA SER E 9 21.69 -6.88 -2.30
C SER E 9 22.41 -5.59 -1.90
N VAL E 10 22.83 -5.53 -0.64
CA VAL E 10 23.66 -4.46 -0.12
C VAL E 10 24.66 -5.09 0.85
N SER E 11 25.91 -4.64 0.79
CA SER E 11 26.97 -5.29 1.56
C SER E 11 27.64 -4.32 2.52
N VAL E 12 27.87 -4.78 3.75
CA VAL E 12 28.37 -3.90 4.80
C VAL E 12 29.16 -4.63 5.89
N SER E 13 30.14 -3.94 6.46
CA SER E 13 30.95 -4.44 7.57
C SER E 13 30.46 -3.78 8.86
N PRO E 14 30.71 -4.40 10.02
CA PRO E 14 30.22 -3.79 11.27
C PRO E 14 30.77 -2.40 11.54
N GLY E 15 29.87 -1.47 11.88
CA GLY E 15 30.24 -0.10 12.19
C GLY E 15 30.31 0.87 11.02
N GLN E 16 30.29 0.34 9.79
CA GLN E 16 30.29 1.20 8.61
C GLN E 16 28.85 1.62 8.28
N THR E 17 28.69 2.46 7.27
CA THR E 17 27.39 3.06 6.96
C THR E 17 26.75 2.50 5.69
N ALA E 18 25.50 2.05 5.83
CA ALA E 18 24.76 1.42 4.73
C ALA E 18 23.65 2.31 4.19
N SER E 19 23.59 2.41 2.86
CA SER E 19 22.60 3.25 2.19
C SER E 19 21.77 2.44 1.19
N ILE E 20 20.46 2.50 1.33
CA ILE E 20 19.56 1.75 0.46
C ILE E 20 18.73 2.71 -0.37
N THR E 21 18.55 2.42 -1.66
CA THR E 21 17.87 3.35 -2.56
C THR E 21 16.60 2.76 -3.14
N CYS E 22 15.48 3.42 -2.85
CA CYS E 22 14.18 3.09 -3.42
C CYS E 22 13.94 4.10 -4.54
N SER E 23 13.42 3.67 -5.68
CA SER E 23 13.38 4.57 -6.85
C SER E 23 12.17 4.40 -7.78
N GLY E 24 11.44 5.50 -7.95
CA GLY E 24 10.36 5.59 -8.92
C GLY E 24 10.43 6.91 -9.69
N ASP E 25 9.40 7.18 -10.50
CA ASP E 25 9.36 8.43 -11.25
C ASP E 25 8.00 9.11 -11.11
N LYS E 26 7.97 10.21 -10.35
CA LYS E 26 9.13 10.66 -9.59
C LYS E 26 9.06 10.19 -8.14
N LEU E 27 9.54 11.04 -7.23
CA LEU E 27 9.47 10.83 -5.80
C LEU E 27 9.73 12.16 -5.08
N GLY E 28 9.98 12.12 -3.78
CA GLY E 28 10.11 13.35 -3.01
C GLY E 28 8.76 14.04 -2.87
N ASP E 29 8.15 14.41 -4.00
CA ASP E 29 6.78 14.91 -4.01
C ASP E 29 5.79 13.80 -3.59
N LYS E 30 6.33 12.59 -3.43
CA LYS E 30 5.60 11.47 -2.87
C LYS E 30 6.31 11.07 -1.59
N TYR E 31 5.56 10.60 -0.60
CA TYR E 31 6.16 10.28 0.68
C TYR E 31 6.60 8.82 0.72
N ALA E 32 7.86 8.61 1.06
CA ALA E 32 8.42 7.26 1.09
C ALA E 32 8.73 6.82 2.52
N CYS E 33 8.08 5.74 2.94
CA CYS E 33 8.30 5.18 4.27
C CYS E 33 9.09 3.88 4.13
N TRP E 34 9.53 3.33 5.26
CA TRP E 34 10.41 2.16 5.22
C TRP E 34 10.03 1.13 6.26
N TYR E 35 10.00 -0.13 5.82
CA TYR E 35 9.64 -1.26 6.68
C TYR E 35 10.80 -2.23 6.78
N GLN E 36 10.99 -2.81 7.97
CA GLN E 36 12.02 -3.81 8.19
C GLN E 36 11.38 -5.15 8.49
N GLN E 37 11.88 -6.22 7.88
CA GLN E 37 11.32 -7.55 8.12
C GLN E 37 12.42 -8.57 8.40
N LYS E 38 12.42 -9.09 9.62
CA LYS E 38 13.34 -10.14 10.01
C LYS E 38 12.72 -11.47 9.59
N PRO E 39 13.57 -12.50 9.38
CA PRO E 39 13.00 -13.74 8.84
C PRO E 39 12.06 -14.41 9.84
N GLY E 40 10.94 -14.90 9.35
CA GLY E 40 9.98 -15.58 10.20
C GLY E 40 9.00 -14.64 10.88
N GLN E 41 9.36 -13.36 10.99
CA GLN E 41 8.49 -12.38 11.64
C GLN E 41 7.86 -11.40 10.65
N SER E 42 6.77 -10.76 11.08
CA SER E 42 6.09 -9.77 10.25
C SER E 42 6.87 -8.46 10.31
N PRO E 43 6.71 -7.60 9.28
CA PRO E 43 7.47 -6.35 9.25
C PRO E 43 7.19 -5.41 10.41
N VAL E 44 8.06 -4.41 10.57
CA VAL E 44 7.94 -3.41 11.63
C VAL E 44 8.35 -2.05 11.08
N LEU E 45 7.56 -1.02 11.40
CA LEU E 45 7.83 0.32 10.89
C LEU E 45 9.17 0.84 11.40
N VAL E 46 10.07 1.17 10.48
CA VAL E 46 11.35 1.74 10.87
C VAL E 46 11.41 3.21 10.43
N ILE E 47 10.69 3.53 9.35
CA ILE E 47 10.62 4.92 8.92
C ILE E 47 9.21 5.27 8.44
N TYR E 48 8.71 6.44 8.84
CA TYR E 48 7.46 6.96 8.28
C TYR E 48 7.66 8.43 7.92
N GLN E 49 6.95 8.89 6.89
CA GLN E 49 7.11 10.25 6.39
C GLN E 49 8.57 10.62 6.10
N ASP E 50 9.18 9.89 5.18
CA ASP E 50 10.54 10.17 4.68
C ASP E 50 11.65 10.09 5.72
N SER E 51 11.58 10.91 6.77
CA SER E 51 12.70 11.07 7.70
C SER E 51 12.37 10.67 9.14
N LYS E 52 11.10 10.73 9.50
CA LYS E 52 10.70 10.39 10.86
C LYS E 52 10.86 8.92 11.16
N ARG E 53 10.85 8.58 12.45
CA ARG E 53 11.03 7.22 12.91
C ARG E 53 10.09 6.99 14.09
N PRO E 54 9.49 5.79 14.15
CA PRO E 54 8.51 5.44 15.18
C PRO E 54 9.09 5.36 16.58
N SER E 55 8.24 5.06 17.56
CA SER E 55 8.68 4.98 18.94
C SER E 55 9.12 3.55 19.24
N GLY E 56 10.41 3.41 19.53
CA GLY E 56 10.99 2.12 19.80
C GLY E 56 12.11 1.82 18.80
N ILE E 57 12.39 2.80 17.95
CA ILE E 57 13.46 2.68 16.97
C ILE E 57 14.62 3.60 17.38
N PRO E 58 15.85 3.05 17.40
CA PRO E 58 17.00 3.77 17.96
C PRO E 58 17.55 4.88 17.06
N GLU E 59 18.26 5.82 17.67
CA GLU E 59 18.93 6.94 16.99
C GLU E 59 19.48 6.59 15.60
N ARG E 60 20.24 5.51 15.51
CA ARG E 60 20.90 5.12 14.27
C ARG E 60 19.93 4.57 13.23
N PHE E 61 18.96 5.38 12.83
CA PHE E 61 18.03 5.00 11.78
C PHE E 61 17.44 6.25 11.12
N SER E 62 17.93 6.57 9.94
CA SER E 62 17.50 7.77 9.24
C SER E 62 17.30 7.52 7.75
N GLY E 63 16.25 8.11 7.19
CA GLY E 63 15.95 7.98 5.78
C GLY E 63 15.74 9.34 5.16
N SER E 64 16.15 9.50 3.91
CA SER E 64 15.96 10.76 3.20
C SER E 64 15.11 10.55 1.94
N ASN E 65 14.88 11.62 1.20
CA ASN E 65 14.06 11.56 -0.01
C ASN E 65 14.35 12.77 -0.91
N SER E 66 14.62 12.52 -2.18
CA SER E 66 14.92 13.61 -3.11
C SER E 66 14.79 13.18 -4.56
N GLY E 67 14.32 14.10 -5.42
CA GLY E 67 14.15 13.84 -6.84
C GLY E 67 13.39 12.57 -7.18
N ASN E 68 14.15 11.55 -7.60
CA ASN E 68 13.56 10.28 -8.04
C ASN E 68 14.06 9.12 -7.20
N THR E 69 14.64 9.43 -6.04
CA THR E 69 15.19 8.42 -5.15
C THR E 69 14.97 8.76 -3.68
N ALA E 70 14.34 7.83 -2.97
CA ALA E 70 14.28 7.88 -1.52
C ALA E 70 15.41 6.99 -1.00
N THR E 71 15.96 7.32 0.16
CA THR E 71 17.04 6.49 0.68
C THR E 71 16.84 6.17 2.15
N LEU E 72 17.61 5.20 2.63
CA LEU E 72 17.63 4.90 4.05
C LEU E 72 19.09 4.74 4.42
N THR E 73 19.49 5.31 5.56
CA THR E 73 20.89 5.26 5.99
C THR E 73 20.97 4.66 7.38
N ILE E 74 21.94 3.77 7.58
CA ILE E 74 22.07 3.08 8.87
C ILE E 74 23.45 3.35 9.45
N SER E 75 23.56 4.43 10.25
CA SER E 75 24.85 4.79 10.84
C SER E 75 25.27 3.74 11.86
N GLY E 76 26.52 3.29 11.75
CA GLY E 76 27.04 2.28 12.64
C GLY E 76 26.23 0.99 12.56
N THR E 77 26.26 0.34 11.40
CA THR E 77 25.46 -0.86 11.22
C THR E 77 25.92 -1.97 12.16
N GLN E 78 24.97 -2.60 12.83
CA GLN E 78 25.28 -3.67 13.78
C GLN E 78 24.62 -4.99 13.41
N ALA E 79 24.98 -6.05 14.12
CA ALA E 79 24.49 -7.38 13.82
C ALA E 79 22.99 -7.50 14.01
N MET E 80 22.41 -6.60 14.81
CA MET E 80 20.96 -6.62 15.04
C MET E 80 20.18 -6.30 13.78
N ASP E 81 20.89 -5.77 12.78
CA ASP E 81 20.26 -5.31 11.55
C ASP E 81 20.63 -6.18 10.34
N GLU E 82 20.22 -7.44 10.35
CA GLU E 82 20.44 -8.34 9.21
C GLU E 82 19.14 -8.79 8.59
N ALA E 83 18.29 -7.85 8.22
CA ALA E 83 16.94 -8.17 7.77
C ALA E 83 16.69 -7.76 6.32
N ASP E 84 15.44 -7.92 5.90
CA ASP E 84 15.01 -7.41 4.61
C ASP E 84 14.42 -6.01 4.82
N TYR E 85 14.44 -5.19 3.78
CA TYR E 85 13.98 -3.82 3.89
C TYR E 85 13.10 -3.46 2.71
N TYR E 86 11.91 -2.94 3.00
CA TYR E 86 10.98 -2.60 1.93
C TYR E 86 10.63 -1.12 1.89
N CYS E 87 10.34 -0.64 0.69
CA CYS E 87 9.96 0.73 0.45
C CYS E 87 8.45 0.75 0.25
N GLN E 88 7.85 1.94 0.24
CA GLN E 88 6.42 2.07 -0.06
C GLN E 88 6.09 3.45 -0.56
N ALA E 89 5.17 3.50 -1.52
CA ALA E 89 4.59 4.74 -2.01
C ALA E 89 3.13 4.48 -2.35
N TRP E 90 2.65 5.16 -3.37
CA TRP E 90 1.35 4.85 -4.00
C TRP E 90 1.56 4.44 -5.45
N ASP E 91 1.72 5.39 -6.38
CA ASP E 91 2.07 5.03 -7.76
C ASP E 91 1.12 4.11 -8.53
N SER E 92 0.31 4.68 -9.43
CA SER E 92 0.10 6.12 -9.57
C SER E 92 -1.36 6.28 -9.97
N PHE E 93 -2.21 5.44 -9.39
CA PHE E 93 -3.59 5.35 -9.86
C PHE E 93 -4.76 5.28 -8.84
N SER E 94 -4.55 5.28 -7.52
CA SER E 94 -3.28 5.51 -6.85
C SER E 94 -3.12 4.58 -5.65
N THR E 95 -3.47 3.32 -5.85
CA THR E 95 -3.37 2.32 -4.80
C THR E 95 -1.93 2.13 -4.37
N PHE E 96 -1.76 1.39 -3.29
CA PHE E 96 -0.48 1.26 -2.60
C PHE E 96 0.45 0.24 -3.26
N VAL E 97 1.75 0.47 -3.12
CA VAL E 97 2.75 -0.38 -3.76
C VAL E 97 3.98 -0.40 -2.86
N PHE E 98 4.66 -1.53 -2.84
CA PHE E 98 5.86 -1.68 -2.02
C PHE E 98 7.09 -1.82 -2.89
N GLY E 99 8.26 -1.79 -2.27
CA GLY E 99 9.50 -1.99 -2.99
C GLY E 99 9.67 -3.43 -3.41
N THR E 100 10.83 -3.78 -3.94
CA THR E 100 11.06 -5.14 -4.38
C THR E 100 11.80 -5.96 -3.33
N GLY E 101 12.39 -5.29 -2.35
CA GLY E 101 13.08 -5.96 -1.27
C GLY E 101 14.58 -5.80 -1.32
N THR E 102 15.20 -5.55 -0.17
CA THR E 102 16.65 -5.35 -0.08
C THR E 102 17.29 -6.18 1.04
N LYS E 103 18.36 -6.90 0.70
CA LYS E 103 19.00 -7.80 1.66
C LYS E 103 20.30 -7.22 2.23
N VAL E 104 20.23 -6.73 3.46
CA VAL E 104 21.43 -6.25 4.13
C VAL E 104 22.21 -7.44 4.72
N THR E 105 23.52 -7.29 4.82
CA THR E 105 24.38 -8.35 5.35
C THR E 105 25.59 -7.74 6.05
N VAL E 106 25.71 -7.97 7.36
CA VAL E 106 26.91 -7.53 8.06
C VAL E 106 27.88 -8.71 8.13
N LEU E 107 28.97 -8.61 7.37
CA LEU E 107 29.94 -9.68 7.33
C LEU E 107 31.22 -9.22 8.04
N GLY E 108 32.22 -10.09 8.10
CA GLY E 108 33.39 -9.81 8.89
C GLY E 108 33.04 -10.23 10.30
N GLN E 109 32.13 -11.20 10.40
CA GLN E 109 31.67 -11.73 11.67
C GLN E 109 32.54 -12.92 12.05
N PRO E 110 32.52 -13.32 13.34
CA PRO E 110 33.35 -14.48 13.69
C PRO E 110 32.93 -15.76 12.98
N LYS E 111 33.90 -16.61 12.64
CA LYS E 111 33.61 -17.94 12.13
C LYS E 111 33.25 -18.88 13.27
N ALA E 112 32.72 -20.05 12.92
CA ALA E 112 32.32 -21.04 13.90
C ALA E 112 32.16 -22.40 13.24
N ALA E 113 32.89 -23.39 13.76
CA ALA E 113 32.77 -24.74 13.24
C ALA E 113 31.40 -25.28 13.62
N PRO E 114 30.74 -25.97 12.68
CA PRO E 114 29.37 -26.41 12.96
C PRO E 114 29.29 -27.54 13.98
N SER E 115 28.29 -27.45 14.84
CA SER E 115 28.02 -28.54 15.76
C SER E 115 26.95 -29.41 15.12
N VAL E 116 27.31 -30.66 14.90
CA VAL E 116 26.47 -31.63 14.21
C VAL E 116 25.96 -32.68 15.20
N THR E 117 24.73 -33.12 15.00
CA THR E 117 24.15 -34.16 15.85
C THR E 117 23.31 -35.11 14.99
N LEU E 118 23.64 -36.39 14.99
CA LEU E 118 22.95 -37.36 14.13
C LEU E 118 22.03 -38.26 14.94
N PHE E 119 20.74 -38.16 14.67
CA PHE E 119 19.75 -39.00 15.32
C PHE E 119 19.35 -40.17 14.42
N PRO E 120 19.37 -41.39 14.99
CA PRO E 120 18.96 -42.60 14.29
C PRO E 120 17.44 -42.71 14.27
N PRO E 121 16.88 -43.58 13.42
CA PRO E 121 15.41 -43.72 13.43
C PRO E 121 14.90 -44.23 14.78
N SER E 122 13.90 -43.56 15.34
CA SER E 122 13.30 -43.97 16.60
C SER E 122 12.60 -45.32 16.48
N SER E 123 12.02 -45.79 17.57
CA SER E 123 11.38 -47.10 17.60
C SER E 123 10.09 -47.09 16.79
N GLU E 124 9.22 -46.13 17.08
CA GLU E 124 7.91 -46.00 16.42
C GLU E 124 7.96 -46.16 14.89
N GLU E 125 8.85 -45.39 14.26
CA GLU E 125 8.98 -45.41 12.81
C GLU E 125 9.43 -46.78 12.32
N LEU E 126 10.36 -47.40 13.06
CA LEU E 126 10.76 -48.78 12.78
C LEU E 126 9.52 -49.69 12.82
N GLN E 127 8.80 -49.65 13.94
CA GLN E 127 7.57 -50.39 14.11
C GLN E 127 6.43 -49.75 13.31
N ALA E 128 6.79 -49.12 12.19
CA ALA E 128 5.82 -48.57 11.24
C ALA E 128 6.31 -48.66 9.80
N ASN E 129 7.25 -49.58 9.56
CA ASN E 129 7.82 -49.83 8.23
C ASN E 129 8.43 -48.56 7.62
N LYS E 130 9.14 -47.80 8.46
CA LYS E 130 9.77 -46.59 7.97
C LYS E 130 11.02 -46.26 8.80
N ALA E 131 11.95 -45.53 8.19
CA ALA E 131 13.14 -45.09 8.91
C ALA E 131 13.64 -43.78 8.30
N THR E 132 14.08 -42.87 9.16
CA THR E 132 14.60 -41.59 8.67
C THR E 132 15.70 -41.07 9.59
N LEU E 133 16.89 -40.91 9.03
CA LEU E 133 18.02 -40.39 9.81
C LEU E 133 18.03 -38.86 9.78
N VAL E 134 18.37 -38.26 10.93
CA VAL E 134 18.27 -36.81 11.06
C VAL E 134 19.59 -36.17 11.46
N CYS E 135 20.21 -35.48 10.50
CA CYS E 135 21.48 -34.79 10.73
C CYS E 135 21.21 -33.32 11.04
N LEU E 136 21.64 -32.88 12.21
CA LEU E 136 21.31 -31.53 12.64
C LEU E 136 22.54 -30.64 12.76
N ILE E 137 22.57 -29.56 12.00
CA ILE E 137 23.70 -28.64 11.98
C ILE E 137 23.34 -27.30 12.62
N SER E 138 24.13 -26.84 13.57
CA SER E 138 23.83 -25.55 14.23
C SER E 138 25.09 -24.90 14.78
N ASP E 139 24.98 -23.61 15.14
CA ASP E 139 26.10 -22.85 15.68
C ASP E 139 27.27 -22.84 14.70
N PHE E 140 27.10 -22.12 13.59
CA PHE E 140 28.08 -22.16 12.51
C PHE E 140 27.95 -20.93 11.62
N TYR E 141 29.08 -20.27 11.37
CA TYR E 141 29.11 -19.11 10.52
C TYR E 141 30.35 -19.11 9.64
N PRO E 142 30.19 -18.80 8.34
CA PRO E 142 28.91 -18.50 7.67
C PRO E 142 28.12 -19.75 7.30
N GLY E 143 27.07 -19.58 6.52
CA GLY E 143 26.17 -20.68 6.19
C GLY E 143 26.32 -21.23 4.79
N ALA E 144 27.51 -21.76 4.51
CA ALA E 144 27.77 -22.39 3.21
C ALA E 144 28.22 -23.83 3.43
N VAL E 145 27.26 -24.70 3.71
CA VAL E 145 27.58 -26.08 4.06
C VAL E 145 27.28 -27.03 2.90
N THR E 146 27.90 -28.20 2.92
CA THR E 146 27.58 -29.26 1.97
C THR E 146 27.50 -30.59 2.70
N VAL E 147 26.34 -31.24 2.61
CA VAL E 147 26.08 -32.46 3.36
C VAL E 147 26.22 -33.71 2.49
N ALA E 148 26.87 -34.73 3.03
CA ALA E 148 27.02 -36.00 2.32
C ALA E 148 26.83 -37.18 3.28
N TRP E 149 26.03 -38.16 2.88
CA TRP E 149 25.78 -39.31 3.73
C TRP E 149 26.61 -40.53 3.32
N LYS E 150 26.83 -41.45 4.25
CA LYS E 150 27.49 -42.72 3.95
C LYS E 150 26.93 -43.88 4.74
N ALA E 151 26.97 -45.07 4.14
CA ALA E 151 26.64 -46.31 4.83
C ALA E 151 27.88 -47.19 4.89
N ASP E 152 28.21 -47.69 6.07
CA ASP E 152 29.50 -48.33 6.31
C ASP E 152 30.59 -47.33 5.91
N SER E 153 31.27 -47.61 4.81
CA SER E 153 32.22 -46.66 4.24
C SER E 153 31.66 -46.11 2.93
N SER E 154 30.68 -46.81 2.37
CA SER E 154 30.10 -46.45 1.07
C SER E 154 29.12 -45.27 1.17
N PRO E 155 29.25 -44.31 0.23
CA PRO E 155 28.42 -43.09 0.21
C PRO E 155 27.00 -43.32 -0.29
N VAL E 156 26.01 -43.01 0.55
CA VAL E 156 24.59 -43.12 0.17
C VAL E 156 24.32 -42.22 -1.04
N LYS E 157 23.48 -42.67 -1.96
CA LYS E 157 23.23 -41.91 -3.19
C LYS E 157 21.92 -41.13 -3.18
N ALA E 158 20.78 -41.82 -3.05
CA ALA E 158 19.47 -41.19 -3.11
C ALA E 158 18.73 -41.35 -1.78
N GLY E 159 17.48 -40.90 -1.74
CA GLY E 159 16.70 -40.95 -0.52
C GLY E 159 17.17 -39.88 0.45
N VAL E 160 17.83 -38.86 -0.09
CA VAL E 160 18.40 -37.79 0.72
C VAL E 160 17.76 -36.45 0.41
N GLU E 161 17.23 -35.79 1.44
CA GLU E 161 16.68 -34.45 1.27
C GLU E 161 17.23 -33.51 2.33
N THR E 162 17.69 -32.35 1.92
CA THR E 162 18.37 -31.43 2.82
C THR E 162 17.73 -30.06 2.72
N THR E 163 17.55 -29.39 3.86
CA THR E 163 16.99 -28.05 3.88
C THR E 163 17.94 -27.02 3.33
N THR E 164 17.52 -25.77 3.35
CA THR E 164 18.36 -24.67 2.87
C THR E 164 18.70 -23.80 4.06
N PRO E 165 20.00 -23.49 4.22
CA PRO E 165 20.55 -22.73 5.35
C PRO E 165 19.61 -21.60 5.79
N SER E 166 19.34 -21.51 7.09
CA SER E 166 18.44 -20.49 7.59
C SER E 166 19.01 -19.79 8.81
N LYS E 167 18.62 -18.55 9.01
CA LYS E 167 19.13 -17.75 10.12
C LYS E 167 18.62 -18.33 11.44
N GLN E 168 19.13 -17.84 12.57
CA GLN E 168 18.71 -18.36 13.87
C GLN E 168 18.29 -17.24 14.82
N SER E 169 18.78 -17.33 16.05
CA SER E 169 18.53 -16.32 17.07
C SER E 169 19.83 -15.63 17.41
N ASN E 170 20.87 -16.43 17.66
CA ASN E 170 22.19 -15.91 17.98
C ASN E 170 22.92 -15.31 16.77
N ASN E 171 22.14 -14.81 15.82
CA ASN E 171 22.66 -14.25 14.56
C ASN E 171 23.59 -15.21 13.83
N LYS E 172 23.29 -16.51 13.92
CA LYS E 172 24.04 -17.52 13.19
C LYS E 172 23.27 -18.09 12.01
N TYR E 173 23.37 -19.40 11.85
CA TYR E 173 22.67 -20.15 10.80
C TYR E 173 22.26 -21.51 11.36
N ALA E 174 21.47 -22.27 10.60
CA ALA E 174 21.00 -23.58 11.04
C ALA E 174 20.51 -24.40 9.86
N ALA E 175 20.90 -25.68 9.85
CA ALA E 175 20.45 -26.57 8.79
C ALA E 175 20.13 -27.96 9.31
N SER E 176 19.50 -28.77 8.45
CA SER E 176 19.16 -30.14 8.79
C SER E 176 19.22 -30.99 7.52
N SER E 177 19.40 -32.29 7.69
CA SER E 177 19.44 -33.23 6.58
C SER E 177 18.62 -34.46 6.97
N TYR E 178 17.89 -35.00 6.00
CA TYR E 178 17.01 -36.13 6.27
C TYR E 178 17.32 -37.26 5.30
N LEU E 179 17.66 -38.41 5.85
CA LEU E 179 17.92 -39.59 5.05
C LEU E 179 16.72 -40.50 5.10
N SER E 180 16.04 -40.63 3.96
CA SER E 180 14.82 -41.43 3.86
C SER E 180 15.20 -42.88 3.58
N LEU E 181 14.87 -43.77 4.50
CA LEU E 181 15.27 -45.16 4.37
C LEU E 181 14.11 -46.13 4.48
N THR E 182 14.45 -47.42 4.36
CA THR E 182 13.52 -48.52 4.56
C THR E 182 14.20 -49.44 5.57
N PRO E 183 13.48 -49.80 6.65
CA PRO E 183 13.99 -50.43 7.88
C PRO E 183 15.07 -51.52 7.70
N GLU E 184 15.06 -52.25 6.60
CA GLU E 184 16.09 -53.25 6.38
C GLU E 184 17.43 -52.57 6.10
N GLN E 185 17.43 -51.52 5.27
CA GLN E 185 18.63 -50.78 4.96
C GLN E 185 19.27 -50.20 6.21
N TRP E 186 18.45 -50.03 7.26
CA TRP E 186 18.94 -49.53 8.53
C TRP E 186 19.47 -50.68 9.38
N LYS E 187 18.70 -51.76 9.47
CA LYS E 187 19.09 -52.90 10.29
C LYS E 187 20.16 -53.77 9.61
N SER E 188 20.36 -53.57 8.31
CA SER E 188 21.31 -54.39 7.56
C SER E 188 22.51 -53.58 7.13
N HIS E 189 23.18 -52.98 8.12
CA HIS E 189 24.41 -52.25 7.89
C HIS E 189 25.16 -52.11 9.19
N ARG E 190 26.46 -51.80 9.10
CA ARG E 190 27.30 -51.73 10.28
C ARG E 190 27.23 -50.33 10.89
N SER E 191 26.97 -49.35 10.03
CA SER E 191 26.92 -47.96 10.47
C SER E 191 26.36 -47.02 9.42
N TYR E 192 25.77 -45.92 9.89
CA TYR E 192 25.41 -44.83 9.00
C TYR E 192 26.06 -43.56 9.51
N SER E 193 26.44 -42.68 8.58
CA SER E 193 27.18 -41.48 8.94
C SER E 193 26.77 -40.27 8.13
N CYS E 194 26.82 -39.12 8.80
CA CYS E 194 26.52 -37.85 8.18
C CYS E 194 27.75 -36.94 8.25
N GLN E 195 28.23 -36.51 7.08
CA GLN E 195 29.39 -35.63 7.05
C GLN E 195 29.01 -34.26 6.51
N VAL E 196 29.27 -33.26 7.34
CA VAL E 196 28.98 -31.87 7.06
C VAL E 196 30.27 -31.16 6.68
N THR E 197 30.32 -30.55 5.50
CA THR E 197 31.53 -29.86 5.09
C THR E 197 31.29 -28.35 5.14
N HIS E 198 32.23 -27.65 5.78
CA HIS E 198 32.13 -26.22 6.07
C HIS E 198 33.44 -25.53 5.71
N GLU E 199 33.43 -24.77 4.62
CA GLU E 199 34.66 -24.24 4.02
C GLU E 199 35.66 -25.38 3.79
N GLY E 200 36.61 -25.51 4.71
CA GLY E 200 37.57 -26.60 4.68
C GLY E 200 37.30 -27.59 5.79
N SER E 201 36.95 -27.07 6.97
CA SER E 201 36.60 -27.90 8.11
C SER E 201 35.41 -28.80 7.78
N THR E 202 35.52 -30.09 8.04
CA THR E 202 34.38 -30.99 7.94
C THR E 202 34.21 -31.80 9.21
N VAL E 203 32.97 -32.10 9.56
CA VAL E 203 32.67 -32.80 10.80
C VAL E 203 31.73 -33.96 10.49
N GLU E 204 32.04 -35.14 11.00
CA GLU E 204 31.16 -36.29 10.76
C GLU E 204 30.45 -36.69 12.03
N LYS E 205 29.47 -37.57 11.87
CA LYS E 205 28.74 -38.15 12.99
C LYS E 205 28.29 -39.53 12.55
N THR E 206 28.20 -40.45 13.50
CA THR E 206 27.98 -41.85 13.15
C THR E 206 27.06 -42.55 14.14
N VAL E 207 26.19 -43.40 13.61
CA VAL E 207 25.25 -44.18 14.43
C VAL E 207 25.25 -45.62 13.94
N ALA E 208 24.82 -46.53 14.82
CA ALA E 208 24.77 -47.95 14.45
C ALA E 208 23.62 -48.66 15.17
N PRO E 209 22.85 -49.47 14.41
CA PRO E 209 21.75 -50.32 14.87
C PRO E 209 22.12 -51.19 16.08
N THR E 210 21.44 -50.98 17.20
CA THR E 210 21.63 -51.85 18.36
C THR E 210 20.28 -52.29 18.91
N TYR F 2 11.80 32.62 3.82
CA TYR F 2 11.03 31.38 3.88
C TYR F 2 10.29 31.23 5.20
N GLU F 3 8.98 31.01 5.11
CA GLU F 3 8.14 30.81 6.30
C GLU F 3 6.96 29.90 6.00
N LEU F 4 6.36 29.33 7.04
CA LEU F 4 5.21 28.44 6.88
C LEU F 4 3.95 29.29 6.87
N THR F 5 3.08 29.08 5.87
CA THR F 5 1.91 29.94 5.70
C THR F 5 0.71 29.36 6.44
N GLN F 6 0.13 30.21 7.29
CA GLN F 6 -1.09 29.89 8.02
C GLN F 6 -2.02 31.11 8.00
N PRO F 7 -3.33 30.91 8.19
CA PRO F 7 -4.23 32.07 8.10
C PRO F 7 -4.02 33.06 9.23
N PRO F 8 -4.40 34.32 9.03
CA PRO F 8 -4.15 35.32 10.09
C PRO F 8 -5.29 35.49 11.07
N SER F 9 -6.47 34.94 10.77
CA SER F 9 -7.62 35.13 11.63
C SER F 9 -8.51 33.89 11.73
N VAL F 10 -8.98 33.61 12.94
CA VAL F 10 -9.94 32.55 13.19
C VAL F 10 -10.97 33.02 14.21
N SER F 11 -12.23 32.71 13.96
CA SER F 11 -13.33 33.17 14.80
C SER F 11 -14.06 31.95 15.31
N VAL F 12 -14.39 31.94 16.59
CA VAL F 12 -14.95 30.73 17.20
C VAL F 12 -15.85 31.07 18.39
N SER F 13 -16.83 30.22 18.64
CA SER F 13 -17.76 30.39 19.75
C SER F 13 -17.32 29.46 20.88
N PRO F 14 -17.69 29.79 22.13
CA PRO F 14 -17.28 28.95 23.25
C PRO F 14 -17.83 27.54 23.14
N GLY F 15 -16.99 26.53 23.34
CA GLY F 15 -17.42 25.16 23.24
C GLY F 15 -17.34 24.61 21.82
N GLN F 16 -17.07 25.50 20.86
CA GLN F 16 -16.91 25.10 19.47
C GLN F 16 -15.49 24.59 19.27
N THR F 17 -15.20 24.06 18.08
CA THR F 17 -13.92 23.44 17.81
C THR F 17 -13.11 24.31 16.84
N ALA F 18 -11.88 24.65 17.23
CA ALA F 18 -11.08 25.53 16.39
C ALA F 18 -9.95 24.79 15.70
N SER F 19 -9.80 25.00 14.39
CA SER F 19 -8.74 24.32 13.65
C SER F 19 -7.87 25.32 12.90
N ILE F 20 -6.58 25.27 13.14
CA ILE F 20 -5.66 26.18 12.48
C ILE F 20 -4.74 25.36 11.60
N THR F 21 -4.51 25.84 10.38
CA THR F 21 -3.77 25.07 9.40
C THR F 21 -2.46 25.76 9.06
N CYS F 22 -1.37 25.06 9.35
CA CYS F 22 -0.04 25.50 8.97
C CYS F 22 0.37 24.73 7.71
N SER F 23 1.01 25.41 6.78
CA SER F 23 1.26 24.81 5.47
C SER F 23 2.59 25.23 4.84
N GLY F 24 3.41 24.23 4.54
CA GLY F 24 4.62 24.46 3.77
C GLY F 24 4.75 23.36 2.72
N ASP F 25 5.86 23.36 1.98
CA ASP F 25 6.08 22.33 0.98
C ASP F 25 7.50 21.78 1.07
N LYS F 26 7.62 20.54 1.57
CA LYS F 26 6.47 19.80 2.08
C LYS F 26 6.35 19.98 3.60
N LEU F 27 5.88 18.94 4.27
CA LEU F 27 5.77 18.88 5.73
C LEU F 27 5.51 17.43 6.09
N GLY F 28 5.09 17.16 7.31
CA GLY F 28 4.95 15.77 7.72
C GLY F 28 6.29 15.11 7.87
N ASP F 29 7.13 15.17 6.84
CA ASP F 29 8.51 14.70 6.93
C ASP F 29 9.32 15.55 7.92
N LYS F 30 8.71 16.62 8.40
CA LYS F 30 9.29 17.50 9.41
C LYS F 30 8.40 17.52 10.63
N TYR F 31 8.99 17.75 11.80
CA TYR F 31 8.22 17.77 13.03
C TYR F 31 7.65 19.18 13.18
N ALA F 32 6.33 19.28 13.30
CA ALA F 32 5.69 20.57 13.39
C ALA F 32 5.19 20.80 14.79
N CYS F 33 5.73 21.82 15.44
CA CYS F 33 5.32 22.16 16.80
C CYS F 33 4.52 23.45 16.81
N TRP F 34 3.91 23.75 17.95
CA TRP F 34 3.00 24.87 18.07
C TRP F 34 3.23 25.64 19.36
N TYR F 35 3.26 26.96 19.23
CA TYR F 35 3.48 27.89 20.33
C TYR F 35 2.28 28.81 20.49
N GLN F 36 1.97 29.13 21.74
CA GLN F 36 0.88 30.03 22.08
C GLN F 36 1.44 31.31 22.67
N GLN F 37 0.92 32.44 22.23
CA GLN F 37 1.39 33.73 22.70
C GLN F 37 0.25 34.65 23.10
N LYS F 38 0.11 34.90 24.40
CA LYS F 38 -0.88 35.85 24.89
C LYS F 38 -0.25 37.23 24.85
N PRO F 39 -1.09 38.29 24.74
CA PRO F 39 -0.49 39.61 24.53
C PRO F 39 0.32 40.13 25.72
N GLY F 40 1.45 40.74 25.41
CA GLY F 40 2.34 41.32 26.41
C GLY F 40 3.36 40.35 26.97
N GLN F 41 3.10 39.05 26.87
CA GLN F 41 4.04 38.04 27.36
C GLN F 41 4.70 37.24 26.23
N SER F 42 5.78 36.55 26.56
CA SER F 42 6.52 35.73 25.61
C SER F 42 5.77 34.43 25.32
N PRO F 43 6.04 33.81 24.16
CA PRO F 43 5.32 32.59 23.76
C PRO F 43 5.50 31.42 24.73
N VAL F 44 4.65 30.41 24.60
CA VAL F 44 4.73 29.20 25.43
C VAL F 44 4.41 27.99 24.56
N LEU F 45 5.25 26.97 24.65
CA LEU F 45 5.09 25.76 23.85
C LEU F 45 3.81 25.01 24.24
N VAL F 46 2.92 24.79 23.28
CA VAL F 46 1.70 24.03 23.56
C VAL F 46 1.74 22.65 22.89
N ILE F 47 2.44 22.53 21.77
CA ILE F 47 2.57 21.22 21.12
C ILE F 47 3.98 21.00 20.61
N TYR F 48 4.55 19.81 20.84
CA TYR F 48 5.82 19.46 20.23
C TYR F 48 5.73 18.06 19.65
N GLN F 49 6.54 17.79 18.63
CA GLN F 49 6.48 16.53 17.91
C GLN F 49 5.07 16.23 17.40
N ASP F 50 4.57 17.12 16.54
CA ASP F 50 3.29 16.97 15.86
C ASP F 50 2.08 16.91 16.78
N SER F 51 2.06 15.91 17.66
CA SER F 51 0.86 15.63 18.46
C SER F 51 1.08 15.68 19.97
N LYS F 52 2.31 15.48 20.41
CA LYS F 52 2.63 15.42 21.83
C LYS F 52 2.43 16.79 22.49
N ARG F 53 2.35 16.81 23.82
CA ARG F 53 2.08 18.03 24.59
C ARG F 53 2.96 18.08 25.84
N PRO F 54 3.46 19.28 26.18
CA PRO F 54 4.26 19.47 27.40
C PRO F 54 3.41 19.33 28.66
N SER F 55 4.02 19.44 29.83
CA SER F 55 3.29 19.30 31.09
C SER F 55 2.76 20.64 31.61
N GLY F 56 1.43 20.77 31.68
CA GLY F 56 0.81 21.99 32.15
C GLY F 56 -0.14 22.65 31.17
N ILE F 57 -0.35 22.02 30.02
CA ILE F 57 -1.31 22.52 29.04
C ILE F 57 -2.49 21.56 29.00
N PRO F 58 -3.72 22.10 28.97
CA PRO F 58 -4.91 21.27 29.19
C PRO F 58 -5.26 20.35 28.02
N GLU F 59 -6.02 19.30 28.36
CA GLU F 59 -6.54 18.30 27.43
C GLU F 59 -6.89 18.81 26.03
N ARG F 60 -7.66 19.90 25.95
CA ARG F 60 -8.15 20.42 24.68
C ARG F 60 -7.04 21.06 23.84
N PHE F 61 -6.03 20.27 23.50
CA PHE F 61 -4.96 20.74 22.63
C PHE F 61 -4.33 19.57 21.91
N SER F 62 -4.68 19.43 20.64
CA SER F 62 -4.19 18.32 19.85
C SER F 62 -3.79 18.83 18.49
N GLY F 63 -2.65 18.36 18.00
CA GLY F 63 -2.17 18.78 16.70
C GLY F 63 -1.82 17.57 15.88
N SER F 64 -2.13 17.63 14.59
CA SER F 64 -1.77 16.56 13.69
C SER F 64 -0.90 17.13 12.57
N ASN F 65 -0.50 16.27 11.64
CA ASN F 65 0.34 16.69 10.54
C ASN F 65 0.22 15.67 9.42
N SER F 66 0.00 16.14 8.19
CA SER F 66 -0.18 15.23 7.08
C SER F 66 0.07 15.90 5.75
N GLY F 67 0.63 15.14 4.81
CA GLY F 67 0.94 15.63 3.48
C GLY F 67 1.70 16.94 3.47
N ASN F 68 0.99 18.01 3.15
CA ASN F 68 1.62 19.33 3.04
C ASN F 68 1.01 20.34 4.01
N THR F 69 0.31 19.84 5.02
CA THR F 69 -0.33 20.69 6.02
C THR F 69 -0.35 20.04 7.40
N ALA F 70 0.20 20.74 8.39
CA ALA F 70 0.04 20.36 9.78
C ALA F 70 -1.10 21.19 10.36
N THR F 71 -1.81 20.67 11.34
CA THR F 71 -2.91 21.42 11.91
C THR F 71 -2.90 21.37 13.43
N LEU F 72 -3.68 22.26 14.04
CA LEU F 72 -3.89 22.28 15.49
C LEU F 72 -5.38 22.39 15.76
N THR F 73 -5.86 21.60 16.70
CA THR F 73 -7.28 21.57 17.01
C THR F 73 -7.57 21.83 18.49
N ILE F 74 -8.59 22.66 18.74
CA ILE F 74 -9.00 23.05 20.08
C ILE F 74 -10.45 22.70 20.31
N SER F 75 -10.68 21.48 20.80
CA SER F 75 -12.03 20.99 21.12
C SER F 75 -12.56 21.71 22.35
N GLY F 76 -13.78 22.21 22.27
CA GLY F 76 -14.38 22.93 23.38
C GLY F 76 -13.58 24.16 23.74
N THR F 77 -13.49 25.10 22.80
CA THR F 77 -12.70 26.31 23.00
C THR F 77 -13.29 27.22 24.08
N GLN F 78 -12.45 27.71 24.98
CA GLN F 78 -12.90 28.62 26.03
C GLN F 78 -12.17 29.97 25.96
N ALA F 79 -12.62 30.92 26.76
CA ALA F 79 -12.13 32.30 26.69
C ALA F 79 -10.63 32.44 27.02
N MET F 80 -10.06 31.45 27.70
CA MET F 80 -8.64 31.49 28.05
C MET F 80 -7.74 31.40 26.83
N ASP F 81 -8.32 31.03 25.69
CA ASP F 81 -7.56 30.80 24.47
C ASP F 81 -7.81 31.92 23.47
N GLU F 82 -7.46 33.14 23.84
CA GLU F 82 -7.65 34.28 22.95
C GLU F 82 -6.29 34.90 22.62
N ALA F 83 -5.38 34.06 22.13
CA ALA F 83 -3.99 34.44 21.88
C ALA F 83 -3.60 34.31 20.41
N ASP F 84 -2.32 34.53 20.12
CA ASP F 84 -1.77 34.23 18.81
C ASP F 84 -1.16 32.83 18.82
N TYR F 85 -1.09 32.19 17.67
CA TYR F 85 -0.57 30.82 17.59
C TYR F 85 0.38 30.65 16.42
N TYR F 86 1.58 30.17 16.71
CA TYR F 86 2.59 30.01 15.67
C TYR F 86 3.02 28.55 15.52
N CYS F 87 3.36 28.17 14.30
CA CYS F 87 3.88 26.82 14.05
C CYS F 87 5.37 26.90 13.79
N GLN F 88 6.03 25.74 13.69
CA GLN F 88 7.46 25.72 13.42
C GLN F 88 7.95 24.43 12.79
N ALA F 89 8.92 24.58 11.88
CA ALA F 89 9.65 23.46 11.32
C ALA F 89 11.08 23.91 11.14
N TRP F 90 11.78 23.32 10.17
CA TRP F 90 13.07 23.85 9.75
C TRP F 90 13.23 24.13 8.24
N ASP F 91 13.58 23.11 7.45
CA ASP F 91 13.66 23.27 5.98
C ASP F 91 14.65 24.31 5.42
N SER F 92 15.94 23.97 5.28
CA SER F 92 16.51 22.73 5.82
C SER F 92 17.99 22.88 6.28
N PHE F 93 18.98 23.36 5.50
CA PHE F 93 19.01 24.14 4.22
C PHE F 93 18.40 25.54 4.29
N SER F 94 17.88 25.89 5.46
CA SER F 94 17.57 27.26 5.84
C SER F 94 17.47 27.26 7.35
N THR F 95 17.72 26.07 7.91
CA THR F 95 17.59 25.78 9.33
C THR F 95 16.21 26.20 9.82
N PHE F 96 16.12 26.98 10.90
CA PHE F 96 14.82 27.22 11.52
C PHE F 96 13.89 28.17 10.80
N VAL F 97 12.60 27.93 10.99
CA VAL F 97 11.55 28.68 10.34
C VAL F 97 10.29 28.67 11.21
N PHE F 98 9.57 29.78 11.23
CA PHE F 98 8.33 29.86 11.98
C PHE F 98 7.13 30.05 11.06
N GLY F 99 5.93 29.95 11.61
CA GLY F 99 4.72 30.25 10.85
C GLY F 99 4.58 31.73 10.64
N THR F 100 3.46 32.16 10.05
CA THR F 100 3.24 33.58 9.82
C THR F 100 2.33 34.18 10.89
N GLY F 101 1.62 33.32 11.62
CA GLY F 101 0.78 33.77 12.72
C GLY F 101 -0.71 33.68 12.48
N THR F 102 -1.45 33.22 13.49
CA THR F 102 -2.90 33.10 13.40
C THR F 102 -3.57 33.69 14.64
N LYS F 103 -4.54 34.57 14.42
CA LYS F 103 -5.19 35.27 15.52
C LYS F 103 -6.57 34.67 15.79
N VAL F 104 -6.68 33.86 16.83
CA VAL F 104 -7.97 33.31 17.23
C VAL F 104 -8.76 34.34 18.05
N THR F 105 -10.08 34.23 17.99
CA THR F 105 -10.97 35.15 18.70
C THR F 105 -12.21 34.39 19.14
N VAL F 106 -12.42 34.33 20.45
CA VAL F 106 -13.62 33.70 21.00
C VAL F 106 -14.68 34.77 21.20
N LEU F 107 -15.73 34.71 20.37
CA LEU F 107 -16.80 35.71 20.40
C LEU F 107 -18.10 35.13 20.94
N GLY F 108 -19.15 35.95 20.95
CA GLY F 108 -20.40 35.56 21.58
C GLY F 108 -20.39 35.86 23.06
N GLN F 109 -19.64 36.89 23.45
CA GLN F 109 -19.56 37.31 24.85
C GLN F 109 -20.63 38.35 25.14
N PRO F 110 -20.92 38.57 26.44
CA PRO F 110 -21.94 39.57 26.80
C PRO F 110 -21.57 41.00 26.36
N LYS F 111 -22.58 41.83 26.14
CA LYS F 111 -22.37 43.24 25.82
C LYS F 111 -21.92 43.96 27.08
N ALA F 112 -21.44 45.20 26.93
CA ALA F 112 -20.96 45.98 28.05
C ALA F 112 -20.90 47.45 27.70
N ALA F 113 -21.58 48.27 28.49
CA ALA F 113 -21.58 49.71 28.31
C ALA F 113 -20.24 50.29 28.70
N PRO F 114 -19.73 51.25 27.91
CA PRO F 114 -18.39 51.77 28.20
C PRO F 114 -18.35 52.65 29.44
N SER F 115 -17.29 52.49 30.23
CA SER F 115 -17.05 53.37 31.36
C SER F 115 -16.08 54.47 30.95
N VAL F 116 -16.55 55.72 31.03
CA VAL F 116 -15.77 56.87 30.61
C VAL F 116 -15.35 57.66 31.84
N THR F 117 -14.12 58.18 31.81
CA THR F 117 -13.60 59.01 32.88
C THR F 117 -12.72 60.10 32.29
N LEU F 118 -13.07 61.36 32.53
CA LEU F 118 -12.33 62.47 31.92
C LEU F 118 -11.49 63.21 32.94
N PHE F 119 -10.18 63.16 32.74
CA PHE F 119 -9.26 63.92 33.59
C PHE F 119 -8.86 65.23 32.93
N PRO F 120 -8.94 66.34 33.69
CA PRO F 120 -8.56 67.70 33.29
C PRO F 120 -7.06 67.89 33.39
N PRO F 121 -6.52 68.98 32.80
CA PRO F 121 -5.08 69.19 32.90
C PRO F 121 -4.65 69.37 34.34
N SER F 122 -3.64 68.62 34.78
CA SER F 122 -3.13 68.77 36.14
C SER F 122 -2.49 70.14 36.34
N SER F 123 -2.04 70.40 37.57
CA SER F 123 -1.45 71.70 37.89
C SER F 123 -0.06 71.81 37.30
N GLU F 124 0.79 70.82 37.58
CA GLU F 124 2.18 70.79 37.08
C GLU F 124 2.27 71.14 35.58
N GLU F 125 1.43 70.44 34.81
CA GLU F 125 1.41 70.58 33.37
C GLU F 125 1.01 71.99 32.94
N LEU F 126 0.02 72.55 33.64
CA LEU F 126 -0.36 73.95 33.45
C LEU F 126 0.83 74.85 33.71
N GLN F 127 1.39 74.71 34.90
CA GLN F 127 2.59 75.45 35.31
C GLN F 127 3.83 74.90 34.61
N ALA F 128 3.62 74.41 33.39
CA ALA F 128 4.68 74.00 32.49
C ALA F 128 4.24 74.39 31.08
N ASN F 129 3.30 75.33 31.03
CA ASN F 129 2.77 75.92 29.79
C ASN F 129 2.25 74.88 28.80
N LYS F 130 1.51 73.90 29.31
CA LYS F 130 0.97 72.82 28.48
C LYS F 130 -0.33 72.29 29.08
N ALA F 131 -1.20 71.70 28.24
CA ALA F 131 -2.43 71.13 28.78
C ALA F 131 -2.85 69.92 27.94
N THR F 132 -3.38 68.91 28.60
CA THR F 132 -3.82 67.69 27.90
C THR F 132 -4.99 67.03 28.61
N LEU F 133 -6.10 66.91 27.89
CA LEU F 133 -7.29 66.24 28.42
C LEU F 133 -7.18 64.74 28.22
N VAL F 134 -7.60 63.98 29.22
CA VAL F 134 -7.40 62.53 29.19
C VAL F 134 -8.71 61.78 29.33
N CYS F 135 -9.19 61.21 28.22
CA CYS F 135 -10.44 60.44 28.22
C CYS F 135 -10.14 58.96 28.34
N LEU F 136 -10.67 58.33 29.38
CA LEU F 136 -10.36 56.95 29.69
C LEU F 136 -11.59 56.06 29.55
N ILE F 137 -11.50 55.10 28.63
CA ILE F 137 -12.60 54.19 28.33
C ILE F 137 -12.24 52.80 28.81
N SER F 138 -13.13 52.14 29.54
CA SER F 138 -12.83 50.80 30.03
C SER F 138 -14.09 49.97 30.25
N ASP F 139 -13.92 48.65 30.36
CA ASP F 139 -15.03 47.73 30.60
C ASP F 139 -16.15 47.82 29.56
N PHE F 140 -15.87 47.37 28.33
CA PHE F 140 -16.81 47.55 27.23
C PHE F 140 -16.58 46.52 26.11
N TYR F 141 -17.67 45.91 25.68
CA TYR F 141 -17.63 44.92 24.60
C TYR F 141 -18.81 45.11 23.67
N PRO F 142 -18.58 45.06 22.35
CA PRO F 142 -17.27 44.86 21.72
C PRO F 142 -16.44 46.14 21.66
N GLY F 143 -15.33 46.10 20.94
CA GLY F 143 -14.42 47.23 20.90
C GLY F 143 -14.51 48.01 19.62
N ALA F 144 -15.70 48.55 19.35
CA ALA F 144 -15.93 49.37 18.17
C ALA F 144 -16.46 50.73 18.60
N VAL F 145 -15.58 51.58 19.12
CA VAL F 145 -15.97 52.89 19.65
C VAL F 145 -15.59 54.03 18.72
N THR F 146 -16.24 55.17 18.93
CA THR F 146 -15.86 56.40 18.23
C THR F 146 -15.81 57.54 19.24
N VAL F 147 -14.65 58.18 19.35
CA VAL F 147 -14.46 59.23 20.33
C VAL F 147 -14.53 60.61 19.67
N ALA F 148 -15.30 61.52 20.28
CA ALA F 148 -15.42 62.87 19.75
C ALA F 148 -15.42 63.90 20.88
N TRP F 149 -14.61 64.95 20.72
CA TRP F 149 -14.47 65.97 21.76
C TRP F 149 -15.26 67.25 21.47
N LYS F 150 -15.50 68.05 22.51
CA LYS F 150 -16.14 69.35 22.32
C LYS F 150 -15.57 70.43 23.23
N ALA F 151 -15.64 71.67 22.74
CA ALA F 151 -15.38 72.85 23.55
C ALA F 151 -16.70 73.60 23.64
N ASP F 152 -17.12 73.91 24.85
CA ASP F 152 -18.48 74.39 25.11
C ASP F 152 -19.50 73.40 24.54
N SER F 153 -20.20 73.80 23.48
CA SER F 153 -21.11 72.89 22.78
C SER F 153 -20.55 72.48 21.41
N SER F 154 -19.59 73.26 20.93
CA SER F 154 -19.00 73.02 19.61
C SER F 154 -17.99 71.87 19.64
N PRO F 155 -18.07 70.95 18.66
CA PRO F 155 -17.17 69.80 18.62
C PRO F 155 -15.76 70.16 18.12
N VAL F 156 -14.74 69.90 18.95
CA VAL F 156 -13.35 70.17 18.56
C VAL F 156 -12.99 69.34 17.32
N LYS F 157 -12.13 69.90 16.47
CA LYS F 157 -11.78 69.25 15.21
C LYS F 157 -10.46 68.50 15.33
N ALA F 158 -9.39 69.24 15.62
CA ALA F 158 -8.06 68.65 15.68
C ALA F 158 -7.43 68.73 17.06
N GLY F 159 -6.17 68.31 17.15
CA GLY F 159 -5.43 68.27 18.40
C GLY F 159 -5.86 67.11 19.28
N VAL F 160 -6.53 66.14 18.68
CA VAL F 160 -7.01 64.97 19.39
C VAL F 160 -6.40 63.72 18.79
N GLU F 161 -5.75 62.90 19.63
CA GLU F 161 -5.22 61.64 19.13
C GLU F 161 -5.66 60.49 20.02
N THR F 162 -6.10 59.41 19.38
CA THR F 162 -6.74 58.31 20.08
C THR F 162 -6.13 56.97 19.71
N THR F 163 -5.95 56.10 20.70
CA THR F 163 -5.47 54.75 20.45
C THR F 163 -6.57 53.89 19.84
N THR F 164 -6.25 52.63 19.56
CA THR F 164 -7.21 51.69 19.02
C THR F 164 -7.38 50.55 20.04
N PRO F 165 -8.64 50.19 20.33
CA PRO F 165 -9.05 49.22 21.35
C PRO F 165 -8.11 48.01 21.52
N SER F 166 -7.75 47.73 22.78
CA SER F 166 -6.84 46.66 23.13
C SER F 166 -7.42 45.90 24.33
N LYS F 167 -7.04 44.63 24.51
CA LYS F 167 -7.63 43.85 25.61
C LYS F 167 -7.30 44.41 26.99
N GLN F 168 -7.96 43.83 27.99
CA GLN F 168 -7.90 44.28 29.37
C GLN F 168 -7.53 43.09 30.25
N SER F 169 -8.24 42.90 31.35
CA SER F 169 -8.03 41.75 32.21
C SER F 169 -9.26 40.86 32.18
N ASN F 170 -10.43 41.47 32.41
CA ASN F 170 -11.72 40.77 32.41
C ASN F 170 -12.27 40.42 31.01
N ASN F 171 -11.38 40.27 30.03
CA ASN F 171 -11.76 40.03 28.63
C ASN F 171 -12.76 41.03 28.07
N LYS F 172 -12.69 42.27 28.54
CA LYS F 172 -13.47 43.34 27.96
C LYS F 172 -12.54 44.19 27.12
N TYR F 173 -12.70 45.51 27.18
CA TYR F 173 -11.79 46.39 26.45
C TYR F 173 -11.52 47.69 27.18
N ALA F 174 -10.60 48.45 26.62
CA ALA F 174 -10.21 49.73 27.16
C ALA F 174 -9.45 50.50 26.10
N ALA F 175 -9.79 51.77 25.98
CA ALA F 175 -9.15 52.64 25.02
C ALA F 175 -8.96 53.99 25.67
N SER F 176 -8.24 54.88 25.00
CA SER F 176 -7.98 56.19 25.55
C SER F 176 -7.97 57.26 24.46
N SER F 177 -8.21 58.49 24.89
CA SER F 177 -8.23 59.64 23.99
C SER F 177 -7.47 60.79 24.62
N TYR F 178 -6.69 61.49 23.81
CA TYR F 178 -5.90 62.57 24.36
C TYR F 178 -6.17 63.85 23.57
N LEU F 179 -6.64 64.88 24.27
CA LEU F 179 -6.88 66.16 23.62
C LEU F 179 -5.75 67.12 23.96
N SER F 180 -4.97 67.49 22.96
CA SER F 180 -3.82 68.35 23.19
C SER F 180 -4.17 69.84 23.16
N LEU F 181 -3.98 70.50 24.30
CA LEU F 181 -4.30 71.91 24.46
C LEU F 181 -3.17 72.79 24.99
N THR F 182 -3.51 74.08 25.05
CA THR F 182 -2.66 75.13 25.57
C THR F 182 -3.46 75.82 26.65
N PRO F 183 -2.86 76.01 27.83
CA PRO F 183 -3.52 76.46 29.07
C PRO F 183 -4.56 77.55 28.86
N GLU F 184 -4.39 78.37 27.83
CA GLU F 184 -5.36 79.42 27.52
C GLU F 184 -6.69 78.87 27.00
N GLN F 185 -6.65 77.93 26.06
CA GLN F 185 -7.87 77.30 25.55
C GLN F 185 -8.62 76.58 26.68
N TRP F 186 -7.89 76.22 27.73
CA TRP F 186 -8.46 75.53 28.87
C TRP F 186 -9.05 76.47 29.90
N LYS F 187 -8.29 77.51 30.23
CA LYS F 187 -8.68 78.48 31.25
C LYS F 187 -9.73 79.46 30.74
N SER F 188 -9.86 79.55 29.41
CA SER F 188 -10.80 80.48 28.78
C SER F 188 -11.90 79.76 28.02
N HIS F 189 -12.66 78.93 28.72
CA HIS F 189 -13.82 78.24 28.15
C HIS F 189 -14.75 77.79 29.27
N ARG F 190 -16.00 77.49 28.91
CA ARG F 190 -17.00 77.15 29.91
C ARG F 190 -16.96 75.67 30.24
N SER F 191 -16.57 74.86 29.26
CA SER F 191 -16.54 73.42 29.44
C SER F 191 -15.83 72.71 28.30
N TYR F 192 -15.27 71.55 28.61
CA TYR F 192 -14.74 70.64 27.61
C TYR F 192 -15.43 69.30 27.81
N SER F 193 -15.65 68.57 26.73
CA SER F 193 -16.43 67.33 26.84
C SER F 193 -15.85 66.21 26.00
N CYS F 194 -15.98 65.00 26.52
CA CYS F 194 -15.51 63.79 25.88
C CYS F 194 -16.69 62.85 25.64
N GLN F 195 -16.87 62.47 24.37
CA GLN F 195 -17.96 61.58 23.98
C GLN F 195 -17.44 60.24 23.45
N VAL F 196 -17.82 59.17 24.12
CA VAL F 196 -17.47 57.83 23.65
C VAL F 196 -18.75 57.22 23.09
N THR F 197 -18.75 56.86 21.81
CA THR F 197 -19.95 56.27 21.22
C THR F 197 -19.71 54.80 20.95
N HIS F 198 -20.63 53.97 21.43
CA HIS F 198 -20.46 52.52 21.40
C HIS F 198 -21.74 51.88 20.89
N GLU F 199 -21.66 51.32 19.68
CA GLU F 199 -22.83 50.85 18.95
C GLU F 199 -23.89 51.93 18.83
N GLY F 200 -24.89 51.89 19.71
CA GLY F 200 -25.91 52.92 19.71
C GLY F 200 -25.79 53.84 20.90
N SER F 201 -25.49 53.26 22.06
CA SER F 201 -25.24 54.03 23.26
C SER F 201 -24.07 54.99 23.08
N THR F 202 -24.26 56.25 23.46
CA THR F 202 -23.15 57.18 23.52
C THR F 202 -23.12 57.79 24.92
N VAL F 203 -21.92 58.05 25.41
CA VAL F 203 -21.71 58.47 26.80
C VAL F 203 -20.80 59.69 26.85
N GLU F 204 -21.20 60.70 27.61
CA GLU F 204 -20.35 61.89 27.75
C GLU F 204 -19.74 61.98 29.13
N LYS F 205 -18.75 62.86 29.23
CA LYS F 205 -18.14 63.24 30.49
C LYS F 205 -17.62 64.64 30.24
N THR F 206 -17.65 65.51 31.24
CA THR F 206 -17.32 66.90 30.97
C THR F 206 -16.57 67.52 32.14
N VAL F 207 -15.62 68.39 31.84
CA VAL F 207 -14.86 69.06 32.89
C VAL F 207 -14.80 70.55 32.60
N ALA F 208 -14.57 71.34 33.64
CA ALA F 208 -14.49 72.79 33.51
C ALA F 208 -13.53 73.35 34.54
N PRO F 209 -12.68 74.30 34.13
CA PRO F 209 -11.76 75.01 35.03
C PRO F 209 -12.47 75.54 36.28
N THR F 210 -12.08 75.03 37.45
CA THR F 210 -12.60 75.53 38.72
C THR F 210 -11.49 75.83 39.71
N TYR G 2 -19.77 18.90 -37.51
CA TYR G 2 -20.65 17.75 -37.57
C TYR G 2 -21.44 17.65 -36.26
N GLU G 3 -22.75 17.56 -36.37
CA GLU G 3 -23.61 17.45 -35.19
C GLU G 3 -24.84 16.60 -35.48
N LEU G 4 -25.46 16.08 -34.42
CA LEU G 4 -26.64 15.24 -34.56
C LEU G 4 -27.89 16.12 -34.56
N THR G 5 -28.75 15.91 -35.54
CA THR G 5 -29.91 16.80 -35.70
C THR G 5 -31.10 16.23 -34.95
N GLN G 6 -31.65 17.07 -34.08
CA GLN G 6 -32.87 16.76 -33.33
C GLN G 6 -33.76 18.00 -33.31
N PRO G 7 -35.08 17.82 -33.11
CA PRO G 7 -35.94 19.00 -33.15
C PRO G 7 -35.65 19.95 -31.98
N PRO G 8 -35.96 21.24 -32.15
CA PRO G 8 -35.66 22.17 -31.06
C PRO G 8 -36.81 22.38 -30.08
N SER G 9 -38.01 21.89 -30.43
CA SER G 9 -39.17 22.09 -29.58
C SER G 9 -40.10 20.88 -29.54
N VAL G 10 -40.58 20.56 -28.34
CA VAL G 10 -41.57 19.52 -28.14
C VAL G 10 -42.54 19.96 -27.04
N SER G 11 -43.83 19.73 -27.25
CA SER G 11 -44.86 20.18 -26.33
C SER G 11 -45.67 18.98 -25.86
N VAL G 12 -45.97 18.93 -24.57
CA VAL G 12 -46.59 17.76 -23.97
C VAL G 12 -47.46 18.19 -22.78
N SER G 13 -48.51 17.42 -22.50
CA SER G 13 -49.40 17.67 -21.38
C SER G 13 -49.07 16.71 -20.25
N PRO G 14 -49.42 17.06 -19.01
CA PRO G 14 -49.10 16.19 -17.87
C PRO G 14 -49.74 14.82 -18.00
N GLY G 15 -48.96 13.77 -17.79
CA GLY G 15 -49.46 12.42 -17.90
C GLY G 15 -49.38 11.88 -19.31
N GLN G 16 -49.07 12.75 -20.27
CA GLN G 16 -48.91 12.33 -21.66
C GLN G 16 -47.48 11.83 -21.85
N THR G 17 -47.20 11.26 -23.02
CA THR G 17 -45.91 10.66 -23.30
C THR G 17 -45.15 11.47 -24.35
N ALA G 18 -43.91 11.85 -24.03
CA ALA G 18 -43.15 12.67 -24.98
C ALA G 18 -42.00 11.91 -25.62
N SER G 19 -41.89 12.01 -26.95
CA SER G 19 -40.82 11.30 -27.66
C SER G 19 -39.98 12.25 -28.51
N ILE G 20 -38.67 12.22 -28.25
CA ILE G 20 -37.72 13.09 -28.95
C ILE G 20 -36.73 12.26 -29.76
N THR G 21 -36.43 12.71 -30.99
CA THR G 21 -35.62 11.92 -31.90
C THR G 21 -34.31 12.60 -32.25
N CYS G 22 -33.21 11.91 -31.94
CA CYS G 22 -31.89 12.35 -32.36
C CYS G 22 -31.49 11.54 -33.59
N SER G 23 -30.92 12.21 -34.58
CA SER G 23 -30.67 11.56 -35.86
C SER G 23 -29.44 12.09 -36.59
N GLY G 24 -28.53 11.17 -36.89
CA GLY G 24 -27.37 11.42 -37.73
C GLY G 24 -27.24 10.27 -38.72
N ASP G 25 -26.13 10.23 -39.46
CA ASP G 25 -25.91 9.15 -40.41
C ASP G 25 -24.51 8.56 -40.26
N LYS G 26 -24.43 7.34 -39.71
CA LYS G 26 -25.57 6.60 -39.19
C LYS G 26 -25.68 6.73 -37.66
N LEU G 27 -26.17 5.67 -37.02
CA LEU G 27 -26.23 5.48 -35.57
C LEU G 27 -26.48 4.00 -35.37
N GLY G 28 -26.95 3.60 -34.19
CA GLY G 28 -27.09 2.18 -33.92
C GLY G 28 -25.71 1.59 -33.77
N ASP G 29 -24.87 1.75 -34.79
CA ASP G 29 -23.46 1.38 -34.68
C ASP G 29 -22.70 2.22 -33.66
N LYS G 30 -23.34 3.27 -33.16
CA LYS G 30 -22.74 4.10 -32.12
C LYS G 30 -23.65 4.13 -30.89
N TYR G 31 -23.07 4.33 -29.73
CA TYR G 31 -23.84 4.38 -28.49
C TYR G 31 -24.33 5.81 -28.30
N ALA G 32 -25.62 5.97 -28.09
CA ALA G 32 -26.21 7.29 -27.97
C ALA G 32 -26.60 7.56 -26.54
N CYS G 33 -26.00 8.59 -25.95
CA CYS G 33 -26.29 8.95 -24.57
C CYS G 33 -27.13 10.22 -24.51
N TRP G 34 -27.66 10.51 -23.33
CA TRP G 34 -28.61 11.59 -23.19
C TRP G 34 -28.41 12.41 -21.92
N TYR G 35 -28.43 13.73 -22.09
CA TYR G 35 -28.23 14.68 -21.00
C TYR G 35 -29.44 15.60 -20.84
N GLN G 36 -29.74 15.94 -19.59
CA GLN G 36 -30.81 16.85 -19.26
C GLN G 36 -30.21 18.13 -18.68
N GLN G 37 -30.66 19.28 -19.15
CA GLN G 37 -30.12 20.55 -18.67
C GLN G 37 -31.22 21.54 -18.35
N LYS G 38 -31.41 21.82 -17.06
CA LYS G 38 -32.38 22.82 -16.65
C LYS G 38 -31.67 24.19 -16.64
N PRO G 39 -32.42 25.28 -16.84
CA PRO G 39 -31.74 26.57 -16.98
C PRO G 39 -31.05 27.03 -15.71
N GLY G 40 -29.86 27.60 -15.87
CA GLY G 40 -29.08 28.08 -14.73
C GLY G 40 -28.21 26.98 -14.16
N GLN G 41 -28.55 25.73 -14.45
CA GLN G 41 -27.79 24.58 -13.97
C GLN G 41 -27.01 23.89 -15.09
N SER G 42 -25.99 23.12 -14.71
CA SER G 42 -25.20 22.37 -15.67
C SER G 42 -25.96 21.09 -16.04
N PRO G 43 -25.67 20.53 -17.23
CA PRO G 43 -26.40 19.32 -17.63
C PRO G 43 -26.16 18.15 -16.68
N VAL G 44 -26.99 17.12 -16.77
CA VAL G 44 -26.84 15.94 -15.94
C VAL G 44 -27.19 14.71 -16.78
N LEU G 45 -26.36 13.68 -16.67
CA LEU G 45 -26.56 12.46 -17.46
C LEU G 45 -27.88 11.81 -17.09
N VAL G 46 -28.75 11.63 -18.07
CA VAL G 46 -30.03 10.98 -17.83
C VAL G 46 -30.08 9.58 -18.45
N ILE G 47 -29.33 9.37 -19.53
CA ILE G 47 -29.25 8.04 -20.16
C ILE G 47 -27.85 7.74 -20.68
N TYR G 48 -27.36 6.52 -20.46
CA TYR G 48 -26.10 6.07 -21.07
C TYR G 48 -26.31 4.70 -21.70
N GLN G 49 -25.53 4.41 -22.74
CA GLN G 49 -25.70 3.19 -23.53
C GLN G 49 -27.13 3.02 -24.04
N ASP G 50 -27.58 3.99 -24.84
CA ASP G 50 -28.89 3.91 -25.51
C ASP G 50 -30.05 3.80 -24.52
N SER G 51 -30.04 2.73 -23.73
CA SER G 51 -31.18 2.40 -22.88
C SER G 51 -30.84 2.31 -21.39
N LYS G 52 -29.57 2.07 -21.08
CA LYS G 52 -29.17 1.92 -19.67
C LYS G 52 -29.34 3.26 -18.95
N ARG G 53 -29.39 3.20 -17.62
CA ARG G 53 -29.69 4.36 -16.81
C ARG G 53 -28.92 4.40 -15.48
N PRO G 54 -28.47 5.60 -15.10
CA PRO G 54 -27.74 5.77 -13.83
C PRO G 54 -28.61 5.60 -12.59
N SER G 55 -28.00 5.67 -11.42
CA SER G 55 -28.73 5.56 -10.16
C SER G 55 -29.09 6.94 -9.67
N GLY G 56 -30.40 7.23 -9.59
CA GLY G 56 -30.85 8.54 -9.18
C GLY G 56 -31.71 9.17 -10.26
N ILE G 57 -31.98 8.39 -11.30
CA ILE G 57 -32.82 8.84 -12.39
C ILE G 57 -34.15 8.09 -12.27
N PRO G 58 -35.27 8.81 -12.41
CA PRO G 58 -36.54 8.16 -12.08
C PRO G 58 -36.97 7.17 -13.16
N GLU G 59 -37.78 6.18 -12.77
CA GLU G 59 -38.34 5.16 -13.66
C GLU G 59 -38.68 5.65 -15.05
N ARG G 60 -39.44 6.74 -15.11
CA ARG G 60 -39.93 7.30 -16.37
C ARG G 60 -38.85 7.97 -17.22
N PHE G 61 -37.86 7.19 -17.63
CA PHE G 61 -36.83 7.66 -18.54
C PHE G 61 -36.22 6.49 -19.29
N SER G 62 -36.58 6.37 -20.56
CA SER G 62 -36.14 5.26 -21.39
C SER G 62 -35.75 5.77 -22.77
N GLY G 63 -34.65 5.25 -23.29
CA GLY G 63 -34.18 5.65 -24.59
C GLY G 63 -33.89 4.45 -25.46
N SER G 64 -34.18 4.56 -26.76
CA SER G 64 -33.88 3.46 -27.67
C SER G 64 -32.95 3.95 -28.78
N ASN G 65 -32.62 3.04 -29.69
CA ASN G 65 -31.71 3.36 -30.78
C ASN G 65 -31.85 2.34 -31.91
N SER G 66 -32.02 2.83 -33.13
CA SER G 66 -32.20 1.94 -34.27
C SER G 66 -31.97 2.67 -35.58
N GLY G 67 -31.40 1.97 -36.56
CA GLY G 67 -31.13 2.53 -37.86
C GLY G 67 -30.39 3.86 -37.82
N ASN G 68 -31.12 4.94 -38.07
CA ASN G 68 -30.54 6.27 -38.12
C ASN G 68 -31.14 7.22 -37.09
N THR G 69 -31.79 6.65 -36.07
CA THR G 69 -32.45 7.45 -35.04
C THR G 69 -32.39 6.81 -33.66
N ALA G 70 -31.82 7.54 -32.71
CA ALA G 70 -31.94 7.19 -31.29
C ALA G 70 -33.07 8.04 -30.73
N THR G 71 -33.81 7.54 -29.74
CA THR G 71 -34.91 8.35 -29.22
C THR G 71 -35.02 8.34 -27.71
N LEU G 72 -35.86 9.24 -27.19
CA LEU G 72 -36.16 9.29 -25.78
C LEU G 72 -37.67 9.35 -25.57
N THR G 73 -38.15 8.59 -24.60
CA THR G 73 -39.57 8.53 -24.31
C THR G 73 -39.81 8.86 -22.84
N ILE G 74 -40.77 9.74 -22.59
CA ILE G 74 -41.07 10.21 -21.25
C ILE G 74 -42.55 9.98 -20.93
N SER G 75 -42.84 8.80 -20.40
CA SER G 75 -44.19 8.42 -20.00
C SER G 75 -44.60 9.19 -18.75
N GLY G 76 -45.80 9.77 -18.77
CA GLY G 76 -46.29 10.54 -17.65
C GLY G 76 -45.39 11.73 -17.37
N THR G 77 -45.31 12.63 -18.34
CA THR G 77 -44.43 13.80 -18.22
C THR G 77 -44.93 14.72 -17.11
N GLN G 78 -44.01 15.18 -16.28
CA GLN G 78 -44.38 16.06 -15.17
C GLN G 78 -43.67 17.41 -15.26
N ALA G 79 -44.09 18.35 -14.42
CA ALA G 79 -43.55 19.71 -14.46
C ALA G 79 -42.07 19.75 -14.13
N MET G 80 -41.58 18.69 -13.49
CA MET G 80 -40.18 18.56 -13.11
C MET G 80 -39.28 18.43 -14.34
N ASP G 81 -39.89 18.17 -15.49
CA ASP G 81 -39.15 17.92 -16.73
C ASP G 81 -39.29 19.08 -17.71
N GLU G 82 -38.79 20.26 -17.34
CA GLU G 82 -38.84 21.41 -18.21
C GLU G 82 -37.45 21.85 -18.62
N ALA G 83 -36.67 20.91 -19.16
CA ALA G 83 -35.28 21.19 -19.47
C ALA G 83 -34.98 21.07 -20.96
N ASP G 84 -33.70 21.23 -21.29
CA ASP G 84 -33.22 20.95 -22.62
C ASP G 84 -32.68 19.53 -22.60
N TYR G 85 -32.65 18.87 -23.74
CA TYR G 85 -32.20 17.48 -23.77
C TYR G 85 -31.25 17.29 -24.94
N TYR G 86 -30.06 16.78 -24.64
CA TYR G 86 -29.05 16.60 -25.68
C TYR G 86 -28.67 15.14 -25.84
N CYS G 87 -28.33 14.77 -27.07
CA CYS G 87 -27.86 13.42 -27.35
C CYS G 87 -26.35 13.47 -27.57
N GLN G 88 -25.73 12.30 -27.68
CA GLN G 88 -24.29 12.23 -27.88
C GLN G 88 -23.88 10.94 -28.57
N ALA G 89 -22.86 11.02 -29.42
CA ALA G 89 -22.29 9.83 -30.03
C ALA G 89 -20.77 9.94 -30.11
N TRP G 90 -20.20 9.33 -31.14
CA TRP G 90 -18.80 9.51 -31.47
C TRP G 90 -18.71 10.08 -32.89
N ASP G 91 -18.62 9.19 -33.86
CA ASP G 91 -18.71 9.53 -35.28
C ASP G 91 -17.72 10.54 -35.86
N SER G 92 -16.48 10.15 -36.16
CA SER G 92 -15.90 8.88 -35.73
C SER G 92 -14.37 8.97 -35.46
N PHE G 93 -13.49 9.50 -36.33
CA PHE G 93 -13.61 10.35 -37.56
C PHE G 93 -14.17 11.76 -37.33
N SER G 94 -14.50 12.09 -36.09
CA SER G 94 -14.72 13.47 -35.68
C SER G 94 -14.73 13.58 -34.16
N THR G 95 -14.14 12.59 -33.49
CA THR G 95 -14.15 12.50 -32.03
C THR G 95 -15.59 12.69 -31.51
N PHE G 96 -15.75 13.49 -30.47
CA PHE G 96 -17.05 13.66 -29.82
C PHE G 96 -18.01 14.60 -30.53
N VAL G 97 -19.30 14.35 -30.32
CA VAL G 97 -20.35 15.14 -30.94
C VAL G 97 -21.61 15.15 -30.07
N PHE G 98 -22.28 16.30 -30.01
CA PHE G 98 -23.51 16.42 -29.24
C PHE G 98 -24.68 16.73 -30.16
N GLY G 99 -25.89 16.69 -29.61
CA GLY G 99 -27.08 17.08 -30.36
C GLY G 99 -27.14 18.59 -30.52
N THR G 100 -28.24 19.07 -31.07
CA THR G 100 -28.42 20.50 -31.28
C THR G 100 -29.28 21.11 -30.18
N GLY G 101 -29.99 20.24 -29.46
CA GLY G 101 -30.82 20.67 -28.35
C GLY G 101 -32.30 20.55 -28.62
N THR G 102 -33.05 20.05 -27.64
CA THR G 102 -34.49 19.90 -27.77
C THR G 102 -35.18 20.46 -26.53
N LYS G 103 -36.17 21.32 -26.74
CA LYS G 103 -36.83 22.01 -25.64
C LYS G 103 -38.19 21.41 -25.35
N VAL G 104 -38.27 20.60 -24.31
CA VAL G 104 -39.54 20.01 -23.89
C VAL G 104 -40.33 21.08 -23.11
N THR G 105 -41.65 21.03 -23.18
CA THR G 105 -42.52 21.99 -22.52
C THR G 105 -43.82 21.32 -22.09
N VAL G 106 -44.06 21.29 -20.78
CA VAL G 106 -45.30 20.73 -20.24
C VAL G 106 -46.32 21.85 -20.03
N LEU G 107 -47.39 21.82 -20.81
CA LEU G 107 -48.42 22.87 -20.74
C LEU G 107 -49.68 22.34 -20.07
N GLY G 108 -50.71 23.18 -19.98
CA GLY G 108 -51.91 22.81 -19.25
C GLY G 108 -51.77 23.12 -17.77
N GLN G 109 -50.92 24.10 -17.45
CA GLN G 109 -50.72 24.53 -16.08
C GLN G 109 -51.71 25.67 -15.79
N PRO G 110 -51.94 25.98 -14.51
CA PRO G 110 -52.89 27.06 -14.21
C PRO G 110 -52.48 28.42 -14.77
N LYS G 111 -53.48 29.25 -15.07
CA LYS G 111 -53.24 30.63 -15.46
C LYS G 111 -52.83 31.37 -14.19
N ALA G 112 -52.31 32.58 -14.32
CA ALA G 112 -51.86 33.32 -13.15
C ALA G 112 -51.74 34.80 -13.46
N ALA G 113 -52.45 35.61 -12.68
CA ALA G 113 -52.39 37.05 -12.85
C ALA G 113 -51.03 37.56 -12.42
N PRO G 114 -50.46 38.49 -13.20
CA PRO G 114 -49.12 38.96 -12.87
C PRO G 114 -49.11 39.86 -11.64
N SER G 115 -48.09 39.68 -10.80
CA SER G 115 -47.88 40.58 -9.68
C SER G 115 -46.88 41.64 -10.09
N VAL G 116 -47.32 42.89 -10.05
CA VAL G 116 -46.51 44.01 -10.49
C VAL G 116 -46.07 44.82 -9.26
N THR G 117 -44.85 45.31 -9.29
CA THR G 117 -44.32 46.14 -8.21
C THR G 117 -43.45 47.23 -8.82
N LEU G 118 -43.80 48.49 -8.60
CA LEU G 118 -43.08 49.58 -9.24
C LEU G 118 -42.24 50.32 -8.23
N PHE G 119 -40.92 50.28 -8.43
CA PHE G 119 -40.00 51.03 -7.60
C PHE G 119 -39.58 52.34 -8.26
N PRO G 120 -39.64 53.43 -7.48
CA PRO G 120 -39.25 54.79 -7.86
C PRO G 120 -37.74 54.95 -7.78
N PRO G 121 -37.19 56.03 -8.36
CA PRO G 121 -35.74 56.21 -8.28
C PRO G 121 -35.28 56.34 -6.83
N SER G 122 -34.26 55.58 -6.45
CA SER G 122 -33.72 55.68 -5.10
C SER G 122 -33.09 57.06 -4.86
N SER G 123 -32.64 57.29 -3.63
CA SER G 123 -32.09 58.60 -3.30
C SER G 123 -30.71 58.77 -3.90
N GLU G 124 -29.82 57.83 -3.61
CA GLU G 124 -28.44 57.84 -4.12
C GLU G 124 -28.36 58.14 -5.61
N GLU G 125 -29.18 57.41 -6.36
CA GLU G 125 -29.20 57.50 -7.82
C GLU G 125 -29.59 58.91 -8.26
N LEU G 126 -30.58 59.49 -7.58
CA LEU G 126 -30.93 60.89 -7.81
C LEU G 126 -29.73 61.77 -7.52
N GLN G 127 -29.17 61.64 -6.32
CA GLN G 127 -27.96 62.37 -5.92
C GLN G 127 -26.72 61.80 -6.62
N ALA G 128 -26.92 61.30 -7.83
CA ALA G 128 -25.85 60.83 -8.70
C ALA G 128 -26.19 61.08 -10.16
N ASN G 129 -27.05 62.06 -10.41
CA ASN G 129 -27.46 62.43 -11.77
C ASN G 129 -28.08 61.29 -12.55
N LYS G 130 -28.91 60.48 -11.90
CA LYS G 130 -29.54 59.35 -12.57
C LYS G 130 -30.90 59.04 -11.96
N ALA G 131 -31.76 58.44 -12.78
CA ALA G 131 -33.06 57.98 -12.32
C ALA G 131 -33.47 56.79 -13.18
N THR G 132 -34.04 55.78 -12.55
CA THR G 132 -34.47 54.60 -13.27
C THR G 132 -35.67 53.98 -12.57
N LEU G 133 -36.78 53.90 -13.29
CA LEU G 133 -37.97 53.30 -12.74
C LEU G 133 -37.86 51.80 -12.94
N VAL G 134 -38.27 51.04 -11.93
CA VAL G 134 -38.07 49.60 -11.98
C VAL G 134 -39.39 48.87 -11.82
N CYS G 135 -39.89 48.31 -12.92
CA CYS G 135 -41.15 47.56 -12.88
C CYS G 135 -40.87 46.08 -12.80
N LEU G 136 -41.39 45.45 -11.75
CA LEU G 136 -41.08 44.05 -11.50
C LEU G 136 -42.34 43.19 -11.60
N ILE G 137 -42.32 42.26 -12.53
CA ILE G 137 -43.45 41.38 -12.81
C ILE G 137 -43.09 39.96 -12.37
N SER G 138 -43.96 39.31 -11.61
CA SER G 138 -43.67 37.95 -11.17
C SER G 138 -44.93 37.13 -10.90
N ASP G 139 -44.77 35.82 -10.79
CA ASP G 139 -45.86 34.89 -10.51
C ASP G 139 -46.99 34.97 -11.54
N PHE G 140 -46.72 34.50 -12.76
CA PHE G 140 -47.66 34.66 -13.86
C PHE G 140 -47.43 33.63 -14.96
N TYR G 141 -48.51 33.00 -15.40
CA TYR G 141 -48.45 32.00 -16.48
C TYR G 141 -49.63 32.20 -17.41
N PRO G 142 -49.39 32.16 -18.73
CA PRO G 142 -48.08 31.96 -19.36
C PRO G 142 -47.23 33.23 -19.40
N GLY G 143 -46.13 33.18 -20.13
CA GLY G 143 -45.19 34.28 -20.17
C GLY G 143 -45.31 35.08 -21.46
N ALA G 144 -46.50 35.64 -21.66
CA ALA G 144 -46.75 36.48 -22.83
C ALA G 144 -47.23 37.85 -22.39
N VAL G 145 -46.30 38.69 -21.95
CA VAL G 145 -46.63 40.01 -21.40
C VAL G 145 -46.32 41.14 -22.36
N THR G 146 -46.96 42.28 -22.14
CA THR G 146 -46.60 43.50 -22.87
C THR G 146 -46.55 44.66 -21.90
N VAL G 147 -45.40 45.31 -21.82
CA VAL G 147 -45.20 46.40 -20.86
C VAL G 147 -45.27 47.74 -21.56
N ALA G 148 -46.00 48.68 -20.96
CA ALA G 148 -46.10 50.03 -21.51
C ALA G 148 -46.04 51.04 -20.37
N TRP G 149 -45.22 52.08 -20.55
CA TRP G 149 -45.06 53.07 -19.49
C TRP G 149 -45.90 54.31 -19.76
N LYS G 150 -46.16 55.07 -18.71
CA LYS G 150 -46.92 56.31 -18.84
C LYS G 150 -46.32 57.38 -17.94
N ALA G 151 -46.39 58.62 -18.41
CA ALA G 151 -46.08 59.78 -17.60
C ALA G 151 -47.32 60.63 -17.50
N ASP G 152 -47.71 60.99 -16.28
CA ASP G 152 -49.03 61.59 -16.04
C ASP G 152 -50.10 60.66 -16.58
N SER G 153 -50.74 61.07 -17.67
CA SER G 153 -51.68 60.21 -18.39
C SER G 153 -51.09 59.79 -19.74
N SER G 154 -50.08 60.52 -20.18
CA SER G 154 -49.45 60.29 -21.47
C SER G 154 -48.51 59.10 -21.45
N PRO G 155 -48.62 58.21 -22.46
CA PRO G 155 -47.80 57.00 -22.53
C PRO G 155 -46.36 57.25 -22.98
N VAL G 156 -45.39 56.91 -22.13
CA VAL G 156 -43.98 57.07 -22.47
C VAL G 156 -43.62 56.23 -23.70
N LYS G 157 -42.76 56.77 -24.56
CA LYS G 157 -42.39 56.09 -25.80
C LYS G 157 -41.03 55.42 -25.70
N ALA G 158 -39.99 56.21 -25.45
CA ALA G 158 -38.63 55.69 -25.44
C ALA G 158 -37.97 55.80 -24.07
N GLY G 159 -36.70 55.40 -24.00
CA GLY G 159 -35.94 55.39 -22.77
C GLY G 159 -36.38 54.23 -21.89
N VAL G 160 -37.07 53.28 -22.49
CA VAL G 160 -37.58 52.11 -21.79
C VAL G 160 -37.00 50.83 -22.38
N GLU G 161 -36.39 50.01 -21.54
CA GLU G 161 -35.92 48.73 -22.04
C GLU G 161 -36.38 47.60 -21.13
N THR G 162 -36.89 46.53 -21.74
CA THR G 162 -37.55 45.48 -21.01
C THR G 162 -36.94 44.13 -21.37
N THR G 163 -36.77 43.28 -20.36
CA THR G 163 -36.27 41.93 -20.60
C THR G 163 -37.37 41.08 -21.23
N THR G 164 -37.06 39.82 -21.49
CA THR G 164 -38.01 38.91 -22.09
C THR G 164 -38.34 37.84 -21.06
N PRO G 165 -39.64 37.54 -20.89
CA PRO G 165 -40.18 36.63 -19.86
C PRO G 165 -39.26 35.46 -19.60
N SER G 166 -38.99 35.19 -18.33
CA SER G 166 -38.04 34.14 -17.97
C SER G 166 -38.60 33.22 -16.90
N LYS G 167 -38.10 32.00 -16.90
CA LYS G 167 -38.57 30.95 -16.01
C LYS G 167 -38.26 31.31 -14.56
N GLN G 168 -38.83 30.58 -13.61
CA GLN G 168 -38.66 30.95 -12.21
C GLN G 168 -38.25 29.77 -11.33
N SER G 169 -38.86 29.69 -10.16
CA SER G 169 -38.68 28.61 -9.21
C SER G 169 -40.02 27.91 -9.06
N ASN G 170 -41.06 28.71 -8.87
CA ASN G 170 -42.42 28.20 -8.73
C ASN G 170 -42.97 27.73 -10.08
N ASN G 171 -42.08 27.46 -11.03
CA ASN G 171 -42.43 27.13 -12.41
C ASN G 171 -43.46 28.13 -12.95
N LYS G 172 -43.34 29.37 -12.50
CA LYS G 172 -44.16 30.47 -12.99
C LYS G 172 -43.29 31.29 -13.92
N TYR G 173 -43.41 32.61 -13.85
CA TYR G 173 -42.56 33.47 -14.65
C TYR G 173 -42.24 34.77 -13.93
N ALA G 174 -41.34 35.54 -14.54
CA ALA G 174 -40.92 36.81 -14.00
C ALA G 174 -40.23 37.62 -15.08
N ALA G 175 -40.57 38.89 -15.17
CA ALA G 175 -39.97 39.79 -16.13
C ALA G 175 -39.75 41.13 -15.46
N SER G 176 -39.03 42.02 -16.13
CA SER G 176 -38.76 43.32 -15.57
C SER G 176 -38.70 44.40 -16.65
N SER G 177 -38.93 45.64 -16.24
CA SER G 177 -38.90 46.77 -17.14
C SER G 177 -38.13 47.92 -16.51
N TYR G 178 -37.32 48.60 -17.32
CA TYR G 178 -36.51 49.68 -16.78
C TYR G 178 -36.73 50.96 -17.56
N LEU G 179 -37.16 52.00 -16.87
CA LEU G 179 -37.36 53.29 -17.51
C LEU G 179 -36.21 54.24 -17.17
N SER G 180 -35.44 54.61 -18.17
CA SER G 180 -34.28 55.48 -17.98
C SER G 180 -34.73 56.94 -17.99
N LEU G 181 -34.52 57.64 -16.88
CA LEU G 181 -35.00 59.01 -16.74
C LEU G 181 -33.91 60.01 -16.36
N THR G 182 -34.32 61.27 -16.22
CA THR G 182 -33.44 62.34 -15.75
C THR G 182 -34.13 63.01 -14.57
N PRO G 183 -33.42 63.15 -13.44
CA PRO G 183 -33.97 63.58 -12.15
C PRO G 183 -35.00 64.71 -12.23
N GLU G 184 -34.88 65.59 -13.21
CA GLU G 184 -35.88 66.64 -13.43
C GLU G 184 -37.18 66.06 -13.98
N GLN G 185 -37.09 65.15 -14.96
CA GLN G 185 -38.26 64.48 -15.52
C GLN G 185 -39.00 63.71 -14.44
N TRP G 186 -38.29 63.36 -13.37
CA TRP G 186 -38.87 62.65 -12.25
C TRP G 186 -39.50 63.60 -11.23
N LYS G 187 -38.77 64.65 -10.88
CA LYS G 187 -39.23 65.59 -9.87
C LYS G 187 -40.28 66.57 -10.39
N SER G 188 -40.37 66.68 -11.71
CA SER G 188 -41.31 67.61 -12.33
C SER G 188 -42.41 66.89 -13.09
N HIS G 189 -43.14 66.05 -12.39
CA HIS G 189 -44.29 65.33 -12.93
C HIS G 189 -45.19 64.91 -11.79
N ARG G 190 -46.45 64.63 -12.10
CA ARG G 190 -47.40 64.28 -11.05
C ARG G 190 -47.40 62.78 -10.78
N SER G 191 -47.05 62.00 -11.79
CA SER G 191 -47.03 60.55 -11.64
C SER G 191 -46.34 59.84 -12.80
N TYR G 192 -45.79 58.68 -12.50
CA TYR G 192 -45.29 57.77 -13.52
C TYR G 192 -45.97 56.42 -13.31
N SER G 193 -46.18 55.69 -14.39
CA SER G 193 -46.94 54.44 -14.31
C SER G 193 -46.36 53.34 -15.17
N CYS G 194 -46.49 52.12 -14.66
CA CYS G 194 -46.05 50.93 -15.36
C CYS G 194 -47.26 50.04 -15.58
N GLN G 195 -47.58 49.76 -16.84
CA GLN G 195 -48.75 48.96 -17.17
C GLN G 195 -48.37 47.64 -17.82
N VAL G 196 -48.74 46.55 -17.17
CA VAL G 196 -48.44 45.20 -17.66
C VAL G 196 -49.70 44.52 -18.20
N THR G 197 -49.67 44.10 -19.46
CA THR G 197 -50.82 43.44 -20.06
C THR G 197 -50.54 41.95 -20.23
N HIS G 198 -51.46 41.13 -19.74
CA HIS G 198 -51.29 39.66 -19.68
C HIS G 198 -52.56 38.94 -20.15
N GLU G 199 -52.46 38.26 -21.29
CA GLU G 199 -53.63 37.69 -21.96
C GLU G 199 -54.67 38.76 -22.22
N GLY G 200 -55.68 38.81 -21.35
CA GLY G 200 -56.69 39.85 -21.45
C GLY G 200 -56.55 40.84 -20.31
N SER G 201 -56.27 40.31 -19.13
CA SER G 201 -56.05 41.14 -17.95
C SER G 201 -54.89 42.11 -18.11
N THR G 202 -55.11 43.37 -17.75
CA THR G 202 -54.00 44.31 -17.64
C THR G 202 -54.04 45.00 -16.28
N VAL G 203 -52.86 45.19 -15.71
CA VAL G 203 -52.73 45.79 -14.38
C VAL G 203 -51.60 46.81 -14.39
N GLU G 204 -51.87 48.02 -13.94
CA GLU G 204 -50.81 49.02 -13.87
C GLU G 204 -50.52 49.38 -12.41
N LYS G 205 -49.45 50.15 -12.21
CA LYS G 205 -49.00 50.56 -10.89
C LYS G 205 -48.43 51.95 -11.07
N THR G 206 -48.50 52.79 -10.04
CA THR G 206 -48.16 54.19 -10.21
C THR G 206 -47.40 54.76 -9.01
N VAL G 207 -46.42 55.62 -9.30
CA VAL G 207 -45.62 56.27 -8.25
C VAL G 207 -45.51 57.76 -8.50
N ALA G 208 -45.24 58.53 -7.45
CA ALA G 208 -45.12 59.97 -7.56
C ALA G 208 -44.11 60.52 -6.58
N PRO G 209 -43.24 61.44 -7.05
CA PRO G 209 -42.29 62.10 -6.16
C PRO G 209 -42.92 62.70 -4.89
N THR G 210 -42.60 62.13 -3.74
CA THR G 210 -43.02 62.67 -2.45
C THR G 210 -41.85 62.68 -1.46
N TYR H 2 17.29 -75.04 5.33
CA TYR H 2 17.63 -76.13 4.41
C TYR H 2 17.69 -75.68 2.95
N GLU H 3 18.85 -75.98 2.34
CA GLU H 3 19.24 -75.68 0.95
C GLU H 3 20.74 -75.89 0.84
N LEU H 4 21.23 -75.96 -0.38
CA LEU H 4 22.64 -76.21 -0.61
C LEU H 4 23.42 -74.89 -0.52
N THR H 5 24.46 -74.88 0.31
CA THR H 5 25.21 -73.66 0.62
C THR H 5 26.45 -73.46 -0.25
N GLN H 6 26.55 -72.27 -0.86
CA GLN H 6 27.73 -71.85 -1.58
C GLN H 6 28.03 -70.38 -1.27
N PRO H 7 29.31 -69.96 -1.41
CA PRO H 7 29.64 -68.59 -1.05
C PRO H 7 29.01 -67.57 -2.01
N PRO H 8 28.82 -66.33 -1.56
CA PRO H 8 28.22 -65.29 -2.38
C PRO H 8 29.25 -64.45 -3.15
N SER H 9 30.53 -64.63 -2.84
CA SER H 9 31.58 -63.86 -3.51
C SER H 9 32.82 -64.69 -3.81
N VAL H 10 33.36 -64.51 -5.03
CA VAL H 10 34.62 -65.14 -5.44
C VAL H 10 35.44 -64.15 -6.28
N SER H 11 36.75 -64.12 -6.05
CA SER H 11 37.61 -63.13 -6.68
C SER H 11 38.71 -63.78 -7.50
N VAL H 12 38.94 -63.26 -8.71
CA VAL H 12 39.90 -63.89 -9.61
C VAL H 12 40.48 -62.88 -10.64
N SER H 13 41.73 -63.11 -11.02
CA SER H 13 42.43 -62.33 -12.04
C SER H 13 42.47 -63.16 -13.32
N PRO H 14 42.59 -62.52 -14.49
CA PRO H 14 42.61 -63.31 -15.73
C PRO H 14 43.81 -64.27 -15.80
N GLY H 15 43.54 -65.51 -16.20
CA GLY H 15 44.57 -66.53 -16.26
C GLY H 15 44.72 -67.30 -14.96
N GLN H 16 44.07 -66.81 -13.91
CA GLN H 16 44.08 -67.51 -12.61
C GLN H 16 43.00 -68.58 -12.56
N THR H 17 43.00 -69.37 -11.50
CA THR H 17 42.06 -70.47 -11.36
C THR H 17 41.06 -70.20 -10.23
N ALA H 18 39.77 -70.28 -10.55
CA ALA H 18 38.72 -70.00 -9.57
C ALA H 18 37.98 -71.27 -9.18
N SER H 19 37.80 -71.49 -7.89
CA SER H 19 37.13 -72.70 -7.40
C SER H 19 35.94 -72.36 -6.49
N ILE H 20 34.77 -72.85 -6.86
CA ILE H 20 33.55 -72.58 -6.09
C ILE H 20 32.95 -73.85 -5.50
N THR H 21 32.51 -73.77 -4.25
CA THR H 21 32.05 -74.94 -3.50
C THR H 21 30.57 -74.90 -3.07
N CYS H 22 29.83 -75.92 -3.50
CA CYS H 22 28.47 -76.16 -3.03
C CYS H 22 28.52 -77.24 -1.96
N SER H 23 27.76 -77.08 -0.89
CA SER H 23 27.88 -78.00 0.24
C SER H 23 26.57 -78.25 0.97
N GLY H 24 26.19 -79.52 1.04
CA GLY H 24 25.07 -79.97 1.85
C GLY H 24 25.44 -81.24 2.61
N ASP H 25 24.46 -81.84 3.29
CA ASP H 25 24.70 -83.08 4.02
C ASP H 25 23.63 -84.12 3.71
N LYS H 26 24.01 -85.13 2.93
CA LYS H 26 25.34 -85.17 2.36
C LYS H 26 25.37 -84.65 0.92
N LEU H 27 26.33 -85.16 0.15
CA LEU H 27 26.53 -84.92 -1.28
C LEU H 27 27.59 -85.89 -1.78
N GLY H 28 28.12 -85.65 -2.97
CA GLY H 28 29.10 -86.55 -3.56
C GLY H 28 28.48 -87.88 -3.90
N ASP H 29 27.96 -88.53 -2.86
CA ASP H 29 27.13 -89.72 -3.00
C ASP H 29 25.79 -89.35 -3.65
N LYS H 30 25.59 -88.05 -3.84
CA LYS H 30 24.43 -87.48 -4.55
C LYS H 30 24.96 -86.65 -5.73
N TYR H 31 24.17 -86.55 -6.80
CA TYR H 31 24.63 -85.84 -8.00
C TYR H 31 24.38 -84.34 -8.04
N ALA H 32 25.44 -83.59 -8.27
CA ALA H 32 25.40 -82.13 -8.31
C ALA H 32 25.66 -81.57 -9.71
N CYS H 33 24.71 -80.83 -10.26
CA CYS H 33 24.91 -80.18 -11.56
C CYS H 33 25.07 -78.68 -11.35
N TRP H 34 25.47 -77.96 -12.39
CA TRP H 34 25.79 -76.54 -12.25
C TRP H 34 25.29 -75.67 -13.41
N TYR H 35 24.71 -74.53 -13.05
CA TYR H 35 24.15 -73.56 -13.99
C TYR H 35 24.83 -72.19 -13.86
N GLN H 36 25.00 -71.52 -14.99
CA GLN H 36 25.59 -70.18 -15.05
C GLN H 36 24.54 -69.17 -15.51
N GLN H 37 24.48 -68.00 -14.87
CA GLN H 37 23.47 -67.01 -15.24
C GLN H 37 24.04 -65.60 -15.44
N LYS H 38 23.95 -65.17 -16.70
CA LYS H 38 24.32 -63.82 -17.11
C LYS H 38 23.13 -62.89 -16.91
N PRO H 39 23.38 -61.57 -16.75
CA PRO H 39 22.22 -60.73 -16.43
C PRO H 39 21.23 -60.61 -17.59
N GLY H 40 19.93 -60.70 -17.29
CA GLY H 40 18.89 -60.59 -18.29
C GLY H 40 18.56 -61.89 -18.99
N GLN H 41 19.47 -62.86 -18.94
CA GLN H 41 19.21 -64.15 -19.57
C GLN H 41 18.98 -65.25 -18.54
N SER H 42 18.37 -66.34 -19.00
CA SER H 42 18.07 -67.50 -18.16
C SER H 42 19.34 -68.32 -17.97
N PRO H 43 19.38 -69.13 -16.90
CA PRO H 43 20.61 -69.92 -16.67
C PRO H 43 20.94 -70.83 -17.84
N VAL H 44 22.15 -71.36 -17.84
CA VAL H 44 22.60 -72.25 -18.91
C VAL H 44 23.41 -73.38 -18.30
N LEU H 45 23.14 -74.60 -18.73
CA LEU H 45 23.80 -75.78 -18.18
C LEU H 45 25.29 -75.69 -18.44
N VAL H 46 26.08 -75.69 -17.36
CA VAL H 46 27.53 -75.68 -17.50
C VAL H 46 28.11 -77.00 -17.02
N ILE H 47 27.44 -77.64 -16.07
CA ILE H 47 27.88 -78.94 -15.59
C ILE H 47 26.69 -79.86 -15.36
N TYR H 48 26.79 -81.11 -15.80
CA TYR H 48 25.80 -82.12 -15.45
C TYR H 48 26.52 -83.39 -15.02
N GLN H 49 25.91 -84.13 -14.09
CA GLN H 49 26.51 -85.33 -13.53
C GLN H 49 27.91 -85.05 -13.00
N ASP H 50 28.02 -84.15 -12.02
CA ASP H 50 29.28 -83.83 -11.34
C ASP H 50 30.38 -83.22 -12.22
N SER H 51 30.78 -83.94 -13.26
CA SER H 51 31.98 -83.55 -14.01
C SER H 51 31.77 -83.26 -15.50
N LYS H 52 30.70 -83.81 -16.07
CA LYS H 52 30.45 -83.63 -17.51
C LYS H 52 30.11 -82.20 -17.92
N ARG H 53 30.15 -81.97 -19.23
CA ARG H 53 29.93 -80.66 -19.81
C ARG H 53 29.03 -80.81 -21.03
N PRO H 54 28.09 -79.87 -21.22
CA PRO H 54 27.22 -79.95 -22.38
C PRO H 54 27.98 -79.65 -23.67
N SER H 55 27.31 -79.73 -24.81
CA SER H 55 27.94 -79.45 -26.09
C SER H 55 27.76 -77.99 -26.47
N GLY H 56 28.89 -77.28 -26.56
CA GLY H 56 28.88 -75.87 -26.87
C GLY H 56 29.53 -75.07 -25.76
N ILE H 57 30.03 -75.80 -24.76
CA ILE H 57 30.74 -75.20 -23.64
C ILE H 57 32.21 -75.57 -23.75
N PRO H 58 33.10 -74.57 -23.60
CA PRO H 58 34.52 -74.77 -23.89
C PRO H 58 35.28 -75.59 -22.85
N GLU H 59 36.41 -76.13 -23.29
CA GLU H 59 37.36 -76.90 -22.47
C GLU H 59 37.43 -76.50 -20.98
N ARG H 60 37.61 -75.22 -20.73
CA ARG H 60 37.81 -74.68 -19.39
C ARG H 60 36.56 -74.69 -18.49
N PHE H 61 36.01 -75.87 -18.22
CA PHE H 61 34.90 -76.01 -17.29
C PHE H 61 34.84 -77.41 -16.70
N SER H 62 35.25 -77.53 -15.44
CA SER H 62 35.30 -78.83 -14.79
C SER H 62 34.77 -78.76 -13.37
N GLY H 63 34.03 -79.79 -12.99
CA GLY H 63 33.49 -79.86 -11.64
C GLY H 63 33.80 -81.20 -11.01
N SER H 64 34.09 -81.18 -9.73
CA SER H 64 34.36 -82.41 -8.99
C SER H 64 33.34 -82.52 -7.87
N ASN H 65 33.41 -83.60 -7.10
CA ASN H 65 32.44 -83.80 -6.03
C ASN H 65 32.95 -84.83 -5.02
N SER H 66 32.85 -84.52 -3.72
CA SER H 66 33.34 -85.45 -2.70
C SER H 66 32.76 -85.16 -1.33
N GLY H 67 32.52 -86.21 -0.55
CA GLY H 67 31.98 -86.10 0.79
C GLY H 67 30.74 -85.23 0.92
N ASN H 68 30.91 -84.02 1.44
CA ASN H 68 29.78 -83.12 1.66
C ASN H 68 29.97 -81.82 0.90
N THR H 69 30.85 -81.84 -0.10
CA THR H 69 31.12 -80.67 -0.92
C THR H 69 31.41 -81.04 -2.37
N ALA H 70 30.61 -80.49 -3.27
CA ALA H 70 30.89 -80.53 -4.70
C ALA H 70 31.54 -79.22 -5.09
N THR H 71 32.39 -79.22 -6.12
CA THR H 71 33.02 -77.98 -6.52
C THR H 71 33.02 -77.84 -8.04
N LEU H 72 33.29 -76.63 -8.52
CA LEU H 72 33.54 -76.41 -9.94
C LEU H 72 34.74 -75.48 -10.06
N THR H 73 35.60 -75.77 -11.03
CA THR H 73 36.83 -75.00 -11.22
C THR H 73 36.86 -74.42 -12.63
N ILE H 74 37.34 -73.17 -12.72
CA ILE H 74 37.38 -72.48 -14.00
C ILE H 74 38.83 -72.13 -14.29
N SER H 75 39.53 -73.07 -14.92
CA SER H 75 40.93 -72.90 -15.28
C SER H 75 41.07 -71.86 -16.40
N GLY H 76 42.00 -70.92 -16.22
CA GLY H 76 42.19 -69.86 -17.20
C GLY H 76 40.97 -68.99 -17.37
N THR H 77 40.60 -68.27 -16.31
CA THR H 77 39.41 -67.42 -16.32
C THR H 77 39.53 -66.28 -17.33
N GLN H 78 38.46 -66.07 -18.10
CA GLN H 78 38.43 -64.99 -19.09
C GLN H 78 37.28 -64.03 -18.79
N ALA H 79 37.26 -62.91 -19.51
CA ALA H 79 36.27 -61.86 -19.25
C ALA H 79 34.84 -62.31 -19.49
N MET H 80 34.65 -63.36 -20.28
CA MET H 80 33.31 -63.87 -20.58
C MET H 80 32.63 -64.48 -19.36
N ASP H 81 33.38 -64.72 -18.28
CA ASP H 81 32.84 -65.41 -17.11
C ASP H 81 32.66 -64.55 -15.86
N GLU H 82 31.80 -63.55 -15.93
CA GLU H 82 31.50 -62.73 -14.75
C GLU H 82 30.02 -62.86 -14.41
N ALA H 83 29.56 -64.09 -14.21
CA ALA H 83 28.14 -64.34 -14.03
C ALA H 83 27.84 -64.90 -12.65
N ASP H 84 26.58 -65.27 -12.41
CA ASP H 84 26.25 -65.97 -11.18
C ASP H 84 26.31 -67.47 -11.39
N TYR H 85 26.53 -68.22 -10.32
CA TYR H 85 26.67 -69.67 -10.46
C TYR H 85 25.89 -70.42 -9.41
N TYR H 86 25.02 -71.33 -9.87
CA TYR H 86 24.20 -72.11 -8.96
C TYR H 86 24.49 -73.59 -9.11
N CYS H 87 24.36 -74.33 -8.01
CA CYS H 87 24.51 -75.77 -8.05
C CYS H 87 23.11 -76.35 -7.92
N GLN H 88 22.99 -77.66 -8.10
CA GLN H 88 21.69 -78.30 -7.94
C GLN H 88 21.80 -79.78 -7.60
N ALA H 89 20.86 -80.24 -6.78
CA ALA H 89 20.66 -81.65 -6.49
C ALA H 89 19.15 -81.77 -6.40
N TRP H 90 18.63 -82.65 -5.56
CA TRP H 90 17.22 -82.54 -5.25
C TRP H 90 17.14 -82.28 -3.76
N ASP H 91 17.09 -83.36 -2.97
CA ASP H 91 17.23 -83.38 -1.50
C ASP H 91 16.31 -82.40 -0.72
N SER H 92 16.01 -82.65 0.56
CA SER H 92 16.39 -83.89 1.27
C SER H 92 15.34 -85.01 1.27
N PHE H 93 14.45 -85.04 0.25
CA PHE H 93 13.45 -86.12 -0.10
C PHE H 93 12.04 -85.60 -0.34
N SER H 94 11.74 -85.30 -1.61
CA SER H 94 12.71 -85.47 -2.69
C SER H 94 12.48 -84.37 -3.71
N THR H 95 12.26 -83.15 -3.23
CA THR H 95 12.00 -82.01 -4.07
C THR H 95 13.32 -81.35 -4.45
N PHE H 96 13.32 -80.65 -5.57
CA PHE H 96 14.56 -80.11 -6.12
C PHE H 96 14.98 -78.86 -5.38
N VAL H 97 16.29 -78.59 -5.40
CA VAL H 97 16.83 -77.46 -4.66
C VAL H 97 18.05 -76.93 -5.41
N PHE H 98 18.23 -75.62 -5.34
CA PHE H 98 19.33 -74.95 -6.00
C PHE H 98 20.29 -74.40 -4.96
N GLY H 99 21.42 -73.88 -5.43
CA GLY H 99 22.37 -73.23 -4.54
C GLY H 99 21.87 -71.88 -4.05
N THR H 100 22.74 -71.16 -3.35
CA THR H 100 22.37 -69.87 -2.79
C THR H 100 22.83 -68.73 -3.70
N GLY H 101 23.73 -69.04 -4.62
CA GLY H 101 24.22 -68.06 -5.57
C GLY H 101 25.66 -67.68 -5.28
N THR H 102 26.48 -67.59 -6.32
CA THR H 102 27.87 -67.21 -6.15
C THR H 102 28.24 -66.12 -7.15
N LYS H 103 28.83 -65.03 -6.67
CA LYS H 103 29.16 -63.91 -7.54
C LYS H 103 30.65 -63.93 -7.84
N VAL H 104 31.00 -64.41 -9.04
CA VAL H 104 32.38 -64.42 -9.47
C VAL H 104 32.76 -63.03 -9.97
N THR H 105 34.04 -62.68 -9.86
CA THR H 105 34.50 -61.37 -10.31
C THR H 105 35.91 -61.45 -10.88
N VAL H 106 36.03 -61.14 -12.17
CA VAL H 106 37.33 -61.06 -12.83
C VAL H 106 37.82 -59.62 -12.84
N LEU H 107 38.84 -59.33 -12.04
CA LEU H 107 39.37 -57.96 -11.97
C LEU H 107 40.77 -57.87 -12.59
N GLY H 108 41.34 -56.67 -12.55
CA GLY H 108 42.60 -56.43 -13.24
C GLY H 108 42.23 -56.11 -14.67
N GLN H 109 41.03 -55.58 -14.84
CA GLN H 109 40.50 -55.24 -16.15
C GLN H 109 40.86 -53.78 -16.45
N PRO H 110 40.80 -53.38 -17.73
CA PRO H 110 41.13 -51.98 -18.03
C PRO H 110 40.18 -50.98 -17.36
N LYS H 111 40.69 -49.80 -16.99
CA LYS H 111 39.83 -48.73 -16.49
C LYS H 111 39.14 -48.06 -17.68
N ALA H 112 38.14 -47.23 -17.39
CA ALA H 112 37.41 -46.54 -18.45
C ALA H 112 36.64 -45.35 -17.92
N ALA H 113 36.94 -44.17 -18.46
CA ALA H 113 36.24 -42.95 -18.07
C ALA H 113 34.82 -43.00 -18.62
N PRO H 114 33.85 -42.57 -17.80
CA PRO H 114 32.45 -42.69 -18.25
C PRO H 114 32.10 -41.71 -19.37
N SER H 115 31.31 -42.19 -20.32
CA SER H 115 30.75 -41.34 -21.35
C SER H 115 29.36 -40.93 -20.92
N VAL H 116 29.16 -39.63 -20.76
CA VAL H 116 27.91 -39.07 -20.27
C VAL H 116 27.16 -38.35 -21.39
N THR H 117 25.84 -38.45 -21.38
CA THR H 117 25.01 -37.77 -22.37
C THR H 117 23.75 -37.23 -21.70
N LEU H 118 23.57 -35.92 -21.74
CA LEU H 118 22.44 -35.29 -21.04
C LEU H 118 21.38 -34.79 -22.00
N PHE H 119 20.20 -35.37 -21.90
CA PHE H 119 19.05 -34.93 -22.68
C PHE H 119 18.15 -34.02 -21.87
N PRO H 120 17.80 -32.86 -22.47
CA PRO H 120 16.86 -31.91 -21.87
C PRO H 120 15.44 -32.37 -22.12
N PRO H 121 14.45 -31.81 -21.40
CA PRO H 121 13.08 -32.24 -21.66
C PRO H 121 12.63 -31.86 -23.07
N SER H 122 12.09 -32.83 -23.81
CA SER H 122 11.53 -32.54 -25.13
C SER H 122 10.29 -31.65 -25.01
N SER H 123 9.66 -31.36 -26.15
CA SER H 123 8.51 -30.46 -26.15
C SER H 123 7.25 -31.06 -25.53
N GLU H 124 6.84 -32.25 -25.97
CA GLU H 124 5.61 -32.88 -25.48
C GLU H 124 5.40 -32.89 -23.95
N GLU H 125 6.41 -33.31 -23.19
CA GLU H 125 6.26 -33.37 -21.73
C GLU H 125 6.03 -31.97 -21.17
N LEU H 126 6.74 -30.99 -21.75
CA LEU H 126 6.51 -29.59 -21.42
C LEU H 126 5.04 -29.25 -21.69
N GLN H 127 4.60 -29.51 -22.92
CA GLN H 127 3.20 -29.33 -23.31
C GLN H 127 2.33 -30.44 -22.72
N ALA H 128 2.74 -30.92 -21.54
CA ALA H 128 1.98 -31.85 -20.72
C ALA H 128 2.28 -31.57 -19.25
N ASN H 129 2.74 -30.35 -19.00
CA ASN H 129 3.07 -29.85 -17.66
C ASN H 129 4.07 -30.72 -16.91
N LYS H 130 5.12 -31.16 -17.61
CA LYS H 130 6.13 -32.00 -16.98
C LYS H 130 7.51 -31.80 -17.63
N ALA H 131 8.57 -32.07 -16.87
CA ALA H 131 9.92 -31.98 -17.38
C ALA H 131 10.82 -32.97 -16.64
N THR H 132 11.74 -33.61 -17.36
CA THR H 132 12.63 -34.60 -16.76
C THR H 132 13.98 -34.62 -17.46
N LEU H 133 15.04 -34.37 -16.70
CA LEU H 133 16.40 -34.38 -17.25
C LEU H 133 16.97 -35.80 -17.27
N VAL H 134 17.68 -36.15 -18.35
CA VAL H 134 18.13 -37.53 -18.55
C VAL H 134 19.65 -37.65 -18.73
N CYS H 135 20.33 -38.16 -17.71
CA CYS H 135 21.78 -38.35 -17.76
C CYS H 135 22.15 -39.80 -18.06
N LEU H 136 22.88 -40.04 -19.15
CA LEU H 136 23.17 -41.40 -19.60
C LEU H 136 24.66 -41.76 -19.57
N ILE H 137 25.01 -42.80 -18.82
CA ILE H 137 26.40 -43.21 -18.67
C ILE H 137 26.67 -44.55 -19.38
N SER H 138 27.72 -44.58 -20.20
CA SER H 138 28.09 -45.79 -20.96
C SER H 138 29.59 -45.79 -21.18
N ASP H 139 30.13 -46.93 -21.61
CA ASP H 139 31.58 -47.07 -21.81
C ASP H 139 32.28 -46.72 -20.50
N PHE H 140 32.10 -47.56 -19.48
CA PHE H 140 32.64 -47.20 -18.17
C PHE H 140 32.82 -48.40 -17.24
N TYR H 141 34.06 -48.53 -16.79
CA TYR H 141 34.51 -49.57 -15.87
C TYR H 141 35.58 -49.03 -14.93
N PRO H 142 35.51 -49.39 -13.62
CA PRO H 142 34.47 -50.19 -12.98
C PRO H 142 33.23 -49.36 -12.66
N GLY H 143 32.29 -49.92 -11.89
CA GLY H 143 31.02 -49.27 -11.66
C GLY H 143 30.82 -48.62 -10.30
N ALA H 144 31.64 -47.62 -9.99
CA ALA H 144 31.54 -46.89 -8.73
C ALA H 144 31.35 -45.39 -8.99
N VAL H 145 30.14 -45.00 -9.35
CA VAL H 145 29.86 -43.60 -9.69
C VAL H 145 29.10 -42.87 -8.59
N THR H 146 29.21 -41.55 -8.61
CA THR H 146 28.35 -40.71 -7.76
C THR H 146 27.87 -39.54 -8.60
N VAL H 147 26.56 -39.42 -8.77
CA VAL H 147 25.99 -38.41 -9.65
C VAL H 147 25.42 -37.23 -8.87
N ALA H 148 25.68 -36.02 -9.32
CA ALA H 148 25.18 -34.82 -8.68
C ALA H 148 24.69 -33.81 -9.71
N TRP H 149 23.51 -33.24 -9.47
CA TRP H 149 22.93 -32.28 -10.41
C TRP H 149 23.18 -30.84 -9.95
N LYS H 150 23.11 -29.89 -10.88
CA LYS H 150 23.27 -28.48 -10.55
C LYS H 150 22.36 -27.57 -11.37
N ALA H 151 21.95 -26.46 -10.76
CA ALA H 151 21.26 -25.40 -11.49
C ALA H 151 22.12 -24.14 -11.41
N ASP H 152 22.40 -23.55 -12.57
CA ASP H 152 23.42 -22.49 -12.66
C ASP H 152 24.72 -23.02 -12.04
N SER H 153 25.08 -22.50 -10.88
CA SER H 153 26.24 -23.02 -10.15
C SER H 153 25.81 -23.80 -8.90
N SER H 154 24.58 -23.59 -8.45
CA SER H 154 24.08 -24.26 -7.24
C SER H 154 23.66 -25.71 -7.51
N PRO H 155 24.12 -26.63 -6.66
CA PRO H 155 23.83 -28.06 -6.81
C PRO H 155 22.41 -28.47 -6.42
N VAL H 156 21.67 -29.06 -7.37
CA VAL H 156 20.31 -29.53 -7.11
C VAL H 156 20.34 -30.60 -6.00
N LYS H 157 19.35 -30.58 -5.12
CA LYS H 157 19.30 -31.48 -3.97
C LYS H 157 18.34 -32.66 -4.16
N ALA H 158 17.06 -32.35 -4.34
CA ALA H 158 16.04 -33.38 -4.43
C ALA H 158 15.39 -33.42 -5.81
N GLY H 159 14.38 -34.27 -5.97
CA GLY H 159 13.76 -34.46 -7.26
C GLY H 159 14.71 -35.28 -8.11
N VAL H 160 15.59 -36.00 -7.43
CA VAL H 160 16.62 -36.78 -8.10
C VAL H 160 16.47 -38.29 -7.84
N GLU H 161 16.36 -39.05 -8.92
CA GLU H 161 16.35 -40.51 -8.78
C GLU H 161 17.31 -41.14 -9.76
N THR H 162 18.13 -42.06 -9.26
CA THR H 162 19.20 -42.63 -10.06
C THR H 162 19.19 -44.15 -9.99
N THR H 163 19.43 -44.81 -11.11
CA THR H 163 19.52 -46.27 -11.11
C THR H 163 20.84 -46.69 -10.47
N THR H 164 21.07 -47.99 -10.40
CA THR H 164 22.30 -48.53 -9.85
C THR H 164 23.05 -49.24 -10.96
N PRO H 165 24.35 -48.93 -11.14
CA PRO H 165 25.20 -49.46 -12.21
C PRO H 165 24.93 -50.92 -12.53
N SER H 166 24.75 -51.22 -13.81
CA SER H 166 24.46 -52.58 -14.24
C SER H 166 25.33 -52.94 -15.43
N LYS H 167 25.62 -54.22 -15.59
CA LYS H 167 26.52 -54.67 -16.66
C LYS H 167 25.93 -54.43 -18.05
N GLN H 168 26.75 -54.66 -19.07
CA GLN H 168 26.38 -54.39 -20.46
C GLN H 168 26.62 -55.62 -21.33
N SER H 169 27.22 -55.37 -22.50
CA SER H 169 27.62 -56.43 -23.42
C SER H 169 29.14 -56.41 -23.52
N ASN H 170 29.68 -55.20 -23.70
CA ASN H 170 31.13 -55.00 -23.82
C ASN H 170 31.88 -55.20 -22.50
N ASN H 171 31.29 -55.97 -21.60
CA ASN H 171 31.82 -56.24 -20.26
C ASN H 171 32.20 -54.99 -19.48
N LYS H 172 31.50 -53.89 -19.72
CA LYS H 172 31.66 -52.68 -18.92
C LYS H 172 30.46 -52.50 -18.02
N TYR H 173 29.98 -51.26 -17.89
CA TYR H 173 28.81 -50.97 -17.07
C TYR H 173 28.01 -49.84 -17.70
N ALA H 174 26.84 -49.55 -17.13
CA ALA H 174 25.98 -48.49 -17.63
C ALA H 174 24.95 -48.10 -16.60
N ALA H 175 24.77 -46.79 -16.42
CA ALA H 175 23.79 -46.28 -15.48
C ALA H 175 23.12 -45.03 -16.06
N SER H 176 22.09 -44.56 -15.38
CA SER H 176 21.36 -43.38 -15.81
C SER H 176 20.85 -42.59 -14.59
N SER H 177 20.55 -41.33 -14.81
CA SER H 177 20.05 -40.46 -13.75
C SER H 177 18.87 -39.66 -14.28
N TYR H 178 17.86 -39.50 -13.44
CA TYR H 178 16.65 -38.79 -13.84
C TYR H 178 16.33 -37.66 -12.86
N LEU H 179 16.27 -36.46 -13.40
CA LEU H 179 15.93 -35.29 -12.59
C LEU H 179 14.48 -34.90 -12.83
N SER H 180 13.66 -35.03 -11.79
CA SER H 180 12.24 -34.75 -11.89
C SER H 180 12.00 -33.26 -11.69
N LEU H 181 11.47 -32.58 -12.71
CA LEU H 181 11.31 -31.14 -12.63
C LEU H 181 9.89 -30.67 -12.93
N THR H 182 9.70 -29.35 -12.87
CA THR H 182 8.45 -28.71 -13.23
C THR H 182 8.79 -27.62 -14.23
N PRO H 183 8.08 -27.60 -15.38
CA PRO H 183 8.40 -26.77 -16.57
C PRO H 183 8.86 -25.34 -16.23
N GLU H 184 8.36 -24.81 -15.12
CA GLU H 184 8.76 -23.49 -14.67
C GLU H 184 10.22 -23.52 -14.21
N GLN H 185 10.59 -24.54 -13.44
CA GLN H 185 11.97 -24.70 -12.98
C GLN H 185 12.94 -24.87 -14.15
N TRP H 186 12.44 -25.34 -15.29
CA TRP H 186 13.30 -25.54 -16.45
C TRP H 186 13.44 -24.27 -17.27
N LYS H 187 12.32 -23.59 -17.51
CA LYS H 187 12.35 -22.38 -18.32
C LYS H 187 12.92 -21.19 -17.55
N SER H 188 13.04 -21.35 -16.23
CA SER H 188 13.54 -20.26 -15.38
C SER H 188 14.92 -20.56 -14.81
N HIS H 189 15.87 -20.83 -15.71
CA HIS H 189 17.26 -21.02 -15.35
C HIS H 189 18.16 -20.85 -16.57
N ARG H 190 19.45 -20.61 -16.31
CA ARG H 190 20.38 -20.38 -17.40
C ARG H 190 20.94 -21.72 -17.86
N SER H 191 20.98 -22.67 -16.93
CA SER H 191 21.53 -23.99 -17.22
C SER H 191 21.23 -25.02 -16.15
N TYR H 192 21.14 -26.28 -16.57
CA TYR H 192 21.07 -27.41 -15.66
C TYR H 192 22.19 -28.37 -16.04
N SER H 193 22.74 -29.07 -15.05
CA SER H 193 23.89 -29.93 -15.34
C SER H 193 23.91 -31.24 -14.55
N CYS H 194 24.44 -32.28 -15.18
CA CYS H 194 24.59 -33.59 -14.54
C CYS H 194 26.07 -33.94 -14.49
N GLN H 195 26.61 -34.14 -13.29
CA GLN H 195 28.02 -34.48 -13.15
C GLN H 195 28.22 -35.86 -12.54
N VAL H 196 28.95 -36.70 -13.26
CA VAL H 196 29.25 -38.06 -12.83
C VAL H 196 30.66 -38.14 -12.26
N THR H 197 30.80 -38.61 -11.03
CA THR H 197 32.11 -38.68 -10.40
C THR H 197 32.53 -40.15 -10.40
N HIS H 198 33.74 -40.39 -10.91
CA HIS H 198 34.24 -41.74 -11.17
C HIS H 198 35.69 -41.83 -10.67
N GLU H 199 35.90 -42.63 -9.62
CA GLU H 199 37.14 -42.67 -8.82
C GLU H 199 37.51 -41.24 -8.41
N GLY H 200 38.43 -40.61 -9.16
CA GLY H 200 38.79 -39.23 -8.93
C GLY H 200 38.22 -38.38 -10.06
N SER H 201 38.28 -38.93 -11.26
CA SER H 201 37.73 -38.27 -12.45
C SER H 201 36.24 -37.98 -12.31
N THR H 202 35.85 -36.74 -12.63
CA THR H 202 34.45 -36.37 -12.72
C THR H 202 34.21 -35.73 -14.08
N VAL H 203 33.02 -35.93 -14.63
CA VAL H 203 32.70 -35.46 -15.97
C VAL H 203 31.36 -34.72 -15.89
N GLU H 204 31.30 -33.53 -16.50
CA GLU H 204 30.06 -32.77 -16.48
C GLU H 204 29.40 -32.71 -17.84
N LYS H 205 28.14 -32.28 -17.84
CA LYS H 205 27.35 -32.04 -19.04
C LYS H 205 26.31 -30.99 -18.69
N THR H 206 25.96 -30.15 -19.66
CA THR H 206 25.10 -29.01 -19.38
C THR H 206 24.16 -28.75 -20.54
N VAL H 207 22.92 -28.36 -20.22
CA VAL H 207 21.92 -28.05 -21.22
C VAL H 207 21.28 -26.72 -20.86
N ALA H 208 20.68 -26.06 -21.84
CA ALA H 208 20.09 -24.75 -21.61
C ALA H 208 18.84 -24.57 -22.46
N PRO H 209 17.80 -23.97 -21.86
CA PRO H 209 16.53 -23.62 -22.50
C PRO H 209 16.70 -22.94 -23.86
N THR H 210 16.20 -23.60 -24.91
CA THR H 210 16.22 -23.04 -26.26
C THR H 210 14.84 -23.14 -26.89
#